data_4R6M
# 
_entry.id   4R6M 
# 
_audit_conform.dict_name       mmcif_pdbx.dic 
_audit_conform.dict_version    5.388 
_audit_conform.dict_location   http://mmcif.pdb.org/dictionaries/ascii/mmcif_pdbx.dic 
# 
loop_
_database_2.database_id 
_database_2.database_code 
_database_2.pdbx_database_accession 
_database_2.pdbx_DOI 
PDB   4R6M         pdb_00004r6m 10.2210/pdb4r6m/pdb 
NDB   NA3158       ?            ?                   
RCSB  RCSB086964   ?            ?                   
WWPDB D_1000086964 ?            ?                   
# 
loop_
_pdbx_audit_revision_history.ordinal 
_pdbx_audit_revision_history.data_content_type 
_pdbx_audit_revision_history.major_revision 
_pdbx_audit_revision_history.minor_revision 
_pdbx_audit_revision_history.revision_date 
1 'Structure model' 1 0 2015-09-02 
2 'Structure model' 1 1 2024-03-20 
# 
_pdbx_audit_revision_details.ordinal             1 
_pdbx_audit_revision_details.revision_ordinal    1 
_pdbx_audit_revision_details.data_content_type   'Structure model' 
_pdbx_audit_revision_details.provider            repository 
_pdbx_audit_revision_details.type                'Initial release' 
_pdbx_audit_revision_details.description         ? 
_pdbx_audit_revision_details.details             ? 
# 
loop_
_pdbx_audit_revision_group.ordinal 
_pdbx_audit_revision_group.revision_ordinal 
_pdbx_audit_revision_group.data_content_type 
_pdbx_audit_revision_group.group 
1 2 'Structure model' 'Data collection'      
2 2 'Structure model' 'Database references'  
3 2 'Structure model' 'Derived calculations' 
# 
loop_
_pdbx_audit_revision_category.ordinal 
_pdbx_audit_revision_category.revision_ordinal 
_pdbx_audit_revision_category.data_content_type 
_pdbx_audit_revision_category.category 
1 2 'Structure model' chem_comp_atom         
2 2 'Structure model' chem_comp_bond         
3 2 'Structure model' database_2             
4 2 'Structure model' pdbx_struct_conn_angle 
5 2 'Structure model' struct_conn            
6 2 'Structure model' struct_site            
# 
loop_
_pdbx_audit_revision_item.ordinal 
_pdbx_audit_revision_item.revision_ordinal 
_pdbx_audit_revision_item.data_content_type 
_pdbx_audit_revision_item.item 
1  2 'Structure model' '_database_2.pdbx_DOI'                        
2  2 'Structure model' '_database_2.pdbx_database_accession'         
3  2 'Structure model' '_pdbx_struct_conn_angle.ptnr1_auth_asym_id'  
4  2 'Structure model' '_pdbx_struct_conn_angle.ptnr1_auth_comp_id'  
5  2 'Structure model' '_pdbx_struct_conn_angle.ptnr1_auth_seq_id'   
6  2 'Structure model' '_pdbx_struct_conn_angle.ptnr1_label_asym_id' 
7  2 'Structure model' '_pdbx_struct_conn_angle.ptnr1_label_atom_id' 
8  2 'Structure model' '_pdbx_struct_conn_angle.ptnr1_label_comp_id' 
9  2 'Structure model' '_pdbx_struct_conn_angle.ptnr1_label_seq_id'  
10 2 'Structure model' '_pdbx_struct_conn_angle.ptnr2_auth_asym_id'  
11 2 'Structure model' '_pdbx_struct_conn_angle.ptnr2_auth_seq_id'   
12 2 'Structure model' '_pdbx_struct_conn_angle.ptnr2_label_asym_id' 
13 2 'Structure model' '_pdbx_struct_conn_angle.ptnr3_auth_asym_id'  
14 2 'Structure model' '_pdbx_struct_conn_angle.ptnr3_auth_comp_id'  
15 2 'Structure model' '_pdbx_struct_conn_angle.ptnr3_auth_seq_id'   
16 2 'Structure model' '_pdbx_struct_conn_angle.ptnr3_label_asym_id' 
17 2 'Structure model' '_pdbx_struct_conn_angle.ptnr3_label_atom_id' 
18 2 'Structure model' '_pdbx_struct_conn_angle.ptnr3_label_comp_id' 
19 2 'Structure model' '_pdbx_struct_conn_angle.ptnr3_label_seq_id'  
20 2 'Structure model' '_pdbx_struct_conn_angle.value'               
21 2 'Structure model' '_struct_conn.pdbx_dist_value'                
22 2 'Structure model' '_struct_conn.ptnr1_auth_asym_id'             
23 2 'Structure model' '_struct_conn.ptnr1_auth_comp_id'             
24 2 'Structure model' '_struct_conn.ptnr1_auth_seq_id'              
25 2 'Structure model' '_struct_conn.ptnr1_label_asym_id'            
26 2 'Structure model' '_struct_conn.ptnr1_label_atom_id'            
27 2 'Structure model' '_struct_conn.ptnr1_label_comp_id'            
28 2 'Structure model' '_struct_conn.ptnr1_label_seq_id'             
29 2 'Structure model' '_struct_conn.ptnr2_auth_asym_id'             
30 2 'Structure model' '_struct_conn.ptnr2_auth_comp_id'             
31 2 'Structure model' '_struct_conn.ptnr2_auth_seq_id'              
32 2 'Structure model' '_struct_conn.ptnr2_label_asym_id'            
33 2 'Structure model' '_struct_conn.ptnr2_label_atom_id'            
34 2 'Structure model' '_struct_conn.ptnr2_label_comp_id'            
35 2 'Structure model' '_struct_conn.ptnr2_label_seq_id'             
36 2 'Structure model' '_struct_site.pdbx_auth_asym_id'              
37 2 'Structure model' '_struct_site.pdbx_auth_comp_id'              
38 2 'Structure model' '_struct_site.pdbx_auth_seq_id'               
# 
_pdbx_database_status.status_code                     REL 
_pdbx_database_status.entry_id                        4R6M 
_pdbx_database_status.recvd_initial_deposition_date   2014-08-26 
_pdbx_database_status.deposit_site                    RCSB 
_pdbx_database_status.process_site                    PDBJ 
_pdbx_database_status.methods_development_category    ? 
_pdbx_database_status.status_code_sf                  REL 
_pdbx_database_status.status_code_mr                  ? 
_pdbx_database_status.SG_entry                        ? 
_pdbx_database_status.status_code_cs                  ? 
_pdbx_database_status.pdb_format_compatible           Y 
_pdbx_database_status.status_code_nmr_data            ? 
# 
loop_
_audit_author.name 
_audit_author.pdbx_ordinal 
'Xu, C.Y.'   1 
'Yu, F.'     2 
'Wang, L.H.' 3 
'Zhao, Y.'   4 
'Lin, T.'    5 
'Fan, C.H.'  6 
'He, J.H.'   7 
# 
_citation.id                        primary 
_citation.title                     'Crystal Structure of DNA Duplex Containing Two Consecutive Mercury-mediated Base Pairs' 
_citation.journal_abbrev            'To be Published' 
_citation.journal_volume            ? 
_citation.page_first                ? 
_citation.page_last                 ? 
_citation.year                      ? 
_citation.journal_id_ASTM           ? 
_citation.country                   ? 
_citation.journal_id_ISSN           ? 
_citation.journal_id_CSD            0353 
_citation.book_publisher            ? 
_citation.pdbx_database_id_PubMed   ? 
_citation.pdbx_database_id_DOI      ? 
# 
loop_
_citation_author.citation_id 
_citation_author.name 
_citation_author.ordinal 
_citation_author.identifier_ORCID 
primary 'Xu, C.Y.'   1 ? 
primary 'Yu, F.'     2 ? 
primary 'Wang, L.H.' 3 ? 
primary 'Zhao, Y.'   4 ? 
primary 'Lin, T.'    5 ? 
primary 'Fan, C.H.'  6 ? 
primary 'He, J.H.'   7 ? 
# 
loop_
_entity.id 
_entity.type 
_entity.src_method 
_entity.pdbx_description 
_entity.formula_weight 
_entity.pdbx_number_of_molecules 
_entity.pdbx_ec 
_entity.pdbx_mutation 
_entity.pdbx_fragment 
_entity.details 
1 polymer     syn 
;DNA (5'-D(P*GP*GP*AP*CP*TP*TP*CP*GP*CP*G)-3')
;
3061.004 3  ? ? ? ? 
2 polymer     syn 
;DNA (5'-D(P*CP*GP*CP*GP*TP*TP*GP*TP*CP*C)-3')
;
3011.966 3  ? ? ? ? 
3 non-polymer syn 'MERCURY (II) ION'                              200.590  6  ? ? ? ? 
4 water       nat water                                           18.015   12 ? ? ? ? 
# 
loop_
_entity_poly.entity_id 
_entity_poly.type 
_entity_poly.nstd_linkage 
_entity_poly.nstd_monomer 
_entity_poly.pdbx_seq_one_letter_code 
_entity_poly.pdbx_seq_one_letter_code_can 
_entity_poly.pdbx_strand_id 
_entity_poly.pdbx_target_identifier 
1 polydeoxyribonucleotide no no '(DG)(DG)(DA)(DC)(DT)(DT)(DC)(DG)(DC)(DG)' GGACTTCGCG A,C,E ? 
2 polydeoxyribonucleotide no no '(DC)(DG)(DC)(DG)(DT)(DT)(DG)(DT)(DC)(DC)' CGCGTTGTCC B,D,F ? 
# 
loop_
_pdbx_entity_nonpoly.entity_id 
_pdbx_entity_nonpoly.name 
_pdbx_entity_nonpoly.comp_id 
3 'MERCURY (II) ION' HG  
4 water              HOH 
# 
loop_
_entity_poly_seq.entity_id 
_entity_poly_seq.num 
_entity_poly_seq.mon_id 
_entity_poly_seq.hetero 
1 1  DG n 
1 2  DG n 
1 3  DA n 
1 4  DC n 
1 5  DT n 
1 6  DT n 
1 7  DC n 
1 8  DG n 
1 9  DC n 
1 10 DG n 
2 1  DC n 
2 2  DG n 
2 3  DC n 
2 4  DG n 
2 5  DT n 
2 6  DT n 
2 7  DG n 
2 8  DT n 
2 9  DC n 
2 10 DC n 
# 
loop_
_pdbx_entity_src_syn.entity_id 
_pdbx_entity_src_syn.pdbx_src_id 
_pdbx_entity_src_syn.pdbx_alt_source_flag 
_pdbx_entity_src_syn.pdbx_beg_seq_num 
_pdbx_entity_src_syn.pdbx_end_seq_num 
_pdbx_entity_src_syn.organism_scientific 
_pdbx_entity_src_syn.organism_common_name 
_pdbx_entity_src_syn.ncbi_taxonomy_id 
_pdbx_entity_src_syn.details 
1 1 sample ? ? 'synthetic construct' ? 32630 ? 
2 1 sample ? ? 'synthetic construct' ? 32630 ? 
# 
loop_
_chem_comp.id 
_chem_comp.type 
_chem_comp.mon_nstd_flag 
_chem_comp.name 
_chem_comp.pdbx_synonyms 
_chem_comp.formula 
_chem_comp.formula_weight 
DA  'DNA linking' y "2'-DEOXYADENOSINE-5'-MONOPHOSPHATE" ? 'C10 H14 N5 O6 P' 331.222 
DC  'DNA linking' y "2'-DEOXYCYTIDINE-5'-MONOPHOSPHATE"  ? 'C9 H14 N3 O7 P'  307.197 
DG  'DNA linking' y "2'-DEOXYGUANOSINE-5'-MONOPHOSPHATE" ? 'C10 H14 N5 O7 P' 347.221 
DT  'DNA linking' y "THYMIDINE-5'-MONOPHOSPHATE"         ? 'C10 H15 N2 O8 P' 322.208 
HG  non-polymer   . 'MERCURY (II) ION'                   ? 'Hg 2'            200.590 
HOH non-polymer   . WATER                                ? 'H2 O'            18.015  
# 
loop_
_pdbx_poly_seq_scheme.asym_id 
_pdbx_poly_seq_scheme.entity_id 
_pdbx_poly_seq_scheme.seq_id 
_pdbx_poly_seq_scheme.mon_id 
_pdbx_poly_seq_scheme.ndb_seq_num 
_pdbx_poly_seq_scheme.pdb_seq_num 
_pdbx_poly_seq_scheme.auth_seq_num 
_pdbx_poly_seq_scheme.pdb_mon_id 
_pdbx_poly_seq_scheme.auth_mon_id 
_pdbx_poly_seq_scheme.pdb_strand_id 
_pdbx_poly_seq_scheme.pdb_ins_code 
_pdbx_poly_seq_scheme.hetero 
A 1 1  DG 1  1  1  DG DG A . n 
A 1 2  DG 2  2  2  DG DG A . n 
A 1 3  DA 3  3  3  DA DA A . n 
A 1 4  DC 4  4  4  DC DC A . n 
A 1 5  DT 5  5  5  DT DT A . n 
A 1 6  DT 6  6  6  DT DT A . n 
A 1 7  DC 7  7  7  DC DC A . n 
A 1 8  DG 8  8  8  DG DG A . n 
A 1 9  DC 9  9  9  DC DC A . n 
A 1 10 DG 10 10 10 DG DG A . n 
B 2 1  DC 1  1  1  DC DC B . n 
B 2 2  DG 2  2  2  DG DG B . n 
B 2 3  DC 3  3  3  DC DC B . n 
B 2 4  DG 4  4  4  DG DG B . n 
B 2 5  DT 5  5  5  DT DT B . n 
B 2 6  DT 6  6  6  DT DT B . n 
B 2 7  DG 7  7  7  DG DG B . n 
B 2 8  DT 8  8  8  DT DT B . n 
B 2 9  DC 9  9  9  DC DC B . n 
B 2 10 DC 10 10 10 DC DC B . n 
C 1 1  DG 1  1  1  DG DG C . n 
C 1 2  DG 2  2  2  DG DG C . n 
C 1 3  DA 3  3  3  DA DA C . n 
C 1 4  DC 4  4  4  DC DC C . n 
C 1 5  DT 5  5  5  DT DT C . n 
C 1 6  DT 6  6  6  DT DT C . n 
C 1 7  DC 7  7  7  DC DC C . n 
C 1 8  DG 8  8  8  DG DG C . n 
C 1 9  DC 9  9  9  DC DC C . n 
C 1 10 DG 10 10 10 DG DG C . n 
D 2 1  DC 1  1  1  DC DC D . n 
D 2 2  DG 2  2  2  DG DG D . n 
D 2 3  DC 3  3  3  DC DC D . n 
D 2 4  DG 4  4  4  DG DG D . n 
D 2 5  DT 5  5  5  DT DT D . n 
D 2 6  DT 6  6  6  DT DT D . n 
D 2 7  DG 7  7  7  DG DG D . n 
D 2 8  DT 8  8  8  DT DT D . n 
D 2 9  DC 9  9  9  DC DC D . n 
D 2 10 DC 10 10 10 DC DC D . n 
E 1 1  DG 1  1  1  DG DG E . n 
E 1 2  DG 2  2  2  DG DG E . n 
E 1 3  DA 3  3  3  DA DA E . n 
E 1 4  DC 4  4  4  DC DC E . n 
E 1 5  DT 5  5  5  DT DT E . n 
E 1 6  DT 6  6  6  DT DT E . n 
E 1 7  DC 7  7  7  DC DC E . n 
E 1 8  DG 8  8  8  DG DG E . n 
E 1 9  DC 9  9  9  DC DC E . n 
E 1 10 DG 10 10 10 DG DG E . n 
F 2 1  DC 1  1  1  DC DC F . n 
F 2 2  DG 2  2  2  DG DG F . n 
F 2 3  DC 3  3  3  DC DC F . n 
F 2 4  DG 4  4  4  DG DG F . n 
F 2 5  DT 5  5  5  DT DT F . n 
F 2 6  DT 6  6  6  DT DT F . n 
F 2 7  DG 7  7  7  DG DG F . n 
F 2 8  DT 8  8  8  DT DT F . n 
F 2 9  DC 9  9  9  DC DC F . n 
F 2 10 DC 10 10 10 DC DC F . n 
# 
loop_
_pdbx_nonpoly_scheme.asym_id 
_pdbx_nonpoly_scheme.entity_id 
_pdbx_nonpoly_scheme.mon_id 
_pdbx_nonpoly_scheme.ndb_seq_num 
_pdbx_nonpoly_scheme.pdb_seq_num 
_pdbx_nonpoly_scheme.auth_seq_num 
_pdbx_nonpoly_scheme.pdb_mon_id 
_pdbx_nonpoly_scheme.auth_mon_id 
_pdbx_nonpoly_scheme.pdb_strand_id 
_pdbx_nonpoly_scheme.pdb_ins_code 
G 3 HG  1 101 1  HG  HG  B . 
H 3 HG  1 102 2  HG  HG  B . 
I 3 HG  1 101 3  HG  HG  D . 
J 3 HG  1 102 4  HG  HG  D . 
K 3 HG  1 101 6  HG  HG  E . 
L 3 HG  1 101 5  HG  HG  F . 
M 4 HOH 1 101 3  HOH HOH A . 
M 4 HOH 2 102 7  HOH HOH A . 
M 4 HOH 3 103 8  HOH HOH A . 
M 4 HOH 4 104 12 HOH HOH A . 
N 4 HOH 1 201 1  HOH HOH B . 
N 4 HOH 2 202 6  HOH HOH B . 
O 4 HOH 1 101 5  HOH HOH C . 
O 4 HOH 2 102 9  HOH HOH C . 
P 4 HOH 1 201 4  HOH HOH E . 
Q 4 HOH 1 201 2  HOH HOH F . 
Q 4 HOH 2 202 10 HOH HOH F . 
Q 4 HOH 3 203 11 HOH HOH F . 
# 
loop_
_pdbx_unobs_or_zero_occ_atoms.id 
_pdbx_unobs_or_zero_occ_atoms.PDB_model_num 
_pdbx_unobs_or_zero_occ_atoms.polymer_flag 
_pdbx_unobs_or_zero_occ_atoms.occupancy_flag 
_pdbx_unobs_or_zero_occ_atoms.auth_asym_id 
_pdbx_unobs_or_zero_occ_atoms.auth_comp_id 
_pdbx_unobs_or_zero_occ_atoms.auth_seq_id 
_pdbx_unobs_or_zero_occ_atoms.PDB_ins_code 
_pdbx_unobs_or_zero_occ_atoms.auth_atom_id 
_pdbx_unobs_or_zero_occ_atoms.label_alt_id 
_pdbx_unobs_or_zero_occ_atoms.label_asym_id 
_pdbx_unobs_or_zero_occ_atoms.label_comp_id 
_pdbx_unobs_or_zero_occ_atoms.label_seq_id 
_pdbx_unobs_or_zero_occ_atoms.label_atom_id 
1  1 Y 0 B DC 1 ? P     ? B DC 1 P     
2  1 Y 0 B DC 1 ? OP1   ? B DC 1 OP1   
3  1 Y 0 B DC 1 ? OP2   ? B DC 1 OP2   
4  1 Y 0 C DG 1 ? P     ? C DG 1 P     
5  1 Y 0 C DG 1 ? OP1   ? C DG 1 OP1   
6  1 Y 0 C DG 1 ? OP2   ? C DG 1 OP2   
7  1 Y 0 C DG 1 ? "O5'" ? C DG 1 "O5'" 
8  1 Y 0 D DC 1 ? P     ? D DC 1 P     
9  1 Y 0 D DC 1 ? OP1   ? D DC 1 OP1   
10 1 Y 0 D DC 1 ? OP2   ? D DC 1 OP2   
11 1 Y 0 D DC 1 ? "O5'" ? D DC 1 "O5'" 
12 1 Y 0 D DC 1 ? "C5'" ? D DC 1 "C5'" 
13 1 Y 0 E DG 1 ? P     ? E DG 1 P     
14 1 Y 0 E DG 1 ? OP1   ? E DG 1 OP1   
15 1 Y 0 E DG 1 ? OP2   ? E DG 1 OP2   
16 1 Y 0 F DC 1 ? P     ? F DC 1 P     
17 1 Y 0 F DC 1 ? OP1   ? F DC 1 OP1   
18 1 Y 0 F DC 1 ? OP2   ? F DC 1 OP2   
19 1 Y 0 F DC 1 ? "O5'" ? F DC 1 "O5'" 
# 
loop_
_software.name 
_software.classification 
_software.version 
_software.citation_id 
_software.pdbx_ordinal 
HKL-2000 'data collection' .                             ? 1 
SHELXS   phasing           .                             ? 2 
PHENIX   refinement        '(phenix.refine: 1.8.4_1496)' ? 3 
HKL-2000 'data reduction'  .                             ? 4 
HKL-2000 'data scaling'    .                             ? 5 
# 
_cell.entry_id           4R6M 
_cell.length_a           70.785 
_cell.length_b           70.785 
_cell.length_c           108.037 
_cell.angle_alpha        90.00 
_cell.angle_beta         90.00 
_cell.angle_gamma        120.00 
_cell.Z_PDB              27 
_cell.pdbx_unique_axis   ? 
_cell.length_a_esd       ? 
_cell.length_b_esd       ? 
_cell.length_c_esd       ? 
_cell.angle_alpha_esd    ? 
_cell.angle_beta_esd     ? 
_cell.angle_gamma_esd    ? 
# 
_symmetry.entry_id                         4R6M 
_symmetry.space_group_name_H-M             'H 3' 
_symmetry.pdbx_full_space_group_name_H-M   ? 
_symmetry.cell_setting                     ? 
_symmetry.Int_Tables_number                146 
_symmetry.space_group_name_Hall            ? 
# 
_exptl.entry_id          4R6M 
_exptl.method            'X-RAY DIFFRACTION' 
_exptl.crystals_number   1 
# 
_exptl_crystal.id                    1 
_exptl_crystal.density_meas          ? 
_exptl_crystal.density_Matthews      2.86 
_exptl_crystal.density_percent_sol   56.98 
_exptl_crystal.description           'the entry contains Friedel pairs in F_Plus/Minus columns' 
_exptl_crystal.F_000                 ? 
_exptl_crystal.preparation           ? 
# 
_exptl_crystal_grow.crystal_id      1 
_exptl_crystal_grow.method          'VAPOR DIFFUSION, SITTING DROP' 
_exptl_crystal_grow.temp            277 
_exptl_crystal_grow.temp_details    ? 
_exptl_crystal_grow.pH              6.75 
_exptl_crystal_grow.pdbx_details    
;0.08 M Potassium Chloride, 0.02 M Magnesium Chloride, 0.012 M Spermine Tetrahydrochloride, 40% 2-methyl-2,4-pentanediol, 0.04 M Sodium cacodylate trihydrate, pH 6.75, VAPOR DIFFUSION, SITTING DROP, temperature 277K
;
_exptl_crystal_grow.pdbx_pH_range   ? 
# 
_diffrn.id                     1 
_diffrn.ambient_temp           100 
_diffrn.ambient_temp_details   ? 
_diffrn.crystal_id             1 
# 
_diffrn_detector.diffrn_id              1 
_diffrn_detector.detector               CCD 
_diffrn_detector.type                   'ADSC QUANTUM 315r' 
_diffrn_detector.pdbx_collection_date   2014-01-13 
_diffrn_detector.details                ? 
# 
_diffrn_radiation.diffrn_id                        1 
_diffrn_radiation.wavelength_id                    1 
_diffrn_radiation.pdbx_monochromatic_or_laue_m_l   M 
_diffrn_radiation.monochromator                    ? 
_diffrn_radiation.pdbx_diffrn_protocol             'SINGLE WAVELENGTH' 
_diffrn_radiation.pdbx_scattering_type             x-ray 
# 
_diffrn_radiation_wavelength.id           1 
_diffrn_radiation_wavelength.wavelength   1.00928 
_diffrn_radiation_wavelength.wt           1.0 
# 
_diffrn_source.diffrn_id                   1 
_diffrn_source.source                      SYNCHROTRON 
_diffrn_source.type                        'SSRF BEAMLINE BL17U' 
_diffrn_source.pdbx_synchrotron_site       SSRF 
_diffrn_source.pdbx_synchrotron_beamline   BL17U 
_diffrn_source.pdbx_wavelength             ? 
_diffrn_source.pdbx_wavelength_list        1.00928 
# 
_reflns.entry_id                     4R6M 
_reflns.observed_criterion_sigma_I   2.0 
_reflns.observed_criterion_sigma_F   2.0 
_reflns.d_resolution_low             36.01 
_reflns.d_resolution_high            2.357 
_reflns.number_obs                   16444 
_reflns.number_all                   ? 
_reflns.percent_possible_obs         97.64 
_reflns.pdbx_Rmerge_I_obs            0.084 
_reflns.pdbx_Rsym_value              0.093 
_reflns.pdbx_netI_over_sigmaI        ? 
_reflns.B_iso_Wilson_estimate        ? 
_reflns.pdbx_redundancy              10.1 
_reflns.R_free_details               ? 
_reflns.limit_h_max                  ? 
_reflns.limit_h_min                  ? 
_reflns.limit_k_max                  ? 
_reflns.limit_k_min                  ? 
_reflns.limit_l_max                  ? 
_reflns.limit_l_min                  ? 
_reflns.observed_criterion_F_max     ? 
_reflns.observed_criterion_F_min     ? 
_reflns.pdbx_chi_squared             ? 
_reflns.pdbx_scaling_rejects         ? 
_reflns.pdbx_ordinal                 1 
_reflns.pdbx_diffrn_id               1 
# 
_refine.entry_id                                 4R6M 
_refine.ls_number_reflns_obs                     16263 
_refine.ls_number_reflns_all                     ? 
_refine.pdbx_ls_sigma_I                          2.0 
_refine.pdbx_ls_sigma_F                          1.96 
_refine.pdbx_data_cutoff_high_absF               ? 
_refine.pdbx_data_cutoff_low_absF                ? 
_refine.pdbx_data_cutoff_high_rms_absF           ? 
_refine.ls_d_res_low                             26.658 
_refine.ls_d_res_high                            2.357 
_refine.ls_percent_reflns_obs                    97.64 
_refine.ls_R_factor_obs                          0.2167 
_refine.ls_R_factor_all                          ? 
_refine.ls_R_factor_R_work                       0.2155 
_refine.ls_R_factor_R_free                       0.2405 
_refine.ls_R_factor_R_free_error                 ? 
_refine.ls_R_factor_R_free_error_details         ? 
_refine.ls_percent_reflns_R_free                 4.64 
_refine.ls_number_reflns_R_free                  754 
_refine.ls_number_parameters                     ? 
_refine.ls_number_restraints                     ? 
_refine.occupancy_min                            ? 
_refine.occupancy_max                            ? 
_refine.correlation_coeff_Fo_to_Fc               ? 
_refine.correlation_coeff_Fo_to_Fc_free          ? 
_refine.B_iso_mean                               76.8600 
_refine.aniso_B[1][1]                            ? 
_refine.aniso_B[2][2]                            ? 
_refine.aniso_B[3][3]                            ? 
_refine.aniso_B[1][2]                            ? 
_refine.aniso_B[1][3]                            ? 
_refine.aniso_B[2][3]                            ? 
_refine.solvent_model_details                    'FLAT BULK SOLVENT MODEL' 
_refine.solvent_model_param_ksol                 ? 
_refine.solvent_model_param_bsol                 ? 
_refine.pdbx_solvent_vdw_probe_radii             1.11 
_refine.pdbx_solvent_ion_probe_radii             ? 
_refine.pdbx_solvent_shrinkage_radii             0.90 
_refine.pdbx_ls_cross_valid_method               ? 
_refine.details                                  'the entry contains Friedel pairs in F_Plus/Minus columns' 
_refine.pdbx_starting_model                      ? 
_refine.pdbx_method_to_determine_struct          SAD 
_refine.pdbx_isotropic_thermal_model             ? 
_refine.pdbx_stereochemistry_target_values       ML 
_refine.pdbx_stereochem_target_val_spec_case     ? 
_refine.pdbx_R_Free_selection_details            RANDOM 
_refine.pdbx_overall_ESU_R                       ? 
_refine.pdbx_overall_ESU_R_Free                  ? 
_refine.overall_SU_ML                            0.36 
_refine.overall_FOM_work_R_set                   0.7285 
_refine.B_iso_max                                141.780 
_refine.B_iso_min                                35.480 
_refine.pdbx_overall_phase_error                 33.5400 
_refine.ls_redundancy_reflns_obs                 ? 
_refine.overall_SU_B                             ? 
_refine.overall_SU_R_Cruickshank_DPI             ? 
_refine.overall_SU_R_free                        ? 
_refine.ls_wR_factor_R_free                      ? 
_refine.ls_wR_factor_R_work                      ? 
_refine.overall_FOM_free_R_set                   ? 
_refine.pdbx_diffrn_id                           1 
_refine.pdbx_refine_id                           'X-RAY DIFFRACTION' 
_refine.pdbx_TLS_residual_ADP_flag               ? 
_refine.pdbx_overall_SU_R_free_Cruickshank_DPI   ? 
_refine.pdbx_overall_SU_R_Blow_DPI               ? 
_refine.pdbx_overall_SU_R_free_Blow_DPI          ? 
# 
_refine_hist.pdbx_refine_id                   'X-RAY DIFFRACTION' 
_refine_hist.cycle_id                         LAST 
_refine_hist.pdbx_number_atoms_protein        0 
_refine_hist.pdbx_number_atoms_nucleic_acid   1224 
_refine_hist.pdbx_number_atoms_ligand         6 
_refine_hist.number_atoms_solvent             12 
_refine_hist.number_atoms_total               1242 
_refine_hist.d_res_high                       2.357 
_refine_hist.d_res_low                        26.658 
# 
loop_
_refine_ls_restr.pdbx_refine_id 
_refine_ls_restr.type 
_refine_ls_restr.number 
_refine_ls_restr.dev_ideal 
_refine_ls_restr.dev_ideal_target 
_refine_ls_restr.weight 
_refine_ls_restr.pdbx_restraint_function 
'X-RAY DIFFRACTION' f_bond_d           1362 0.004  ? ? ? 
'X-RAY DIFFRACTION' f_angle_d          2088 0.585  ? ? ? 
'X-RAY DIFFRACTION' f_chiral_restr     240  0.024  ? ? ? 
'X-RAY DIFFRACTION' f_plane_restr      60   0.002  ? ? ? 
'X-RAY DIFFRACTION' f_dihedral_angle_d 582  33.411 ? ? ? 
# 
loop_
_refine_ls_shell.d_res_high 
_refine_ls_shell.d_res_low 
_refine_ls_shell.pdbx_total_number_of_bins_used 
_refine_ls_shell.percent_reflns_obs 
_refine_ls_shell.number_reflns_R_work 
_refine_ls_shell.R_factor_all 
_refine_ls_shell.R_factor_R_work 
_refine_ls_shell.R_factor_R_free 
_refine_ls_shell.percent_reflns_R_free 
_refine_ls_shell.number_reflns_R_free 
_refine_ls_shell.R_factor_R_free_error 
_refine_ls_shell.number_reflns_all 
_refine_ls_shell.number_reflns_obs 
_refine_ls_shell.pdbx_refine_id 
_refine_ls_shell.redundancy_reflns_obs 
2.3574 2.5392  5 91.0000  2842 . 0.3446 0.3848 . 170 . 3012 . 'X-RAY DIFFRACTION' . 
2.5392 2.7945  5 100.0000 3176 . 0.2957 0.3227 . 130 . 3306 . 'X-RAY DIFFRACTION' . 
2.7945 3.1983  5 100.0000 3202 . 0.2549 0.3225 . 158 . 3360 . 'X-RAY DIFFRACTION' . 
3.1983 4.0273  5 100.0000 3150 . 0.2165 0.2465 . 154 . 3304 . 'X-RAY DIFFRACTION' . 
4.0273 26.6600 5 98.0000  3139 . 0.1791 0.1883 . 142 . 3281 . 'X-RAY DIFFRACTION' . 
# 
_struct.entry_id                  4R6M 
_struct.title                     'Crystal Structure of DNA Duplex Containing Two Consecutive Mercury-mediated Base Pairs' 
_struct.pdbx_model_details        ? 
_struct.pdbx_CASP_flag            ? 
_struct.pdbx_model_type_details   ? 
# 
_struct_keywords.entry_id        4R6M 
_struct_keywords.pdbx_keywords   DNA 
_struct_keywords.text            'B Double Helix, metallo DNA duplex, DNA' 
# 
loop_
_struct_asym.id 
_struct_asym.pdbx_blank_PDB_chainid_flag 
_struct_asym.pdbx_modified 
_struct_asym.entity_id 
_struct_asym.details 
A N N 1 ? 
B N N 2 ? 
C N N 1 ? 
D N N 2 ? 
E N N 1 ? 
F N N 2 ? 
G N N 3 ? 
H N N 3 ? 
I N N 3 ? 
J N N 3 ? 
K N N 3 ? 
L N N 3 ? 
M N N 4 ? 
N N N 4 ? 
O N N 4 ? 
P N N 4 ? 
Q N N 4 ? 
# 
loop_
_struct_ref.id 
_struct_ref.db_name 
_struct_ref.db_code 
_struct_ref.pdbx_db_accession 
_struct_ref.entity_id 
_struct_ref.pdbx_align_begin 
_struct_ref.pdbx_seq_one_letter_code 
_struct_ref.pdbx_db_isoform 
1 PDB 4R6M 4R6M 1 ? ? ? 
2 PDB 4R6M 4R6M 2 ? ? ? 
# 
loop_
_struct_ref_seq.align_id 
_struct_ref_seq.ref_id 
_struct_ref_seq.pdbx_PDB_id_code 
_struct_ref_seq.pdbx_strand_id 
_struct_ref_seq.seq_align_beg 
_struct_ref_seq.pdbx_seq_align_beg_ins_code 
_struct_ref_seq.seq_align_end 
_struct_ref_seq.pdbx_seq_align_end_ins_code 
_struct_ref_seq.pdbx_db_accession 
_struct_ref_seq.db_align_beg 
_struct_ref_seq.pdbx_db_align_beg_ins_code 
_struct_ref_seq.db_align_end 
_struct_ref_seq.pdbx_db_align_end_ins_code 
_struct_ref_seq.pdbx_auth_seq_align_beg 
_struct_ref_seq.pdbx_auth_seq_align_end 
1 1 4R6M A 1 ? 10 ? 4R6M 1 ? 10 ? 1 10 
2 1 4R6M C 1 ? 10 ? 4R6M 1 ? 10 ? 1 10 
3 1 4R6M E 1 ? 10 ? 4R6M 1 ? 10 ? 1 10 
4 2 4R6M B 1 ? 10 ? 4R6M 1 ? 10 ? 1 10 
5 2 4R6M D 1 ? 10 ? 4R6M 1 ? 10 ? 1 10 
6 2 4R6M F 1 ? 10 ? 4R6M 1 ? 10 ? 1 10 
# 
loop_
_pdbx_struct_assembly.id 
_pdbx_struct_assembly.details 
_pdbx_struct_assembly.method_details 
_pdbx_struct_assembly.oligomeric_details 
_pdbx_struct_assembly.oligomeric_count 
1 author_and_software_defined_assembly PISA dimeric 2 
2 author_and_software_defined_assembly PISA dimeric 2 
3 author_and_software_defined_assembly PISA dimeric 2 
# 
loop_
_pdbx_struct_assembly_prop.biol_id 
_pdbx_struct_assembly_prop.type 
_pdbx_struct_assembly_prop.value 
_pdbx_struct_assembly_prop.details 
1 'ABSA (A^2)' 1190 ? 
1 MORE         -65  ? 
1 'SSA (A^2)'  3980 ? 
2 'ABSA (A^2)' 1300 ? 
2 MORE         -65  ? 
2 'SSA (A^2)'  3880 ? 
3 'ABSA (A^2)' 1200 ? 
3 MORE         -69  ? 
3 'SSA (A^2)'  4010 ? 
# 
loop_
_pdbx_struct_assembly_gen.assembly_id 
_pdbx_struct_assembly_gen.oper_expression 
_pdbx_struct_assembly_gen.asym_id_list 
1 1 A,B,G,H,M,N 
2 1 C,D,I,J,O   
3 1 E,F,K,L,P,Q 
# 
_pdbx_struct_oper_list.id                   1 
_pdbx_struct_oper_list.type                 'identity operation' 
_pdbx_struct_oper_list.name                 1_555 
_pdbx_struct_oper_list.symmetry_operation   x,y,z 
_pdbx_struct_oper_list.matrix[1][1]         1.0000000000 
_pdbx_struct_oper_list.matrix[1][2]         0.0000000000 
_pdbx_struct_oper_list.matrix[1][3]         0.0000000000 
_pdbx_struct_oper_list.vector[1]            0.0000000000 
_pdbx_struct_oper_list.matrix[2][1]         0.0000000000 
_pdbx_struct_oper_list.matrix[2][2]         1.0000000000 
_pdbx_struct_oper_list.matrix[2][3]         0.0000000000 
_pdbx_struct_oper_list.vector[2]            0.0000000000 
_pdbx_struct_oper_list.matrix[3][1]         0.0000000000 
_pdbx_struct_oper_list.matrix[3][2]         0.0000000000 
_pdbx_struct_oper_list.matrix[3][3]         1.0000000000 
_pdbx_struct_oper_list.vector[3]            0.0000000000 
# 
_struct_biol.id        1 
_struct_biol.details   ? 
# 
loop_
_struct_conn.id 
_struct_conn.conn_type_id 
_struct_conn.pdbx_leaving_atom_flag 
_struct_conn.pdbx_PDB_id 
_struct_conn.ptnr1_label_asym_id 
_struct_conn.ptnr1_label_comp_id 
_struct_conn.ptnr1_label_seq_id 
_struct_conn.ptnr1_label_atom_id 
_struct_conn.pdbx_ptnr1_label_alt_id 
_struct_conn.pdbx_ptnr1_PDB_ins_code 
_struct_conn.pdbx_ptnr1_standard_comp_id 
_struct_conn.ptnr1_symmetry 
_struct_conn.ptnr2_label_asym_id 
_struct_conn.ptnr2_label_comp_id 
_struct_conn.ptnr2_label_seq_id 
_struct_conn.ptnr2_label_atom_id 
_struct_conn.pdbx_ptnr2_label_alt_id 
_struct_conn.pdbx_ptnr2_PDB_ins_code 
_struct_conn.ptnr1_auth_asym_id 
_struct_conn.ptnr1_auth_comp_id 
_struct_conn.ptnr1_auth_seq_id 
_struct_conn.ptnr2_auth_asym_id 
_struct_conn.ptnr2_auth_comp_id 
_struct_conn.ptnr2_auth_seq_id 
_struct_conn.ptnr2_symmetry 
_struct_conn.pdbx_ptnr3_label_atom_id 
_struct_conn.pdbx_ptnr3_label_seq_id 
_struct_conn.pdbx_ptnr3_label_comp_id 
_struct_conn.pdbx_ptnr3_label_asym_id 
_struct_conn.pdbx_ptnr3_label_alt_id 
_struct_conn.pdbx_ptnr3_PDB_ins_code 
_struct_conn.details 
_struct_conn.pdbx_dist_value 
_struct_conn.pdbx_value_order 
_struct_conn.pdbx_role 
metalc1  metalc ? ? A DT 5  N3 ? ? ? 1_555 G HG  .  HG ? ? A DT 5   B HG  101 1_555 ? ? ? ? ? ? ?               2.197 ? ? 
metalc2  metalc ? ? A DT 5  O2 ? ? ? 1_555 G HG  .  HG ? ? A DT 5   B HG  101 1_555 ? ? ? ? ? ? ?               2.778 ? ? 
metalc3  metalc ? ? A DT 6  N3 ? ? ? 1_555 H HG  .  HG ? ? A DT 6   B HG  102 1_555 ? ? ? ? ? ? ?               2.150 ? ? 
metalc4  metalc ? ? A DT 6  O4 ? ? ? 1_555 H HG  .  HG ? ? A DT 6   B HG  102 1_555 ? ? ? ? ? ? ?               2.825 ? ? 
metalc5  metalc ? ? B DG 4  O6 ? ? ? 1_555 H HG  .  HG ? ? B DG 4   B HG  102 1_555 ? ? ? ? ? ? ?               3.131 ? ? 
metalc6  metalc ? ? B DT 5  N3 ? ? ? 1_555 H HG  .  HG ? ? B DT 5   B HG  102 1_555 ? ? ? ? ? ? ?               2.286 ? ? 
metalc7  metalc ? ? B DT 5  O2 ? ? ? 1_555 H HG  .  HG ? ? B DT 5   B HG  102 1_555 ? ? ? ? ? ? ?               2.753 ? ? 
metalc8  metalc ? ? B DT 6  N3 ? ? ? 1_555 G HG  .  HG ? ? B DT 6   B HG  101 1_555 ? ? ? ? ? ? ?               2.206 ? ? 
metalc9  metalc ? ? B DT 6  O2 ? ? ? 1_555 G HG  .  HG ? ? B DT 6   B HG  101 1_555 ? ? ? ? ? ? ?               2.957 ? ? 
metalc10 metalc ? ? B DT 6  O2 ? ? ? 1_555 H HG  .  HG ? ? B DT 6   B HG  102 1_555 ? ? ? ? ? ? ?               2.898 ? ? 
metalc11 metalc ? ? B DG 7  O6 ? ? ? 1_555 G HG  .  HG ? ? B DG 7   B HG  101 1_555 ? ? ? ? ? ? ?               3.058 ? ? 
metalc12 metalc ? ? C DT 5  N3 ? ? ? 1_555 J HG  .  HG ? ? C DT 5   D HG  102 1_555 ? ? ? ? ? ? ?               2.156 ? ? 
metalc13 metalc ? ? C DT 5  O2 ? ? ? 1_555 J HG  .  HG ? ? C DT 5   D HG  102 1_555 ? ? ? ? ? ? ?               3.087 ? ? 
metalc14 metalc ? ? C DT 5  O4 ? ? ? 1_555 J HG  .  HG ? ? C DT 5   D HG  102 1_555 ? ? ? ? ? ? ?               3.120 ? ? 
metalc15 metalc ? ? C DT 6  N3 ? ? ? 1_555 I HG  .  HG ? ? C DT 6   D HG  101 1_555 ? ? ? ? ? ? ?               2.157 ? ? 
metalc16 metalc ? ? C DT 6  O4 ? ? ? 1_555 I HG  .  HG ? ? C DT 6   D HG  101 1_555 ? ? ? ? ? ? ?               2.502 ? ? 
metalc17 metalc ? ? D DG 4  O6 ? ? ? 1_555 I HG  .  HG ? ? D DG 4   D HG  101 1_555 ? ? ? ? ? ? ?               3.200 ? ? 
metalc18 metalc ? ? D DT 5  N3 ? ? ? 1_555 I HG  .  HG ? ? D DT 5   D HG  101 1_555 ? ? ? ? ? ? ?               2.359 ? ? 
metalc19 metalc ? ? D DT 5  O4 ? ? ? 1_555 I HG  .  HG ? ? D DT 5   D HG  101 1_555 ? ? ? ? ? ? ?               3.140 ? ? 
metalc20 metalc ? ? D DT 6  O2 ? ? ? 1_555 I HG  .  HG ? ? D DT 6   D HG  101 1_555 ? ? ? ? ? ? ?               2.818 ? ? 
metalc21 metalc ? ? D DT 6  N3 ? ? ? 1_555 J HG  .  HG ? ? D DT 6   D HG  102 1_555 ? ? ? ? ? ? ?               2.194 ? ? 
metalc22 metalc ? ? D DT 6  O4 ? ? ? 1_555 J HG  .  HG ? ? D DT 6   D HG  102 1_555 ? ? ? ? ? ? ?               3.089 ? ? 
metalc23 metalc ? ? D DT 6  O2 ? ? ? 1_555 J HG  .  HG ? ? D DT 6   D HG  102 1_555 ? ? ? ? ? ? ?               3.181 ? ? 
metalc24 metalc ? ? D DG 7  O6 ? ? ? 1_555 J HG  .  HG ? ? D DG 7   D HG  102 1_555 ? ? ? ? ? ? ?               3.123 ? ? 
metalc25 metalc ? ? E DT 5  N3 ? ? ? 1_555 K HG  .  HG ? ? E DT 5   E HG  101 1_555 ? ? ? ? ? ? ?               2.311 ? ? 
metalc26 metalc ? ? E DT 5  O4 ? ? ? 1_555 K HG  .  HG ? ? E DT 5   E HG  101 1_555 ? ? ? ? ? ? ?               3.002 ? ? 
metalc27 metalc ? ? E DT 6  N3 ? ? ? 1_555 L HG  .  HG ? ? E DT 6   F HG  101 1_555 ? ? ? ? ? ? ?               2.307 ? ? 
metalc28 metalc ? ? E DT 6  O4 ? ? ? 1_555 L HG  .  HG ? ? E DT 6   F HG  101 1_555 ? ? ? ? ? ? ?               2.908 ? ? 
metalc29 metalc ? ? K HG .  HG ? ? ? 1_555 P HOH .  O  ? ? E HG 101 E HOH 201 1_555 ? ? ? ? ? ? ?               2.289 ? ? 
metalc30 metalc ? ? K HG .  HG ? ? ? 1_555 F DT  6  O2 ? ? E HG 101 F DT  6   1_555 ? ? ? ? ? ? ?               2.299 ? ? 
metalc31 metalc ? ? K HG .  HG ? ? ? 1_555 F DT  6  N3 ? ? E HG 101 F DT  6   1_555 ? ? ? ? ? ? ?               2.363 ? ? 
metalc32 metalc ? ? K HG .  HG ? ? ? 1_555 Q HOH .  O  ? ? E HG 101 F HOH 201 1_555 ? ? ? ? ? ? ?               3.129 ? ? 
metalc33 metalc ? ? F DG 4  O6 ? ? ? 1_555 L HG  .  HG ? ? F DG 4   F HG  101 1_555 ? ? ? ? ? ? ?               3.077 ? ? 
metalc34 metalc ? ? F DT 5  N3 ? ? ? 1_555 L HG  .  HG ? ? F DT 5   F HG  101 1_555 ? ? ? ? ? ? ?               2.279 ? ? 
metalc35 metalc ? ? F DT 5  O2 ? ? ? 1_555 L HG  .  HG ? ? F DT 5   F HG  101 1_555 ? ? ? ? ? ? ?               2.796 ? ? 
metalc36 metalc ? ? L HG .  HG ? ? ? 1_555 Q HOH .  O  ? ? F HG 101 F HOH 201 1_555 ? ? ? ? ? ? ?               2.357 ? ? 
hydrog1  hydrog ? ? A DG 1  N1 ? ? ? 1_555 B DC  10 N3 ? ? A DG 1   B DC  10  1_555 ? ? ? ? ? ? WATSON-CRICK    ?     ? ? 
hydrog2  hydrog ? ? A DG 1  N2 ? ? ? 1_555 B DC  10 O2 ? ? A DG 1   B DC  10  1_555 ? ? ? ? ? ? WATSON-CRICK    ?     ? ? 
hydrog3  hydrog ? ? A DG 1  O6 ? ? ? 1_555 B DC  10 N4 ? ? A DG 1   B DC  10  1_555 ? ? ? ? ? ? WATSON-CRICK    ?     ? ? 
hydrog4  hydrog ? ? A DG 2  N1 ? ? ? 1_555 B DC  9  N3 ? ? A DG 2   B DC  9   1_555 ? ? ? ? ? ? WATSON-CRICK    ?     ? ? 
hydrog5  hydrog ? ? A DG 2  N2 ? ? ? 1_555 B DC  9  O2 ? ? A DG 2   B DC  9   1_555 ? ? ? ? ? ? WATSON-CRICK    ?     ? ? 
hydrog6  hydrog ? ? A DG 2  O6 ? ? ? 1_555 B DC  9  N4 ? ? A DG 2   B DC  9   1_555 ? ? ? ? ? ? WATSON-CRICK    ?     ? ? 
hydrog7  hydrog ? ? A DA 3  N1 ? ? ? 1_555 B DT  8  N3 ? ? A DA 3   B DT  8   1_555 ? ? ? ? ? ? WATSON-CRICK    ?     ? ? 
hydrog8  hydrog ? ? A DA 3  N6 ? ? ? 1_555 B DT  8  O4 ? ? A DA 3   B DT  8   1_555 ? ? ? ? ? ? WATSON-CRICK    ?     ? ? 
hydrog9  hydrog ? ? A DC 4  N3 ? ? ? 1_555 B DG  7  N1 ? ? A DC 4   B DG  7   1_555 ? ? ? ? ? ? WATSON-CRICK    ?     ? ? 
hydrog10 hydrog ? ? A DC 4  N4 ? ? ? 1_555 B DG  7  O6 ? ? A DC 4   B DG  7   1_555 ? ? ? ? ? ? WATSON-CRICK    ?     ? ? 
hydrog11 hydrog ? ? A DC 4  O2 ? ? ? 1_555 B DG  7  N2 ? ? A DC 4   B DG  7   1_555 ? ? ? ? ? ? WATSON-CRICK    ?     ? ? 
hydrog12 hydrog ? ? A DT 5  O2 ? ? ? 1_555 F DC  1  N4 ? ? A DT 5   F DC  1   1_555 ? ? ? ? ? ? 'DT-DC MISPAIR' ?     ? ? 
hydrog13 hydrog ? ? A DC 7  N3 ? ? ? 1_555 B DG  4  N1 ? ? A DC 7   B DG  4   1_555 ? ? ? ? ? ? WATSON-CRICK    ?     ? ? 
hydrog14 hydrog ? ? A DC 7  N4 ? ? ? 1_555 B DG  4  O6 ? ? A DC 7   B DG  4   1_555 ? ? ? ? ? ? WATSON-CRICK    ?     ? ? 
hydrog15 hydrog ? ? A DC 7  O2 ? ? ? 1_555 B DG  4  N2 ? ? A DC 7   B DG  4   1_555 ? ? ? ? ? ? WATSON-CRICK    ?     ? ? 
hydrog16 hydrog ? ? A DG 8  N1 ? ? ? 1_555 B DC  3  N3 ? ? A DG 8   B DC  3   1_555 ? ? ? ? ? ? WATSON-CRICK    ?     ? ? 
hydrog17 hydrog ? ? A DG 8  N2 ? ? ? 1_555 B DC  3  O2 ? ? A DG 8   B DC  3   1_555 ? ? ? ? ? ? WATSON-CRICK    ?     ? ? 
hydrog18 hydrog ? ? A DG 8  O6 ? ? ? 1_555 B DC  3  N4 ? ? A DG 8   B DC  3   1_555 ? ? ? ? ? ? WATSON-CRICK    ?     ? ? 
hydrog19 hydrog ? ? A DC 9  N3 ? ? ? 1_555 B DG  2  N1 ? ? A DC 9   B DG  2   1_555 ? ? ? ? ? ? WATSON-CRICK    ?     ? ? 
hydrog20 hydrog ? ? A DC 9  N4 ? ? ? 1_555 B DG  2  O6 ? ? A DC 9   B DG  2   1_555 ? ? ? ? ? ? WATSON-CRICK    ?     ? ? 
hydrog21 hydrog ? ? A DC 9  O2 ? ? ? 1_555 B DG  2  N2 ? ? A DC 9   B DG  2   1_555 ? ? ? ? ? ? WATSON-CRICK    ?     ? ? 
hydrog22 hydrog ? ? B DC 1  N4 ? ? ? 1_555 C DT  5  O2 ? ? B DC 1   C DT  5   1_555 ? ? ? ? ? ? 'DC-DT MISPAIR' ?     ? ? 
hydrog23 hydrog ? ? B DC 1  N4 ? ? ? 1_555 D DT  6  O2 ? ? B DC 1   D DT  6   1_555 ? ? ? ? ? ? 'DC-DT MISPAIR' ?     ? ? 
hydrog24 hydrog ? ? C DG 1  N1 ? ? ? 1_555 D DC  10 N3 ? ? C DG 1   D DC  10  1_555 ? ? ? ? ? ? WATSON-CRICK    ?     ? ? 
hydrog25 hydrog ? ? C DG 1  N2 ? ? ? 1_555 D DC  10 O2 ? ? C DG 1   D DC  10  1_555 ? ? ? ? ? ? WATSON-CRICK    ?     ? ? 
hydrog26 hydrog ? ? C DG 1  O6 ? ? ? 1_555 D DC  10 N4 ? ? C DG 1   D DC  10  1_555 ? ? ? ? ? ? WATSON-CRICK    ?     ? ? 
hydrog27 hydrog ? ? C DG 2  N1 ? ? ? 1_555 D DC  9  N3 ? ? C DG 2   D DC  9   1_555 ? ? ? ? ? ? WATSON-CRICK    ?     ? ? 
hydrog28 hydrog ? ? C DG 2  N2 ? ? ? 1_555 D DC  9  O2 ? ? C DG 2   D DC  9   1_555 ? ? ? ? ? ? WATSON-CRICK    ?     ? ? 
hydrog29 hydrog ? ? C DG 2  O6 ? ? ? 1_555 D DC  9  N4 ? ? C DG 2   D DC  9   1_555 ? ? ? ? ? ? WATSON-CRICK    ?     ? ? 
hydrog30 hydrog ? ? C DA 3  N1 ? ? ? 1_555 D DT  8  N3 ? ? C DA 3   D DT  8   1_555 ? ? ? ? ? ? WATSON-CRICK    ?     ? ? 
hydrog31 hydrog ? ? C DA 3  N6 ? ? ? 1_555 D DT  8  O4 ? ? C DA 3   D DT  8   1_555 ? ? ? ? ? ? WATSON-CRICK    ?     ? ? 
hydrog32 hydrog ? ? C DC 4  N3 ? ? ? 1_555 D DG  7  N1 ? ? C DC 4   D DG  7   1_555 ? ? ? ? ? ? WATSON-CRICK    ?     ? ? 
hydrog33 hydrog ? ? C DC 4  N4 ? ? ? 1_555 D DG  7  O6 ? ? C DC 4   D DG  7   1_555 ? ? ? ? ? ? WATSON-CRICK    ?     ? ? 
hydrog34 hydrog ? ? C DC 4  O2 ? ? ? 1_555 D DG  7  N2 ? ? C DC 4   D DG  7   1_555 ? ? ? ? ? ? WATSON-CRICK    ?     ? ? 
hydrog35 hydrog ? ? C DC 7  N3 ? ? ? 1_555 D DG  4  N1 ? ? C DC 7   D DG  4   1_555 ? ? ? ? ? ? WATSON-CRICK    ?     ? ? 
hydrog36 hydrog ? ? C DC 7  N4 ? ? ? 1_555 D DG  4  O6 ? ? C DC 7   D DG  4   1_555 ? ? ? ? ? ? WATSON-CRICK    ?     ? ? 
hydrog37 hydrog ? ? C DC 7  O2 ? ? ? 1_555 D DG  4  N2 ? ? C DC 7   D DG  4   1_555 ? ? ? ? ? ? WATSON-CRICK    ?     ? ? 
hydrog38 hydrog ? ? C DG 8  N1 ? ? ? 1_555 D DC  3  N3 ? ? C DG 8   D DC  3   1_555 ? ? ? ? ? ? WATSON-CRICK    ?     ? ? 
hydrog39 hydrog ? ? C DG 8  N2 ? ? ? 1_555 D DC  3  O2 ? ? C DG 8   D DC  3   1_555 ? ? ? ? ? ? WATSON-CRICK    ?     ? ? 
hydrog40 hydrog ? ? C DG 8  O6 ? ? ? 1_555 D DC  3  N4 ? ? C DG 8   D DC  3   1_555 ? ? ? ? ? ? WATSON-CRICK    ?     ? ? 
hydrog41 hydrog ? ? C DC 9  O2 ? ? ? 1_555 D DG  2  N2 ? ? C DC 9   D DG  2   1_555 ? ? ? ? ? ? 'DC-DG PAIR'    ?     ? ? 
hydrog42 hydrog ? ? C DG 10 N1 ? ? ? 1_555 D DC  1  N3 ? ? C DG 10  D DC  1   1_555 ? ? ? ? ? ? WATSON-CRICK    ?     ? ? 
hydrog43 hydrog ? ? C DG 10 N2 ? ? ? 1_555 D DC  1  O2 ? ? C DG 10  D DC  1   1_555 ? ? ? ? ? ? WATSON-CRICK    ?     ? ? 
hydrog44 hydrog ? ? C DG 10 O6 ? ? ? 1_555 D DC  1  N4 ? ? C DG 10  D DC  1   1_555 ? ? ? ? ? ? WATSON-CRICK    ?     ? ? 
hydrog45 hydrog ? ? E DG 1  N1 ? ? ? 1_555 F DC  10 N3 ? ? E DG 1   F DC  10  1_555 ? ? ? ? ? ? WATSON-CRICK    ?     ? ? 
hydrog46 hydrog ? ? E DG 1  N2 ? ? ? 1_555 F DC  10 O2 ? ? E DG 1   F DC  10  1_555 ? ? ? ? ? ? WATSON-CRICK    ?     ? ? 
hydrog47 hydrog ? ? E DG 1  O6 ? ? ? 1_555 F DC  10 N4 ? ? E DG 1   F DC  10  1_555 ? ? ? ? ? ? WATSON-CRICK    ?     ? ? 
hydrog48 hydrog ? ? E DG 2  N1 ? ? ? 1_555 F DC  9  N3 ? ? E DG 2   F DC  9   1_555 ? ? ? ? ? ? WATSON-CRICK    ?     ? ? 
hydrog49 hydrog ? ? E DG 2  N2 ? ? ? 1_555 F DC  9  O2 ? ? E DG 2   F DC  9   1_555 ? ? ? ? ? ? WATSON-CRICK    ?     ? ? 
hydrog50 hydrog ? ? E DG 2  O6 ? ? ? 1_555 F DC  9  N4 ? ? E DG 2   F DC  9   1_555 ? ? ? ? ? ? WATSON-CRICK    ?     ? ? 
hydrog51 hydrog ? ? E DC 4  N3 ? ? ? 1_555 F DG  7  N1 ? ? E DC 4   F DG  7   1_555 ? ? ? ? ? ? WATSON-CRICK    ?     ? ? 
hydrog52 hydrog ? ? E DC 4  N4 ? ? ? 1_555 F DG  7  O6 ? ? E DC 4   F DG  7   1_555 ? ? ? ? ? ? WATSON-CRICK    ?     ? ? 
hydrog53 hydrog ? ? E DC 4  O2 ? ? ? 1_555 F DG  7  N2 ? ? E DC 4   F DG  7   1_555 ? ? ? ? ? ? WATSON-CRICK    ?     ? ? 
hydrog54 hydrog ? ? E DC 7  N3 ? ? ? 1_555 F DG  4  N1 ? ? E DC 7   F DG  4   1_555 ? ? ? ? ? ? WATSON-CRICK    ?     ? ? 
hydrog55 hydrog ? ? E DC 7  N4 ? ? ? 1_555 F DG  4  O6 ? ? E DC 7   F DG  4   1_555 ? ? ? ? ? ? WATSON-CRICK    ?     ? ? 
hydrog56 hydrog ? ? E DC 7  O2 ? ? ? 1_555 F DG  4  N2 ? ? E DC 7   F DG  4   1_555 ? ? ? ? ? ? WATSON-CRICK    ?     ? ? 
hydrog57 hydrog ? ? E DG 8  N1 ? ? ? 1_555 F DC  3  N3 ? ? E DG 8   F DC  3   1_555 ? ? ? ? ? ? WATSON-CRICK    ?     ? ? 
hydrog58 hydrog ? ? E DG 8  N2 ? ? ? 1_555 F DC  3  O2 ? ? E DG 8   F DC  3   1_555 ? ? ? ? ? ? WATSON-CRICK    ?     ? ? 
hydrog59 hydrog ? ? E DG 8  O6 ? ? ? 1_555 F DC  3  N4 ? ? E DG 8   F DC  3   1_555 ? ? ? ? ? ? WATSON-CRICK    ?     ? ? 
hydrog60 hydrog ? ? E DC 9  N3 ? ? ? 1_555 F DG  2  N1 ? ? E DC 9   F DG  2   1_555 ? ? ? ? ? ? WATSON-CRICK    ?     ? ? 
hydrog61 hydrog ? ? E DC 9  N4 ? ? ? 1_555 F DG  2  O6 ? ? E DC 9   F DG  2   1_555 ? ? ? ? ? ? WATSON-CRICK    ?     ? ? 
hydrog62 hydrog ? ? E DC 9  O2 ? ? ? 1_555 F DG  2  N2 ? ? E DC 9   F DG  2   1_555 ? ? ? ? ? ? WATSON-CRICK    ?     ? ? 
# 
loop_
_struct_conn_type.id 
_struct_conn_type.criteria 
_struct_conn_type.reference 
metalc ? ? 
hydrog ? ? 
# 
loop_
_pdbx_struct_conn_angle.id 
_pdbx_struct_conn_angle.ptnr1_label_atom_id 
_pdbx_struct_conn_angle.ptnr1_label_alt_id 
_pdbx_struct_conn_angle.ptnr1_label_asym_id 
_pdbx_struct_conn_angle.ptnr1_label_comp_id 
_pdbx_struct_conn_angle.ptnr1_label_seq_id 
_pdbx_struct_conn_angle.ptnr1_auth_atom_id 
_pdbx_struct_conn_angle.ptnr1_auth_asym_id 
_pdbx_struct_conn_angle.ptnr1_auth_comp_id 
_pdbx_struct_conn_angle.ptnr1_auth_seq_id 
_pdbx_struct_conn_angle.ptnr1_PDB_ins_code 
_pdbx_struct_conn_angle.ptnr1_symmetry 
_pdbx_struct_conn_angle.ptnr2_label_atom_id 
_pdbx_struct_conn_angle.ptnr2_label_alt_id 
_pdbx_struct_conn_angle.ptnr2_label_asym_id 
_pdbx_struct_conn_angle.ptnr2_label_comp_id 
_pdbx_struct_conn_angle.ptnr2_label_seq_id 
_pdbx_struct_conn_angle.ptnr2_auth_atom_id 
_pdbx_struct_conn_angle.ptnr2_auth_asym_id 
_pdbx_struct_conn_angle.ptnr2_auth_comp_id 
_pdbx_struct_conn_angle.ptnr2_auth_seq_id 
_pdbx_struct_conn_angle.ptnr2_PDB_ins_code 
_pdbx_struct_conn_angle.ptnr2_symmetry 
_pdbx_struct_conn_angle.ptnr3_label_atom_id 
_pdbx_struct_conn_angle.ptnr3_label_alt_id 
_pdbx_struct_conn_angle.ptnr3_label_asym_id 
_pdbx_struct_conn_angle.ptnr3_label_comp_id 
_pdbx_struct_conn_angle.ptnr3_label_seq_id 
_pdbx_struct_conn_angle.ptnr3_auth_atom_id 
_pdbx_struct_conn_angle.ptnr3_auth_asym_id 
_pdbx_struct_conn_angle.ptnr3_auth_comp_id 
_pdbx_struct_conn_angle.ptnr3_auth_seq_id 
_pdbx_struct_conn_angle.ptnr3_PDB_ins_code 
_pdbx_struct_conn_angle.ptnr3_symmetry 
_pdbx_struct_conn_angle.value 
_pdbx_struct_conn_angle.value_esd 
1  N3 ? A DT  5 ? A DT  5   ? 1_555 HG ? G HG . ? B HG 101 ? 1_555 O2 ? A DT  5 ? A DT  5   ? 1_555 52.4  ? 
2  N3 ? A DT  5 ? A DT  5   ? 1_555 HG ? G HG . ? B HG 101 ? 1_555 N3 ? B DT  6 ? B DT  6   ? 1_555 171.6 ? 
3  O2 ? A DT  5 ? A DT  5   ? 1_555 HG ? G HG . ? B HG 101 ? 1_555 N3 ? B DT  6 ? B DT  6   ? 1_555 119.5 ? 
4  N3 ? A DT  5 ? A DT  5   ? 1_555 HG ? G HG . ? B HG 101 ? 1_555 O2 ? B DT  6 ? B DT  6   ? 1_555 126.9 ? 
5  O2 ? A DT  5 ? A DT  5   ? 1_555 HG ? G HG . ? B HG 101 ? 1_555 O2 ? B DT  6 ? B DT  6   ? 1_555 84.9  ? 
6  N3 ? B DT  6 ? B DT  6   ? 1_555 HG ? G HG . ? B HG 101 ? 1_555 O2 ? B DT  6 ? B DT  6   ? 1_555 49.4  ? 
7  N3 ? A DT  5 ? A DT  5   ? 1_555 HG ? G HG . ? B HG 101 ? 1_555 O6 ? B DG  7 ? B DG  7   ? 1_555 99.4  ? 
8  O2 ? A DT  5 ? A DT  5   ? 1_555 HG ? G HG . ? B HG 101 ? 1_555 O6 ? B DG  7 ? B DG  7   ? 1_555 77.5  ? 
9  N3 ? B DT  6 ? B DT  6   ? 1_555 HG ? G HG . ? B HG 101 ? 1_555 O6 ? B DG  7 ? B DG  7   ? 1_555 75.2  ? 
10 O2 ? B DT  6 ? B DT  6   ? 1_555 HG ? G HG . ? B HG 101 ? 1_555 O6 ? B DG  7 ? B DG  7   ? 1_555 100.0 ? 
11 N3 ? A DT  6 ? A DT  6   ? 1_555 HG ? H HG . ? B HG 102 ? 1_555 O4 ? A DT  6 ? A DT  6   ? 1_555 52.5  ? 
12 N3 ? A DT  6 ? A DT  6   ? 1_555 HG ? H HG . ? B HG 102 ? 1_555 O6 ? B DG  4 ? B DG  4   ? 1_555 95.6  ? 
13 O4 ? A DT  6 ? A DT  6   ? 1_555 HG ? H HG . ? B HG 102 ? 1_555 O6 ? B DG  4 ? B DG  4   ? 1_555 61.8  ? 
14 N3 ? A DT  6 ? A DT  6   ? 1_555 HG ? H HG . ? B HG 102 ? 1_555 N3 ? B DT  5 ? B DT  5   ? 1_555 171.8 ? 
15 O4 ? A DT  6 ? A DT  6   ? 1_555 HG ? H HG . ? B HG 102 ? 1_555 N3 ? B DT  5 ? B DT  5   ? 1_555 119.4 ? 
16 O6 ? B DG  4 ? B DG  4   ? 1_555 HG ? H HG . ? B HG 102 ? 1_555 N3 ? B DT  5 ? B DT  5   ? 1_555 77.9  ? 
17 N3 ? A DT  6 ? A DT  6   ? 1_555 HG ? H HG . ? B HG 102 ? 1_555 O2 ? B DT  5 ? B DT  5   ? 1_555 134.6 ? 
18 O4 ? A DT  6 ? A DT  6   ? 1_555 HG ? H HG . ? B HG 102 ? 1_555 O2 ? B DT  5 ? B DT  5   ? 1_555 159.9 ? 
19 O6 ? B DG  4 ? B DG  4   ? 1_555 HG ? H HG . ? B HG 102 ? 1_555 O2 ? B DT  5 ? B DT  5   ? 1_555 98.2  ? 
20 N3 ? B DT  5 ? B DT  5   ? 1_555 HG ? H HG . ? B HG 102 ? 1_555 O2 ? B DT  5 ? B DT  5   ? 1_555 52.3  ? 
21 N3 ? A DT  6 ? A DT  6   ? 1_555 HG ? H HG . ? B HG 102 ? 1_555 O2 ? B DT  6 ? B DT  6   ? 1_555 95.5  ? 
22 O4 ? A DT  6 ? A DT  6   ? 1_555 HG ? H HG . ? B HG 102 ? 1_555 O2 ? B DT  6 ? B DT  6   ? 1_555 115.4 ? 
23 O6 ? B DG  4 ? B DG  4   ? 1_555 HG ? H HG . ? B HG 102 ? 1_555 O2 ? B DT  6 ? B DT  6   ? 1_555 161.9 ? 
24 N3 ? B DT  5 ? B DT  5   ? 1_555 HG ? H HG . ? B HG 102 ? 1_555 O2 ? B DT  6 ? B DT  6   ? 1_555 89.6  ? 
25 O2 ? B DT  5 ? B DT  5   ? 1_555 HG ? H HG . ? B HG 102 ? 1_555 O2 ? B DT  6 ? B DT  6   ? 1_555 84.0  ? 
26 N3 ? C DT  5 ? C DT  5   ? 1_555 HG ? J HG . ? D HG 102 ? 1_555 O2 ? C DT  5 ? C DT  5   ? 1_555 47.1  ? 
27 N3 ? C DT  5 ? C DT  5   ? 1_555 HG ? J HG . ? D HG 102 ? 1_555 O4 ? C DT  5 ? C DT  5   ? 1_555 47.0  ? 
28 O2 ? C DT  5 ? C DT  5   ? 1_555 HG ? J HG . ? D HG 102 ? 1_555 O4 ? C DT  5 ? C DT  5   ? 1_555 94.1  ? 
29 N3 ? C DT  5 ? C DT  5   ? 1_555 HG ? J HG . ? D HG 102 ? 1_555 N3 ? D DT  6 ? D DT  6   ? 1_555 158.9 ? 
30 O2 ? C DT  5 ? C DT  5   ? 1_555 HG ? J HG . ? D HG 102 ? 1_555 N3 ? D DT  6 ? D DT  6   ? 1_555 113.0 ? 
31 O4 ? C DT  5 ? C DT  5   ? 1_555 HG ? J HG . ? D HG 102 ? 1_555 N3 ? D DT  6 ? D DT  6   ? 1_555 151.7 ? 
32 N3 ? C DT  5 ? C DT  5   ? 1_555 HG ? J HG . ? D HG 102 ? 1_555 O4 ? D DT  6 ? D DT  6   ? 1_555 148.3 ? 
33 O2 ? C DT  5 ? C DT  5   ? 1_555 HG ? J HG . ? D HG 102 ? 1_555 O4 ? D DT  6 ? D DT  6   ? 1_555 134.1 ? 
34 O4 ? C DT  5 ? C DT  5   ? 1_555 HG ? J HG . ? D HG 102 ? 1_555 O4 ? D DT  6 ? D DT  6   ? 1_555 117.7 ? 
35 N3 ? D DT  6 ? D DT  6   ? 1_555 HG ? J HG . ? D HG 102 ? 1_555 O4 ? D DT  6 ? D DT  6   ? 1_555 47.6  ? 
36 N3 ? C DT  5 ? C DT  5   ? 1_555 HG ? J HG . ? D HG 102 ? 1_555 O2 ? D DT  6 ? D DT  6   ? 1_555 116.3 ? 
37 O2 ? C DT  5 ? C DT  5   ? 1_555 HG ? J HG . ? D HG 102 ? 1_555 O2 ? D DT  6 ? D DT  6   ? 1_555 81.8  ? 
38 O4 ? C DT  5 ? C DT  5   ? 1_555 HG ? J HG . ? D HG 102 ? 1_555 O2 ? D DT  6 ? D DT  6   ? 1_555 137.9 ? 
39 N3 ? D DT  6 ? D DT  6   ? 1_555 HG ? J HG . ? D HG 102 ? 1_555 O2 ? D DT  6 ? D DT  6   ? 1_555 45.3  ? 
40 O4 ? D DT  6 ? D DT  6   ? 1_555 HG ? J HG . ? D HG 102 ? 1_555 O2 ? D DT  6 ? D DT  6   ? 1_555 92.9  ? 
41 N3 ? C DT  5 ? C DT  5   ? 1_555 HG ? J HG . ? D HG 102 ? 1_555 O6 ? D DG  7 ? D DG  7   ? 1_555 97.5  ? 
42 O2 ? C DT  5 ? C DT  5   ? 1_555 HG ? J HG . ? D HG 102 ? 1_555 O6 ? D DG  7 ? D DG  7   ? 1_555 74.9  ? 
43 O4 ? C DT  5 ? C DT  5   ? 1_555 HG ? J HG . ? D HG 102 ? 1_555 O6 ? D DG  7 ? D DG  7   ? 1_555 116.2 ? 
44 N3 ? D DT  6 ? D DT  6   ? 1_555 HG ? J HG . ? D HG 102 ? 1_555 O6 ? D DG  7 ? D DG  7   ? 1_555 80.4  ? 
45 O4 ? D DT  6 ? D DT  6   ? 1_555 HG ? J HG . ? D HG 102 ? 1_555 O6 ? D DG  7 ? D DG  7   ? 1_555 62.0  ? 
46 O2 ? D DT  6 ? D DT  6   ? 1_555 HG ? J HG . ? D HG 102 ? 1_555 O6 ? D DG  7 ? D DG  7   ? 1_555 103.1 ? 
47 N3 ? C DT  6 ? C DT  6   ? 1_555 HG ? I HG . ? D HG 101 ? 1_555 O4 ? C DT  6 ? C DT  6   ? 1_555 58.1  ? 
48 N3 ? C DT  6 ? C DT  6   ? 1_555 HG ? I HG . ? D HG 101 ? 1_555 O6 ? D DG  4 ? D DG  4   ? 1_555 105.2 ? 
49 O4 ? C DT  6 ? C DT  6   ? 1_555 HG ? I HG . ? D HG 101 ? 1_555 O6 ? D DG  4 ? D DG  4   ? 1_555 73.8  ? 
50 N3 ? C DT  6 ? C DT  6   ? 1_555 HG ? I HG . ? D HG 101 ? 1_555 N3 ? D DT  5 ? D DT  5   ? 1_555 162.4 ? 
51 O4 ? C DT  6 ? C DT  6   ? 1_555 HG ? I HG . ? D HG 101 ? 1_555 N3 ? D DT  5 ? D DT  5   ? 1_555 137.6 ? 
52 O6 ? D DG  4 ? D DG  4   ? 1_555 HG ? I HG . ? D HG 101 ? 1_555 N3 ? D DT  5 ? D DT  5   ? 1_555 77.7  ? 
53 N3 ? C DT  6 ? C DT  6   ? 1_555 HG ? I HG . ? D HG 101 ? 1_555 O4 ? D DT  5 ? D DT  5   ? 1_555 151.0 ? 
54 O4 ? C DT  6 ? C DT  6   ? 1_555 HG ? I HG . ? D HG 101 ? 1_555 O4 ? D DT  5 ? D DT  5   ? 1_555 93.9  ? 
55 O6 ? D DG  4 ? D DG  4   ? 1_555 HG ? I HG . ? D HG 101 ? 1_555 O4 ? D DT  5 ? D DT  5   ? 1_555 70.3  ? 
56 N3 ? D DT  5 ? D DT  5   ? 1_555 HG ? I HG . ? D HG 101 ? 1_555 O4 ? D DT  5 ? D DT  5   ? 1_555 46.5  ? 
57 N3 ? C DT  6 ? C DT  6   ? 1_555 HG ? I HG . ? D HG 101 ? 1_555 O2 ? D DT  6 ? D DT  6   ? 1_555 86.8  ? 
58 O4 ? C DT  6 ? C DT  6   ? 1_555 HG ? I HG . ? D HG 101 ? 1_555 O2 ? D DT  6 ? D DT  6   ? 1_555 125.3 ? 
59 O6 ? D DG  4 ? D DG  4   ? 1_555 HG ? I HG . ? D HG 101 ? 1_555 O2 ? D DT  6 ? D DT  6   ? 1_555 160.8 ? 
60 N3 ? D DT  5 ? D DT  5   ? 1_555 HG ? I HG . ? D HG 101 ? 1_555 O2 ? D DT  6 ? D DT  6   ? 1_555 86.5  ? 
61 O4 ? D DT  5 ? D DT  5   ? 1_555 HG ? I HG . ? D HG 101 ? 1_555 O2 ? D DT  6 ? D DT  6   ? 1_555 106.4 ? 
62 N3 ? E DT  5 ? E DT  5   ? 1_555 HG ? K HG . ? E HG 101 ? 1_555 O4 ? E DT  5 ? E DT  5   ? 1_555 48.9  ? 
63 N3 ? E DT  5 ? E DT  5   ? 1_555 HG ? K HG . ? E HG 101 ? 1_555 O  ? P HOH . ? E HOH 201 ? 1_555 91.1  ? 
64 O4 ? E DT  5 ? E DT  5   ? 1_555 HG ? K HG . ? E HG 101 ? 1_555 O  ? P HOH . ? E HOH 201 ? 1_555 52.5  ? 
65 N3 ? E DT  5 ? E DT  5   ? 1_555 HG ? K HG . ? E HG 101 ? 1_555 O2 ? F DT  6 ? F DT  6   ? 1_555 134.5 ? 
66 O4 ? E DT  5 ? E DT  5   ? 1_555 HG ? K HG . ? E HG 101 ? 1_555 O2 ? F DT  6 ? F DT  6   ? 1_555 162.0 ? 
67 O  ? P HOH . ? E HOH 201 ? 1_555 HG ? K HG . ? E HG 101 ? 1_555 O2 ? F DT  6 ? F DT  6   ? 1_555 133.5 ? 
68 N3 ? E DT  5 ? E DT  5   ? 1_555 HG ? K HG . ? E HG 101 ? 1_555 N3 ? F DT  6 ? F DT  6   ? 1_555 163.0 ? 
69 O4 ? E DT  5 ? E DT  5   ? 1_555 HG ? K HG . ? E HG 101 ? 1_555 N3 ? F DT  6 ? F DT  6   ? 1_555 123.8 ? 
70 O  ? P HOH . ? E HOH 201 ? 1_555 HG ? K HG . ? E HG 101 ? 1_555 N3 ? F DT  6 ? F DT  6   ? 1_555 75.3  ? 
71 O2 ? F DT  6 ? F DT  6   ? 1_555 HG ? K HG . ? E HG 101 ? 1_555 N3 ? F DT  6 ? F DT  6   ? 1_555 58.2  ? 
72 N3 ? E DT  5 ? E DT  5   ? 1_555 HG ? K HG . ? E HG 101 ? 1_555 O  ? Q HOH . ? F HOH 201 ? 1_555 83.5  ? 
73 O4 ? E DT  5 ? E DT  5   ? 1_555 HG ? K HG . ? E HG 101 ? 1_555 O  ? Q HOH . ? F HOH 201 ? 1_555 50.6  ? 
74 O  ? P HOH . ? E HOH 201 ? 1_555 HG ? K HG . ? E HG 101 ? 1_555 O  ? Q HOH . ? F HOH 201 ? 1_555 76.2  ? 
75 O2 ? F DT  6 ? F DT  6   ? 1_555 HG ? K HG . ? E HG 101 ? 1_555 O  ? Q HOH . ? F HOH 201 ? 1_555 111.8 ? 
76 N3 ? F DT  6 ? F DT  6   ? 1_555 HG ? K HG . ? E HG 101 ? 1_555 O  ? Q HOH . ? F HOH 201 ? 1_555 102.7 ? 
77 N3 ? E DT  6 ? E DT  6   ? 1_555 HG ? L HG . ? F HG 101 ? 1_555 O4 ? E DT  6 ? E DT  6   ? 1_555 50.4  ? 
78 N3 ? E DT  6 ? E DT  6   ? 1_555 HG ? L HG . ? F HG 101 ? 1_555 O6 ? F DG  4 ? F DG  4   ? 1_555 98.1  ? 
79 O4 ? E DT  6 ? E DT  6   ? 1_555 HG ? L HG . ? F HG 101 ? 1_555 O6 ? F DG  4 ? F DG  4   ? 1_555 67.4  ? 
80 N3 ? E DT  6 ? E DT  6   ? 1_555 HG ? L HG . ? F HG 101 ? 1_555 N3 ? F DT  5 ? F DT  5   ? 1_555 175.5 ? 
81 O4 ? E DT  6 ? E DT  6   ? 1_555 HG ? L HG . ? F HG 101 ? 1_555 N3 ? F DT  5 ? F DT  5   ? 1_555 127.3 ? 
82 O6 ? F DG  4 ? F DG  4   ? 1_555 HG ? L HG . ? F HG 101 ? 1_555 N3 ? F DT  5 ? F DT  5   ? 1_555 83.6  ? 
83 N3 ? E DT  6 ? E DT  6   ? 1_555 HG ? L HG . ? F HG 101 ? 1_555 O2 ? F DT  5 ? F DT  5   ? 1_555 131.6 ? 
84 O4 ? E DT  6 ? E DT  6   ? 1_555 HG ? L HG . ? F HG 101 ? 1_555 O2 ? F DT  5 ? F DT  5   ? 1_555 166.8 ? 
85 O6 ? F DG  4 ? F DG  4   ? 1_555 HG ? L HG . ? F HG 101 ? 1_555 O2 ? F DT  5 ? F DT  5   ? 1_555 100.0 ? 
86 N3 ? F DT  5 ? F DT  5   ? 1_555 HG ? L HG . ? F HG 101 ? 1_555 O2 ? F DT  5 ? F DT  5   ? 1_555 51.8  ? 
87 N3 ? E DT  6 ? E DT  6   ? 1_555 HG ? L HG . ? F HG 101 ? 1_555 O  ? Q HOH . ? F HOH 201 ? 1_555 99.9  ? 
88 O4 ? E DT  6 ? E DT  6   ? 1_555 HG ? L HG . ? F HG 101 ? 1_555 O  ? Q HOH . ? F HOH 201 ? 1_555 50.4  ? 
89 O6 ? F DG  4 ? F DG  4   ? 1_555 HG ? L HG . ? F HG 101 ? 1_555 O  ? Q HOH . ? F HOH 201 ? 1_555 60.9  ? 
90 N3 ? F DT  5 ? F DT  5   ? 1_555 HG ? L HG . ? F HG 101 ? 1_555 O  ? Q HOH . ? F HOH 201 ? 1_555 77.2  ? 
91 O2 ? F DT  5 ? F DT  5   ? 1_555 HG ? L HG . ? F HG 101 ? 1_555 O  ? Q HOH . ? F HOH 201 ? 1_555 128.1 ? 
# 
loop_
_struct_site.id 
_struct_site.pdbx_evidence_code 
_struct_site.pdbx_auth_asym_id 
_struct_site.pdbx_auth_comp_id 
_struct_site.pdbx_auth_seq_id 
_struct_site.pdbx_auth_ins_code 
_struct_site.pdbx_num_residues 
_struct_site.details 
AC1 Software B HG 101 ? 5 'BINDING SITE FOR RESIDUE HG B 101' 
AC2 Software B HG 102 ? 5 'BINDING SITE FOR RESIDUE HG B 102' 
AC3 Software D HG 101 ? 6 'BINDING SITE FOR RESIDUE HG D 101' 
AC4 Software D HG 102 ? 6 'BINDING SITE FOR RESIDUE HG D 102' 
AC5 Software E HG 101 ? 5 'BINDING SITE FOR RESIDUE HG E 101' 
AC6 Software F HG 101 ? 6 'BINDING SITE FOR RESIDUE HG F 101' 
# 
loop_
_struct_site_gen.id 
_struct_site_gen.site_id 
_struct_site_gen.pdbx_num_res 
_struct_site_gen.label_comp_id 
_struct_site_gen.label_asym_id 
_struct_site_gen.label_seq_id 
_struct_site_gen.pdbx_auth_ins_code 
_struct_site_gen.auth_comp_id 
_struct_site_gen.auth_asym_id 
_struct_site_gen.auth_seq_id 
_struct_site_gen.label_atom_id 
_struct_site_gen.label_alt_id 
_struct_site_gen.symmetry 
_struct_site_gen.details 
1  AC1 5 DT  A 5 ? DT  A 5   . ? 1_555 ? 
2  AC1 5 DT  B 5 ? DT  B 5   . ? 1_555 ? 
3  AC1 5 DT  B 6 ? DT  B 6   . ? 1_555 ? 
4  AC1 5 DG  B 7 ? DG  B 7   . ? 1_555 ? 
5  AC1 5 HG  H . ? HG  B 102 . ? 1_555 ? 
6  AC2 5 DT  A 6 ? DT  A 6   . ? 1_555 ? 
7  AC2 5 DG  B 4 ? DG  B 4   . ? 1_555 ? 
8  AC2 5 DT  B 5 ? DT  B 5   . ? 1_555 ? 
9  AC2 5 DT  B 6 ? DT  B 6   . ? 1_555 ? 
10 AC2 5 HG  G . ? HG  B 101 . ? 1_555 ? 
11 AC3 6 DT  C 6 ? DT  C 6   . ? 1_555 ? 
12 AC3 6 DC  C 7 ? DC  C 7   . ? 1_555 ? 
13 AC3 6 DG  D 4 ? DG  D 4   . ? 1_555 ? 
14 AC3 6 DT  D 5 ? DT  D 5   . ? 1_555 ? 
15 AC3 6 DT  D 6 ? DT  D 6   . ? 1_555 ? 
16 AC3 6 HG  J . ? HG  D 102 . ? 1_555 ? 
17 AC4 6 DC  C 4 ? DC  C 4   . ? 1_555 ? 
18 AC4 6 DT  C 5 ? DT  C 5   . ? 1_555 ? 
19 AC4 6 DT  D 5 ? DT  D 5   . ? 1_555 ? 
20 AC4 6 DT  D 6 ? DT  D 6   . ? 1_555 ? 
21 AC4 6 DG  D 7 ? DG  D 7   . ? 1_555 ? 
22 AC4 6 HG  I . ? HG  D 101 . ? 1_555 ? 
23 AC5 5 DT  E 5 ? DT  E 5   . ? 1_555 ? 
24 AC5 5 HOH P . ? HOH E 201 . ? 1_555 ? 
25 AC5 5 DT  F 6 ? DT  F 6   . ? 1_555 ? 
26 AC5 5 DG  F 7 ? DG  F 7   . ? 1_555 ? 
27 AC5 5 HG  L . ? HG  F 101 . ? 1_555 ? 
28 AC6 6 DT  E 6 ? DT  E 6   . ? 1_555 ? 
29 AC6 6 HG  K . ? HG  E 101 . ? 1_555 ? 
30 AC6 6 DG  F 4 ? DG  F 4   . ? 1_555 ? 
31 AC6 6 DT  F 5 ? DT  F 5   . ? 1_555 ? 
32 AC6 6 DT  F 6 ? DT  F 6   . ? 1_555 ? 
33 AC6 6 HOH Q . ? HOH F 201 . ? 1_555 ? 
# 
_pdbx_validate_close_contact.id               1 
_pdbx_validate_close_contact.PDB_model_num    1 
_pdbx_validate_close_contact.auth_atom_id_1   O 
_pdbx_validate_close_contact.auth_asym_id_1   F 
_pdbx_validate_close_contact.auth_comp_id_1   HOH 
_pdbx_validate_close_contact.auth_seq_id_1    202 
_pdbx_validate_close_contact.PDB_ins_code_1   ? 
_pdbx_validate_close_contact.label_alt_id_1   ? 
_pdbx_validate_close_contact.auth_atom_id_2   O 
_pdbx_validate_close_contact.auth_asym_id_2   F 
_pdbx_validate_close_contact.auth_comp_id_2   HOH 
_pdbx_validate_close_contact.auth_seq_id_2    203 
_pdbx_validate_close_contact.PDB_ins_code_2   ? 
_pdbx_validate_close_contact.label_alt_id_2   ? 
_pdbx_validate_close_contact.dist             1.99 
# 
_pdbx_validate_rmsd_angle.id                         1 
_pdbx_validate_rmsd_angle.PDB_model_num              1 
_pdbx_validate_rmsd_angle.auth_atom_id_1             "O4'" 
_pdbx_validate_rmsd_angle.auth_asym_id_1             E 
_pdbx_validate_rmsd_angle.auth_comp_id_1             DA 
_pdbx_validate_rmsd_angle.auth_seq_id_1              3 
_pdbx_validate_rmsd_angle.PDB_ins_code_1             ? 
_pdbx_validate_rmsd_angle.label_alt_id_1             ? 
_pdbx_validate_rmsd_angle.auth_atom_id_2             "C1'" 
_pdbx_validate_rmsd_angle.auth_asym_id_2             E 
_pdbx_validate_rmsd_angle.auth_comp_id_2             DA 
_pdbx_validate_rmsd_angle.auth_seq_id_2              3 
_pdbx_validate_rmsd_angle.PDB_ins_code_2             ? 
_pdbx_validate_rmsd_angle.label_alt_id_2             ? 
_pdbx_validate_rmsd_angle.auth_atom_id_3             N9 
_pdbx_validate_rmsd_angle.auth_asym_id_3             E 
_pdbx_validate_rmsd_angle.auth_comp_id_3             DA 
_pdbx_validate_rmsd_angle.auth_seq_id_3              3 
_pdbx_validate_rmsd_angle.PDB_ins_code_3             ? 
_pdbx_validate_rmsd_angle.label_alt_id_3             ? 
_pdbx_validate_rmsd_angle.angle_value                110.31 
_pdbx_validate_rmsd_angle.angle_target_value         108.30 
_pdbx_validate_rmsd_angle.angle_deviation            2.01 
_pdbx_validate_rmsd_angle.angle_standard_deviation   0.30 
_pdbx_validate_rmsd_angle.linker_flag                N 
# 
loop_
_chem_comp_atom.comp_id 
_chem_comp_atom.atom_id 
_chem_comp_atom.type_symbol 
_chem_comp_atom.pdbx_aromatic_flag 
_chem_comp_atom.pdbx_stereo_config 
_chem_comp_atom.pdbx_ordinal 
DA  OP3    O  N N 1   
DA  P      P  N N 2   
DA  OP1    O  N N 3   
DA  OP2    O  N N 4   
DA  "O5'"  O  N N 5   
DA  "C5'"  C  N N 6   
DA  "C4'"  C  N R 7   
DA  "O4'"  O  N N 8   
DA  "C3'"  C  N S 9   
DA  "O3'"  O  N N 10  
DA  "C2'"  C  N N 11  
DA  "C1'"  C  N R 12  
DA  N9     N  Y N 13  
DA  C8     C  Y N 14  
DA  N7     N  Y N 15  
DA  C5     C  Y N 16  
DA  C6     C  Y N 17  
DA  N6     N  N N 18  
DA  N1     N  Y N 19  
DA  C2     C  Y N 20  
DA  N3     N  Y N 21  
DA  C4     C  Y N 22  
DA  HOP3   H  N N 23  
DA  HOP2   H  N N 24  
DA  "H5'"  H  N N 25  
DA  "H5''" H  N N 26  
DA  "H4'"  H  N N 27  
DA  "H3'"  H  N N 28  
DA  "HO3'" H  N N 29  
DA  "H2'"  H  N N 30  
DA  "H2''" H  N N 31  
DA  "H1'"  H  N N 32  
DA  H8     H  N N 33  
DA  H61    H  N N 34  
DA  H62    H  N N 35  
DA  H2     H  N N 36  
DC  OP3    O  N N 37  
DC  P      P  N N 38  
DC  OP1    O  N N 39  
DC  OP2    O  N N 40  
DC  "O5'"  O  N N 41  
DC  "C5'"  C  N N 42  
DC  "C4'"  C  N R 43  
DC  "O4'"  O  N N 44  
DC  "C3'"  C  N S 45  
DC  "O3'"  O  N N 46  
DC  "C2'"  C  N N 47  
DC  "C1'"  C  N R 48  
DC  N1     N  N N 49  
DC  C2     C  N N 50  
DC  O2     O  N N 51  
DC  N3     N  N N 52  
DC  C4     C  N N 53  
DC  N4     N  N N 54  
DC  C5     C  N N 55  
DC  C6     C  N N 56  
DC  HOP3   H  N N 57  
DC  HOP2   H  N N 58  
DC  "H5'"  H  N N 59  
DC  "H5''" H  N N 60  
DC  "H4'"  H  N N 61  
DC  "H3'"  H  N N 62  
DC  "HO3'" H  N N 63  
DC  "H2'"  H  N N 64  
DC  "H2''" H  N N 65  
DC  "H1'"  H  N N 66  
DC  H41    H  N N 67  
DC  H42    H  N N 68  
DC  H5     H  N N 69  
DC  H6     H  N N 70  
DG  OP3    O  N N 71  
DG  P      P  N N 72  
DG  OP1    O  N N 73  
DG  OP2    O  N N 74  
DG  "O5'"  O  N N 75  
DG  "C5'"  C  N N 76  
DG  "C4'"  C  N R 77  
DG  "O4'"  O  N N 78  
DG  "C3'"  C  N S 79  
DG  "O3'"  O  N N 80  
DG  "C2'"  C  N N 81  
DG  "C1'"  C  N R 82  
DG  N9     N  Y N 83  
DG  C8     C  Y N 84  
DG  N7     N  Y N 85  
DG  C5     C  Y N 86  
DG  C6     C  N N 87  
DG  O6     O  N N 88  
DG  N1     N  N N 89  
DG  C2     C  N N 90  
DG  N2     N  N N 91  
DG  N3     N  N N 92  
DG  C4     C  Y N 93  
DG  HOP3   H  N N 94  
DG  HOP2   H  N N 95  
DG  "H5'"  H  N N 96  
DG  "H5''" H  N N 97  
DG  "H4'"  H  N N 98  
DG  "H3'"  H  N N 99  
DG  "HO3'" H  N N 100 
DG  "H2'"  H  N N 101 
DG  "H2''" H  N N 102 
DG  "H1'"  H  N N 103 
DG  H8     H  N N 104 
DG  H1     H  N N 105 
DG  H21    H  N N 106 
DG  H22    H  N N 107 
DT  OP3    O  N N 108 
DT  P      P  N N 109 
DT  OP1    O  N N 110 
DT  OP2    O  N N 111 
DT  "O5'"  O  N N 112 
DT  "C5'"  C  N N 113 
DT  "C4'"  C  N R 114 
DT  "O4'"  O  N N 115 
DT  "C3'"  C  N S 116 
DT  "O3'"  O  N N 117 
DT  "C2'"  C  N N 118 
DT  "C1'"  C  N R 119 
DT  N1     N  N N 120 
DT  C2     C  N N 121 
DT  O2     O  N N 122 
DT  N3     N  N N 123 
DT  C4     C  N N 124 
DT  O4     O  N N 125 
DT  C5     C  N N 126 
DT  C7     C  N N 127 
DT  C6     C  N N 128 
DT  HOP3   H  N N 129 
DT  HOP2   H  N N 130 
DT  "H5'"  H  N N 131 
DT  "H5''" H  N N 132 
DT  "H4'"  H  N N 133 
DT  "H3'"  H  N N 134 
DT  "HO3'" H  N N 135 
DT  "H2'"  H  N N 136 
DT  "H2''" H  N N 137 
DT  "H1'"  H  N N 138 
DT  H3     H  N N 139 
DT  H71    H  N N 140 
DT  H72    H  N N 141 
DT  H73    H  N N 142 
DT  H6     H  N N 143 
HG  HG     HG N N 144 
HOH O      O  N N 145 
HOH H1     H  N N 146 
HOH H2     H  N N 147 
# 
loop_
_chem_comp_bond.comp_id 
_chem_comp_bond.atom_id_1 
_chem_comp_bond.atom_id_2 
_chem_comp_bond.value_order 
_chem_comp_bond.pdbx_aromatic_flag 
_chem_comp_bond.pdbx_stereo_config 
_chem_comp_bond.pdbx_ordinal 
DA  OP3   P      sing N N 1   
DA  OP3   HOP3   sing N N 2   
DA  P     OP1    doub N N 3   
DA  P     OP2    sing N N 4   
DA  P     "O5'"  sing N N 5   
DA  OP2   HOP2   sing N N 6   
DA  "O5'" "C5'"  sing N N 7   
DA  "C5'" "C4'"  sing N N 8   
DA  "C5'" "H5'"  sing N N 9   
DA  "C5'" "H5''" sing N N 10  
DA  "C4'" "O4'"  sing N N 11  
DA  "C4'" "C3'"  sing N N 12  
DA  "C4'" "H4'"  sing N N 13  
DA  "O4'" "C1'"  sing N N 14  
DA  "C3'" "O3'"  sing N N 15  
DA  "C3'" "C2'"  sing N N 16  
DA  "C3'" "H3'"  sing N N 17  
DA  "O3'" "HO3'" sing N N 18  
DA  "C2'" "C1'"  sing N N 19  
DA  "C2'" "H2'"  sing N N 20  
DA  "C2'" "H2''" sing N N 21  
DA  "C1'" N9     sing N N 22  
DA  "C1'" "H1'"  sing N N 23  
DA  N9    C8     sing Y N 24  
DA  N9    C4     sing Y N 25  
DA  C8    N7     doub Y N 26  
DA  C8    H8     sing N N 27  
DA  N7    C5     sing Y N 28  
DA  C5    C6     sing Y N 29  
DA  C5    C4     doub Y N 30  
DA  C6    N6     sing N N 31  
DA  C6    N1     doub Y N 32  
DA  N6    H61    sing N N 33  
DA  N6    H62    sing N N 34  
DA  N1    C2     sing Y N 35  
DA  C2    N3     doub Y N 36  
DA  C2    H2     sing N N 37  
DA  N3    C4     sing Y N 38  
DC  OP3   P      sing N N 39  
DC  OP3   HOP3   sing N N 40  
DC  P     OP1    doub N N 41  
DC  P     OP2    sing N N 42  
DC  P     "O5'"  sing N N 43  
DC  OP2   HOP2   sing N N 44  
DC  "O5'" "C5'"  sing N N 45  
DC  "C5'" "C4'"  sing N N 46  
DC  "C5'" "H5'"  sing N N 47  
DC  "C5'" "H5''" sing N N 48  
DC  "C4'" "O4'"  sing N N 49  
DC  "C4'" "C3'"  sing N N 50  
DC  "C4'" "H4'"  sing N N 51  
DC  "O4'" "C1'"  sing N N 52  
DC  "C3'" "O3'"  sing N N 53  
DC  "C3'" "C2'"  sing N N 54  
DC  "C3'" "H3'"  sing N N 55  
DC  "O3'" "HO3'" sing N N 56  
DC  "C2'" "C1'"  sing N N 57  
DC  "C2'" "H2'"  sing N N 58  
DC  "C2'" "H2''" sing N N 59  
DC  "C1'" N1     sing N N 60  
DC  "C1'" "H1'"  sing N N 61  
DC  N1    C2     sing N N 62  
DC  N1    C6     sing N N 63  
DC  C2    O2     doub N N 64  
DC  C2    N3     sing N N 65  
DC  N3    C4     doub N N 66  
DC  C4    N4     sing N N 67  
DC  C4    C5     sing N N 68  
DC  N4    H41    sing N N 69  
DC  N4    H42    sing N N 70  
DC  C5    C6     doub N N 71  
DC  C5    H5     sing N N 72  
DC  C6    H6     sing N N 73  
DG  OP3   P      sing N N 74  
DG  OP3   HOP3   sing N N 75  
DG  P     OP1    doub N N 76  
DG  P     OP2    sing N N 77  
DG  P     "O5'"  sing N N 78  
DG  OP2   HOP2   sing N N 79  
DG  "O5'" "C5'"  sing N N 80  
DG  "C5'" "C4'"  sing N N 81  
DG  "C5'" "H5'"  sing N N 82  
DG  "C5'" "H5''" sing N N 83  
DG  "C4'" "O4'"  sing N N 84  
DG  "C4'" "C3'"  sing N N 85  
DG  "C4'" "H4'"  sing N N 86  
DG  "O4'" "C1'"  sing N N 87  
DG  "C3'" "O3'"  sing N N 88  
DG  "C3'" "C2'"  sing N N 89  
DG  "C3'" "H3'"  sing N N 90  
DG  "O3'" "HO3'" sing N N 91  
DG  "C2'" "C1'"  sing N N 92  
DG  "C2'" "H2'"  sing N N 93  
DG  "C2'" "H2''" sing N N 94  
DG  "C1'" N9     sing N N 95  
DG  "C1'" "H1'"  sing N N 96  
DG  N9    C8     sing Y N 97  
DG  N9    C4     sing Y N 98  
DG  C8    N7     doub Y N 99  
DG  C8    H8     sing N N 100 
DG  N7    C5     sing Y N 101 
DG  C5    C6     sing N N 102 
DG  C5    C4     doub Y N 103 
DG  C6    O6     doub N N 104 
DG  C6    N1     sing N N 105 
DG  N1    C2     sing N N 106 
DG  N1    H1     sing N N 107 
DG  C2    N2     sing N N 108 
DG  C2    N3     doub N N 109 
DG  N2    H21    sing N N 110 
DG  N2    H22    sing N N 111 
DG  N3    C4     sing N N 112 
DT  OP3   P      sing N N 113 
DT  OP3   HOP3   sing N N 114 
DT  P     OP1    doub N N 115 
DT  P     OP2    sing N N 116 
DT  P     "O5'"  sing N N 117 
DT  OP2   HOP2   sing N N 118 
DT  "O5'" "C5'"  sing N N 119 
DT  "C5'" "C4'"  sing N N 120 
DT  "C5'" "H5'"  sing N N 121 
DT  "C5'" "H5''" sing N N 122 
DT  "C4'" "O4'"  sing N N 123 
DT  "C4'" "C3'"  sing N N 124 
DT  "C4'" "H4'"  sing N N 125 
DT  "O4'" "C1'"  sing N N 126 
DT  "C3'" "O3'"  sing N N 127 
DT  "C3'" "C2'"  sing N N 128 
DT  "C3'" "H3'"  sing N N 129 
DT  "O3'" "HO3'" sing N N 130 
DT  "C2'" "C1'"  sing N N 131 
DT  "C2'" "H2'"  sing N N 132 
DT  "C2'" "H2''" sing N N 133 
DT  "C1'" N1     sing N N 134 
DT  "C1'" "H1'"  sing N N 135 
DT  N1    C2     sing N N 136 
DT  N1    C6     sing N N 137 
DT  C2    O2     doub N N 138 
DT  C2    N3     sing N N 139 
DT  N3    C4     sing N N 140 
DT  N3    H3     sing N N 141 
DT  C4    O4     doub N N 142 
DT  C4    C5     sing N N 143 
DT  C5    C7     sing N N 144 
DT  C5    C6     doub N N 145 
DT  C7    H71    sing N N 146 
DT  C7    H72    sing N N 147 
DT  C7    H73    sing N N 148 
DT  C6    H6     sing N N 149 
HOH O     H1     sing N N 150 
HOH O     H2     sing N N 151 
# 
loop_
_ndb_struct_conf_na.entry_id 
_ndb_struct_conf_na.feature 
4R6M 'double helix'        
4R6M 'b-form double helix' 
4R6M 'internal loop'       
# 
loop_
_ndb_struct_na_base_pair.model_number 
_ndb_struct_na_base_pair.i_label_asym_id 
_ndb_struct_na_base_pair.i_label_comp_id 
_ndb_struct_na_base_pair.i_label_seq_id 
_ndb_struct_na_base_pair.i_symmetry 
_ndb_struct_na_base_pair.j_label_asym_id 
_ndb_struct_na_base_pair.j_label_comp_id 
_ndb_struct_na_base_pair.j_label_seq_id 
_ndb_struct_na_base_pair.j_symmetry 
_ndb_struct_na_base_pair.shear 
_ndb_struct_na_base_pair.stretch 
_ndb_struct_na_base_pair.stagger 
_ndb_struct_na_base_pair.buckle 
_ndb_struct_na_base_pair.propeller 
_ndb_struct_na_base_pair.opening 
_ndb_struct_na_base_pair.pair_number 
_ndb_struct_na_base_pair.pair_name 
_ndb_struct_na_base_pair.i_auth_asym_id 
_ndb_struct_na_base_pair.i_auth_seq_id 
_ndb_struct_na_base_pair.i_PDB_ins_code 
_ndb_struct_na_base_pair.j_auth_asym_id 
_ndb_struct_na_base_pair.j_auth_seq_id 
_ndb_struct_na_base_pair.j_PDB_ins_code 
_ndb_struct_na_base_pair.hbond_type_28 
_ndb_struct_na_base_pair.hbond_type_12 
1 A DG 1  1_555 B DC 10 1_555 0.032  -0.222 -0.201 -2.130  -1.475  0.688  1  A_DG1:DC10_B A 1  ? B 10 ? 19 1 
1 A DG 2  1_555 B DC 9  1_555 0.031  -0.153 0.343  3.755   -3.761  -1.255 2  A_DG2:DC9_B  A 2  ? B 9  ? 19 1 
1 A DA 3  1_555 B DT 8  1_555 0.108  0.031  0.479  11.822  -9.832  -7.037 3  A_DA3:DT8_B  A 3  ? B 8  ? 20 1 
1 A DC 4  1_555 B DG 7  1_555 0.723  0.015  -0.378 19.339  1.344   0.970  4  A_DC4:DG7_B  A 4  ? B 7  ? 19 1 
1 A DT 5  1_555 F DC 1  1_555 7.526  -4.932 -0.284 38.804  -33.709 -2.181 5  A_DT5:DC1_F  A 5  ? F 1  ? ?  ? 
1 A DC 7  1_555 B DG 4  1_555 0.025  -0.091 0.470  -7.797  -20.051 -1.262 6  A_DC7:DG4_B  A 7  ? B 4  ? 19 1 
1 A DG 8  1_555 B DC 3  1_555 0.093  -0.159 0.522  4.878   -1.611  -4.122 7  A_DG8:DC3_B  A 8  ? B 3  ? 19 1 
1 A DC 9  1_555 B DG 2  1_555 -0.170 -0.141 0.561  4.875   -6.656  -0.728 8  A_DC9:DG2_B  A 9  ? B 2  ? 19 1 
1 C DG 1  1_555 D DC 10 1_555 0.311  0.011  -0.172 -0.194  -2.498  -2.446 9  C_DG1:DC10_D C 1  ? D 10 ? 19 1 
1 C DG 2  1_555 D DC 9  1_555 -0.238 0.018  0.352  2.742   -7.230  -7.981 10 C_DG2:DC9_D  C 2  ? D 9  ? 19 1 
1 C DA 3  1_555 D DT 8  1_555 0.236  -0.030 0.537  14.972  -4.159  -0.724 11 C_DA3:DT8_D  C 3  ? D 8  ? 20 1 
1 C DC 4  1_555 D DG 7  1_555 0.408  -0.041 -0.126 19.954  -3.268  -1.390 12 C_DC4:DG7_D  C 4  ? D 7  ? 19 1 
1 B DC 1  1_555 D DT 6  1_555 -5.582 -1.563 -0.020 -48.606 -27.913 41.084 13 B_DC1:DT6_D  B 1  ? D 6  ? ?  ? 
1 C DC 7  1_555 D DG 4  1_555 0.943  -0.272 -0.069 -1.768  -13.867 1.301  14 C_DC7:DG4_D  C 7  ? D 4  ? 19 1 
1 C DG 8  1_555 D DC 3  1_555 -0.354 0.148  0.853  1.116   -18.574 -0.257 15 C_DG8:DC3_D  C 8  ? D 3  ? 19 1 
1 C DC 9  1_555 D DG 2  1_555 0.192  0.269  0.121  9.783   -3.537  10.304 16 C_DC9:DG2_D  C 9  ? D 2  ? ?  1 
1 C DG 10 1_555 D DC 1  1_555 -0.132 -0.132 0.457  9.349   -0.980  -0.672 17 C_DG10:DC1_D C 10 ? D 1  ? 19 1 
1 E DG 1  1_555 F DC 10 1_555 0.358  -0.157 0.987  14.991  -1.249  0.935  18 E_DG1:DC10_F E 1  ? F 10 ? 19 1 
1 E DG 2  1_555 F DC 9  1_555 -0.209 -0.135 0.277  -3.752  -3.788  -4.815 19 E_DG2:DC9_F  E 2  ? F 9  ? 19 1 
1 E DC 4  1_555 F DG 7  1_555 0.601  -0.463 -0.112 18.361  -1.963  3.020  20 E_DC4:DG7_F  E 4  ? F 7  ? 19 1 
1 E DC 7  1_555 F DG 4  1_555 -0.093 -0.396 0.506  -12.224 -14.011 -2.776 21 E_DC7:DG4_F  E 7  ? F 4  ? 19 1 
1 E DG 8  1_555 F DC 3  1_555 0.123  0.110  0.674  4.529   -11.423 4.443  22 E_DG8:DC3_F  E 8  ? F 3  ? 19 1 
1 E DC 9  1_555 F DG 2  1_555 0.209  -0.089 0.451  2.862   -6.690  0.303  23 E_DC9:DG2_F  E 9  ? F 2  ? 19 1 
# 
loop_
_ndb_struct_na_base_pair_step.model_number 
_ndb_struct_na_base_pair_step.i_label_asym_id_1 
_ndb_struct_na_base_pair_step.i_label_comp_id_1 
_ndb_struct_na_base_pair_step.i_label_seq_id_1 
_ndb_struct_na_base_pair_step.i_symmetry_1 
_ndb_struct_na_base_pair_step.j_label_asym_id_1 
_ndb_struct_na_base_pair_step.j_label_comp_id_1 
_ndb_struct_na_base_pair_step.j_label_seq_id_1 
_ndb_struct_na_base_pair_step.j_symmetry_1 
_ndb_struct_na_base_pair_step.i_label_asym_id_2 
_ndb_struct_na_base_pair_step.i_label_comp_id_2 
_ndb_struct_na_base_pair_step.i_label_seq_id_2 
_ndb_struct_na_base_pair_step.i_symmetry_2 
_ndb_struct_na_base_pair_step.j_label_asym_id_2 
_ndb_struct_na_base_pair_step.j_label_comp_id_2 
_ndb_struct_na_base_pair_step.j_label_seq_id_2 
_ndb_struct_na_base_pair_step.j_symmetry_2 
_ndb_struct_na_base_pair_step.shift 
_ndb_struct_na_base_pair_step.slide 
_ndb_struct_na_base_pair_step.rise 
_ndb_struct_na_base_pair_step.tilt 
_ndb_struct_na_base_pair_step.roll 
_ndb_struct_na_base_pair_step.twist 
_ndb_struct_na_base_pair_step.x_displacement 
_ndb_struct_na_base_pair_step.y_displacement 
_ndb_struct_na_base_pair_step.helical_rise 
_ndb_struct_na_base_pair_step.inclination 
_ndb_struct_na_base_pair_step.tip 
_ndb_struct_na_base_pair_step.helical_twist 
_ndb_struct_na_base_pair_step.step_number 
_ndb_struct_na_base_pair_step.step_name 
_ndb_struct_na_base_pair_step.i_auth_asym_id_1 
_ndb_struct_na_base_pair_step.i_auth_seq_id_1 
_ndb_struct_na_base_pair_step.i_PDB_ins_code_1 
_ndb_struct_na_base_pair_step.j_auth_asym_id_1 
_ndb_struct_na_base_pair_step.j_auth_seq_id_1 
_ndb_struct_na_base_pair_step.j_PDB_ins_code_1 
_ndb_struct_na_base_pair_step.i_auth_asym_id_2 
_ndb_struct_na_base_pair_step.i_auth_seq_id_2 
_ndb_struct_na_base_pair_step.i_PDB_ins_code_2 
_ndb_struct_na_base_pair_step.j_auth_asym_id_2 
_ndb_struct_na_base_pair_step.j_auth_seq_id_2 
_ndb_struct_na_base_pair_step.j_PDB_ins_code_2 
1 A DG 1 1_555 B DC 10 1_555 A DG 2  1_555 B DC 9 1_555 -0.654 -0.585 3.125 -6.165  -0.802 33.204 -0.880 0.152  3.204 -1.388 
10.671  33.765 1  AA_DG1DG2:DC9DC10_BB A 1 ? B 10 ? A 2  ? B 9 ? 
1 A DG 2 1_555 B DC 9  1_555 A DA 3  1_555 B DT 8 1_555 -0.670 -0.421 3.063 -0.885  0.542  34.040 -0.800 1.013  3.072 0.925  1.512 
34.056 2  AA_DG2DA3:DT8DC9_BB  A 2 ? B 9  ? A 3  ? B 8 ? 
1 A DA 3 1_555 B DT 8  1_555 A DC 4  1_555 B DG 7 1_555 0.976  -0.501 3.238 6.680   -1.050 32.413 -0.698 -0.561 3.381 -1.856 
-11.807 33.092 3  AA_DA3DC4:DG7DT8_BB  A 3 ? B 8  ? A 4  ? B 7 ? 
1 A DC 4 1_555 B DG 7  1_555 A DT 5  1_555 F DC 1 1_555 -1.982 -0.531 3.248 -12.382 3.113  49.428 -0.848 1.388  3.578 3.652  
14.529  50.950 4  AA_DC4DT5:DC1DG7_FB  A 4 ? B 7  ? A 5  ? F 1 ? 
1 A DC 7 1_555 B DG 4  1_555 A DG 8  1_555 B DC 3 1_555 0.340  0.475  3.104 -1.341  4.198  29.986 0.099  -0.910 3.122 8.058  2.575 
30.301 5  AA_DC7DG8:DC3DG4_BB  A 7 ? B 4  ? A 8  ? B 3 ? 
1 A DG 8 1_555 B DC 3  1_555 A DC 9  1_555 B DG 2 1_555 -0.501 0.134  3.374 -2.986  -5.368 34.460 1.060  0.367  3.346 -8.972 4.991 
34.987 6  AA_DG8DC9:DG2DC3_BB  A 8 ? B 3  ? A 9  ? B 2 ? 
1 C DG 1 1_555 D DC 10 1_555 C DG 2  1_555 D DC 9 1_555 -0.598 -0.702 3.165 -5.665  -1.517 32.703 -0.977 0.108  3.249 -2.668 9.961 
33.211 7  CC_DG1DG2:DC9DC10_DD C 1 ? D 10 ? C 2  ? D 9 ? 
1 C DG 2 1_555 D DC 9  1_555 C DA 3  1_555 D DT 8 1_555 0.201  -0.426 3.000 -1.542  2.751  35.445 -1.063 -0.533 2.949 4.508  2.527 
35.581 8  CC_DG2DA3:DT8DC9_DD  C 2 ? D 9  ? C 3  ? D 8 ? 
1 C DA 3 1_555 D DT 8  1_555 C DC 4  1_555 D DG 7 1_555 0.479  -0.562 3.197 3.935   0.533  30.624 -1.158 -0.148 3.222 1.003  
-7.411  30.874 9  CC_DA3DC4:DG7DT8_DD  C 3 ? D 8  ? C 4  ? D 7 ? 
1 C DC 4 1_555 D DG 7  1_555 B DC 1  1_555 D DT 6 1_555 -0.614 -3.229 3.824 -10.293 28.489 46.971 -5.056 0.088  1.819 32.151 
11.616  55.423 10 CB_DC4DC1:DT6DG7_DD  C 4 ? D 7  ? B 1  ? D 6 ? 
1 B DC 1 1_555 D DT 6  1_555 C DC 7  1_555 D DG 4 1_555 -0.062 -1.062 5.796 4.480   -6.605 65.534 -0.499 0.380  5.853 -6.078 
-4.123  65.964 11 BC_DC1DC7:DG4DT6_DD  B 1 ? D 6  ? C 7  ? D 4 ? 
1 C DC 7 1_555 D DG 4  1_555 C DG 8  1_555 D DC 3 1_555 -0.580 0.373  3.089 -9.230  8.867  31.843 -0.744 -0.449 3.124 15.407 
16.036  34.257 12 CC_DC7DG8:DC3DG4_DD  C 7 ? D 4  ? C 8  ? D 3 ? 
1 C DG 8 1_555 D DC 3  1_555 C DC 9  1_555 D DG 2 1_555 0.132  0.038  3.101 5.223   -2.471 34.777 0.412  0.519  3.078 -4.098 
-8.664  35.239 13 CC_DG8DC9:DG2DC3_DD  C 8 ? D 3  ? C 9  ? D 2 ? 
1 C DC 9 1_555 D DG 2  1_555 C DG 10 1_555 D DC 1 1_555 0.277  -0.175 3.381 -1.900  -2.537 30.842 0.178  -0.896 3.362 -4.755 3.562 
31.001 14 CC_DC9DG10:DC1DG2_DD C 9 ? D 2  ? C 10 ? D 1 ? 
1 E DG 1 1_555 F DC 10 1_555 E DG 2  1_555 F DC 9 1_555 -0.859 -0.895 3.680 1.882   6.327  33.594 -2.613 1.785  3.408 10.817 
-3.218  34.218 15 EE_DG1DG2:DC9DC10_FF E 1 ? F 10 ? E 2  ? F 9 ? 
1 E DG 2 1_555 F DC 9  1_555 E DC 4  1_555 F DG 7 1_555 0.864  -1.141 6.136 -2.635  5.205  62.523 -1.530 -1.049 5.997 5.004  2.533 
62.767 16 EE_DG2DC4:DG7DC9_FF  E 2 ? F 9  ? E 4  ? F 7 ? 
1 E DC 7 1_555 F DG 4  1_555 E DG 8  1_555 F DC 3 1_555 0.332  0.454  2.927 -1.667  2.479  31.723 0.422  -0.878 2.932 4.523  3.041 
31.860 17 EE_DC7DG8:DC3DG4_FF  E 7 ? F 4  ? E 8  ? F 3 ? 
1 E DG 8 1_555 F DC 3  1_555 E DC 9  1_555 F DG 2 1_555 -0.827 0.252  3.498 -1.814  -5.154 35.719 1.186  1.059  3.466 -8.343 2.936 
36.121 18 EE_DG8DC9:DG2DC3_FF  E 8 ? F 3  ? E 9  ? F 2 ? 
# 
_atom_sites.entry_id                    4R6M 
_atom_sites.fract_transf_matrix[1][1]   0.00137577 
_atom_sites.fract_transf_matrix[1][2]   0.00993009 
_atom_sites.fract_transf_matrix[1][3]   -0.01286829 
_atom_sites.fract_transf_matrix[2][1]   -0.00905560 
_atom_sites.fract_transf_matrix[2][2]   0.01354157 
_atom_sites.fract_transf_matrix[2][3]   -0.00085778 
_atom_sites.fract_transf_matrix[3][1]   0.00665679 
_atom_sites.fract_transf_matrix[3][2]   0.00472774 
_atom_sites.fract_transf_matrix[3][3]   0.00435995 
_atom_sites.fract_transf_vector[1]      0.194959 
_atom_sites.fract_transf_vector[2]      0.828216 
_atom_sites.fract_transf_vector[3]      0.109389 
# 
loop_
_atom_type.symbol 
C  
HG 
N  
O  
P  
# 
loop_
_atom_site.group_PDB 
_atom_site.id 
_atom_site.type_symbol 
_atom_site.label_atom_id 
_atom_site.label_alt_id 
_atom_site.label_comp_id 
_atom_site.label_asym_id 
_atom_site.label_entity_id 
_atom_site.label_seq_id 
_atom_site.pdbx_PDB_ins_code 
_atom_site.Cartn_x 
_atom_site.Cartn_y 
_atom_site.Cartn_z 
_atom_site.occupancy 
_atom_site.B_iso_or_equiv 
_atom_site.pdbx_formal_charge 
_atom_site.auth_seq_id 
_atom_site.auth_comp_id 
_atom_site.auth_asym_id 
_atom_site.auth_atom_id 
_atom_site.pdbx_PDB_model_num 
ATOM   1    P  P     . DG  A 1 1  ? -5.766  -8.493  15.049  1.00   134.47 ? 1   DG  A P     1 
ATOM   2    O  OP1   . DG  A 1 1  ? -6.243  -9.361  13.949  1.00   130.25 ? 1   DG  A OP1   1 
ATOM   3    O  OP2   . DG  A 1 1  ? -4.315  -8.360  15.312  1.00   104.39 ? 1   DG  A OP2   1 
ATOM   4    O  "O5'" . DG  A 1 1  ? -6.373  -7.024  14.857  1.00   100.73 ? 1   DG  A "O5'" 1 
ATOM   5    C  "C5'" . DG  A 1 1  ? -6.230  -6.348  13.610  1.00   100.47 ? 1   DG  A "C5'" 1 
ATOM   6    C  "C4'" . DG  A 1 1  ? -5.601  -4.980  13.809  1.00   86.44  ? 1   DG  A "C4'" 1 
ATOM   7    O  "O4'" . DG  A 1 1  ? -4.206  -5.139  14.171  1.00   86.65  ? 1   DG  A "O4'" 1 
ATOM   8    C  "C3'" . DG  A 1 1  ? -5.603  -4.083  12.579  1.00   86.11  ? 1   DG  A "C3'" 1 
ATOM   9    O  "O3'" . DG  A 1 1  ? -5.655  -2.720  12.981  1.00   89.60  ? 1   DG  A "O3'" 1 
ATOM   10   C  "C2'" . DG  A 1 1  ? -4.268  -4.423  11.927  1.00   80.00  ? 1   DG  A "C2'" 1 
ATOM   11   C  "C1'" . DG  A 1 1  ? -3.377  -4.612  13.150  1.00   86.20  ? 1   DG  A "C1'" 1 
ATOM   12   N  N9    . DG  A 1 1  ? -2.268  -5.539  12.935  1.00   66.06  ? 1   DG  A N9    1 
ATOM   13   C  C8    . DG  A 1 1  ? -2.349  -6.840  12.498  1.00   65.01  ? 1   DG  A C8    1 
ATOM   14   N  N7    . DG  A 1 1  ? -1.189  -7.431  12.410  1.00   65.84  ? 1   DG  A N7    1 
ATOM   15   C  C5    . DG  A 1 1  ? -0.280  -6.463  12.819  1.00   61.01  ? 1   DG  A C5    1 
ATOM   16   C  C6    . DG  A 1 1  ? 1.129   -6.523  12.933  1.00   57.36  ? 1   DG  A C6    1 
ATOM   17   O  O6    . DG  A 1 1  ? 1.880   -7.477  12.684  1.00   70.26  ? 1   DG  A O6    1 
ATOM   18   N  N1    . DG  A 1 1  ? 1.661   -5.319  13.385  1.00   54.70  ? 1   DG  A N1    1 
ATOM   19   C  C2    . DG  A 1 1  ? 0.925   -4.198  13.690  1.00   61.83  ? 1   DG  A C2    1 
ATOM   20   N  N2    . DG  A 1 1  ? 1.616   -3.130  14.111  1.00   64.88  ? 1   DG  A N2    1 
ATOM   21   N  N3    . DG  A 1 1  ? -0.396  -4.128  13.587  1.00   61.39  ? 1   DG  A N3    1 
ATOM   22   C  C4    . DG  A 1 1  ? -0.931  -5.293  13.148  1.00   65.47  ? 1   DG  A C4    1 
ATOM   23   P  P     . DG  A 1 2  ? -6.176  -1.592  11.963  1.00   100.67 ? 2   DG  A P     1 
ATOM   24   O  OP1   . DG  A 1 2  ? -7.258  -0.845  12.642  1.00   88.88  ? 2   DG  A OP1   1 
ATOM   25   O  OP2   . DG  A 1 2  ? -6.435  -2.248  10.662  1.00   101.26 ? 2   DG  A OP2   1 
ATOM   26   O  "O5'" . DG  A 1 2  ? -4.916  -0.626  11.786  1.00   80.52  ? 2   DG  A "O5'" 1 
ATOM   27   C  "C5'" . DG  A 1 2  ? -4.377  0.047   12.917  1.00   83.05  ? 2   DG  A "C5'" 1 
ATOM   28   C  "C4'" . DG  A 1 2  ? -2.981  0.566   12.623  1.00   77.77  ? 2   DG  A "C4'" 1 
ATOM   29   O  "O4'" . DG  A 1 2  ? -2.052  -0.543  12.560  1.00   83.30  ? 2   DG  A "O4'" 1 
ATOM   30   C  "C3'" . DG  A 1 2  ? -2.839  1.330   11.304  1.00   83.11  ? 2   DG  A "C3'" 1 
ATOM   31   O  "O3'" . DG  A 1 2  ? -2.268  2.605   11.547  1.00   88.26  ? 2   DG  A "O3'" 1 
ATOM   32   C  "C2'" . DG  A 1 2  ? -1.922  0.446   10.450  1.00   83.87  ? 2   DG  A "C2'" 1 
ATOM   33   C  "C1'" . DG  A 1 2  ? -1.153  -0.344  11.498  1.00   80.92  ? 2   DG  A "C1'" 1 
ATOM   34   N  N9    . DG  A 1 2  ? -0.706  -1.656  11.029  1.00   67.81  ? 2   DG  A N9    1 
ATOM   35   C  C8    . DG  A 1 2  ? -1.500  -2.695  10.610  1.00   68.35  ? 2   DG  A C8    1 
ATOM   36   N  N7    . DG  A 1 2  ? -0.827  -3.754  10.250  1.00   63.40  ? 2   DG  A N7    1 
ATOM   37   C  C5    . DG  A 1 2  ? 0.500   -3.397  10.448  1.00   59.60  ? 2   DG  A C5    1 
ATOM   38   C  C6    . DG  A 1 2  ? 1.683   -4.142  10.232  1.00   58.56  ? 2   DG  A C6    1 
ATOM   39   O  O6    . DG  A 1 2  ? 1.794   -5.301  9.810   1.00   62.98  ? 2   DG  A O6    1 
ATOM   40   N  N1    . DG  A 1 2  ? 2.821   -3.407  10.558  1.00   63.94  ? 2   DG  A N1    1 
ATOM   41   C  C2    . DG  A 1 2  ? 2.814   -2.117  11.033  1.00   61.81  ? 2   DG  A C2    1 
ATOM   42   N  N2    . DG  A 1 2  ? 4.014   -1.572  11.293  1.00   57.24  ? 2   DG  A N2    1 
ATOM   43   N  N3    . DG  A 1 2  ? 1.711   -1.407  11.241  1.00   64.05  ? 2   DG  A N3    1 
ATOM   44   C  C4    . DG  A 1 2  ? 0.594   -2.109  10.928  1.00   64.78  ? 2   DG  A C4    1 
ATOM   45   P  P     . DA  A 1 3  ? -2.446  3.795   10.482  1.00   99.96  ? 3   DA  A P     1 
ATOM   46   O  OP1   . DA  A 1 3  ? -3.017  4.961   11.192  1.00   97.27  ? 3   DA  A OP1   1 
ATOM   47   O  OP2   . DA  A 1 3  ? -3.136  3.248   9.293   1.00   85.61  ? 3   DA  A OP2   1 
ATOM   48   O  "O5'" . DA  A 1 3  ? -0.946  4.140   10.064  1.00   87.67  ? 3   DA  A "O5'" 1 
ATOM   49   C  "C5'" . DA  A 1 3  ? 0.048   4.286   11.068  1.00   77.97  ? 3   DA  A "C5'" 1 
ATOM   50   C  "C4'" . DA  A 1 3  ? 1.433   4.149   10.471  1.00   73.67  ? 3   DA  A "C4'" 1 
ATOM   51   O  "O4'" . DA  A 1 3  ? 1.727   2.746   10.244  1.00   92.25  ? 3   DA  A "O4'" 1 
ATOM   52   C  "C3'" . DA  A 1 3  ? 1.623   4.850   9.125   1.00   82.28  ? 3   DA  A "C3'" 1 
ATOM   53   O  "O3'" . DA  A 1 3  ? 2.853   5.555   9.119   1.00   92.36  ? 3   DA  A "O3'" 1 
ATOM   54   C  "C2'" . DA  A 1 3  ? 1.629   3.697   8.118   1.00   82.41  ? 3   DA  A "C2'" 1 
ATOM   55   C  "C1'" . DA  A 1 3  ? 2.243   2.579   8.945   1.00   84.55  ? 3   DA  A "C1'" 1 
ATOM   56   N  N9    . DA  A 1 3  ? 1.895   1.238   8.476   1.00   70.26  ? 3   DA  A N9    1 
ATOM   57   C  C8    . DA  A 1 3  ? 0.647   0.765   8.177   1.00   79.24  ? 3   DA  A C8    1 
ATOM   58   N  N7    . DA  A 1 3  ? 0.637   -0.487  7.783   1.00   58.08  ? 3   DA  A N7    1 
ATOM   59   C  C5    . DA  A 1 3  ? 1.969   -0.863  7.830   1.00   66.29  ? 3   DA  A C5    1 
ATOM   60   C  C6    . DA  A 1 3  ? 2.629   -2.070  7.533   1.00   55.28  ? 3   DA  A C6    1 
ATOM   61   N  N6    . DA  A 1 3  ? 1.997   -3.172  7.112   1.00   57.06  ? 3   DA  A N6    1 
ATOM   62   N  N1    . DA  A 1 3  ? 3.968   -2.107  7.686   1.00   60.29  ? 3   DA  A N1    1 
ATOM   63   C  C2    . DA  A 1 3  ? 4.600   -1.004  8.109   1.00   60.80  ? 3   DA  A C2    1 
ATOM   64   N  N3    . DA  A 1 3  ? 4.090   0.185   8.419   1.00   69.31  ? 3   DA  A N3    1 
ATOM   65   C  C4    . DA  A 1 3  ? 2.758   0.193   8.257   1.00   63.20  ? 3   DA  A C4    1 
ATOM   66   P  P     . DC  A 1 4  ? 3.150   6.646   7.979   1.00   94.18  ? 4   DC  A P     1 
ATOM   67   O  OP1   . DC  A 1 4  ? 4.036   7.675   8.569   1.00   101.37 ? 4   DC  A OP1   1 
ATOM   68   O  OP2   . DC  A 1 4  ? 1.855   7.036   7.378   1.00   76.58  ? 4   DC  A OP2   1 
ATOM   69   O  "O5'" . DC  A 1 4  ? 3.999   5.840   6.892   1.00   92.83  ? 4   DC  A "O5'" 1 
ATOM   70   C  "C5'" . DC  A 1 4  ? 5.287   5.346   7.229   1.00   89.38  ? 4   DC  A "C5'" 1 
ATOM   71   C  "C4'" . DC  A 1 4  ? 5.799   4.399   6.159   1.00   84.08  ? 4   DC  A "C4'" 1 
ATOM   72   O  "O4'" . DC  A 1 4  ? 5.052   3.156   6.202   1.00   80.78  ? 4   DC  A "O4'" 1 
ATOM   73   C  "C3'" . DC  A 1 4  ? 5.680   4.918   4.717   1.00   75.53  ? 4   DC  A "C3'" 1 
ATOM   74   O  "O3'" . DC  A 1 4  ? 6.966   4.939   4.094   1.00   93.95  ? 4   DC  A "O3'" 1 
ATOM   75   C  "C2'" . DC  A 1 4  ? 4.740   3.914   4.040   1.00   83.05  ? 4   DC  A "C2'" 1 
ATOM   76   C  "C1'" . DC  A 1 4  ? 4.943   2.676   4.891   1.00   84.27  ? 4   DC  A "C1'" 1 
ATOM   77   N  N1    . DC  A 1 4  ? 3.814   1.705   4.804   1.00   68.26  ? 4   DC  A N1    1 
ATOM   78   C  C2    . DC  A 1 4  ? 4.087   0.337   4.722   1.00   63.85  ? 4   DC  A C2    1 
ATOM   79   O  O2    . DC  A 1 4  ? 5.264   -0.044  4.750   1.00   67.87  ? 4   DC  A O2    1 
ATOM   80   N  N3    . DC  A 1 4  ? 3.053   -0.534  4.626   1.00   60.75  ? 4   DC  A N3    1 
ATOM   81   C  C4    . DC  A 1 4  ? 1.799   -0.084  4.598   1.00   57.82  ? 4   DC  A C4    1 
ATOM   82   N  N4    . DC  A 1 4  ? 0.815   -0.983  4.500   1.00   56.84  ? 4   DC  A N4    1 
ATOM   83   C  C5    . DC  A 1 4  ? 1.499   1.309   4.670   1.00   66.98  ? 4   DC  A C5    1 
ATOM   84   C  C6    . DC  A 1 4  ? 2.528   2.161   4.767   1.00   70.66  ? 4   DC  A C6    1 
ATOM   85   P  P     . DT  A 1 5  ? 7.114   5.249   2.522   1.00   98.70  ? 5   DT  A P     1 
ATOM   86   O  OP1   . DT  A 1 5  ? 8.441   5.869   2.325   1.00   99.77  ? 5   DT  A OP1   1 
ATOM   87   O  OP2   . DT  A 1 5  ? 5.903   5.959   2.052   1.00   90.39  ? 5   DT  A OP2   1 
ATOM   88   O  "O5'" . DT  A 1 5  ? 7.137   3.800   1.846   1.00   85.67  ? 5   DT  A "O5'" 1 
ATOM   89   C  "C5'" . DT  A 1 5  ? 8.243   2.936   2.069   1.00   69.60  ? 5   DT  A "C5'" 1 
ATOM   90   C  "C4'" . DT  A 1 5  ? 7.947   1.535   1.567   1.00   70.59  ? 5   DT  A "C4'" 1 
ATOM   91   O  "O4'" . DT  A 1 5  ? 6.758   1.034   2.208   1.00   66.93  ? 5   DT  A "O4'" 1 
ATOM   92   C  "C3'" . DT  A 1 5  ? 7.645   1.431   0.085   1.00   72.50  ? 5   DT  A "C3'" 1 
ATOM   93   O  "O3'" . DT  A 1 5  ? 8.867   1.356   -0.655  1.00   66.93  ? 5   DT  A "O3'" 1 
ATOM   94   C  "C2'" . DT  A 1 5  ? 6.855   0.121   0.008   1.00   72.06  ? 5   DT  A "C2'" 1 
ATOM   95   C  "C1'" . DT  A 1 5  ? 6.173   0.041   1.384   1.00   66.13  ? 5   DT  A "C1'" 1 
ATOM   96   N  N1    . DT  A 1 5  ? 4.691   0.259   1.338   1.00   67.75  ? 5   DT  A N1    1 
ATOM   97   C  C2    . DT  A 1 5  ? 3.856   -0.832  1.303   1.00   52.75  ? 5   DT  A C2    1 
ATOM   98   O  O2    . DT  A 1 5  ? 4.253   -1.981  1.310   1.00   57.12  ? 5   DT  A O2    1 
ATOM   99   N  N3    . DT  A 1 5  ? 2.525   -0.528  1.260   1.00   56.37  ? 5   DT  A N3    1 
ATOM   100  C  C4    . DT  A 1 5  ? 1.948   0.722   1.245   1.00   57.97  ? 5   DT  A C4    1 
ATOM   101  O  O4    . DT  A 1 5  ? 0.732   0.881   1.205   1.00   61.75  ? 5   DT  A O4    1 
ATOM   102  C  C5    . DT  A 1 5  ? 2.875   1.826   1.283   1.00   61.14  ? 5   DT  A C5    1 
ATOM   103  C  C7    . DT  A 1 5  ? 2.365   3.238   1.275   1.00   51.98  ? 5   DT  A C7    1 
ATOM   104  C  C6    . DT  A 1 5  ? 4.189   1.546   1.330   1.00   60.63  ? 5   DT  A C6    1 
ATOM   105  P  P     . DT  A 1 6  ? 8.870   1.539   -2.253  1.00   77.66  ? 6   DT  A P     1 
ATOM   106  O  OP1   . DT  A 1 6  ? 10.276  1.711   -2.679  1.00   69.91  ? 6   DT  A OP1   1 
ATOM   107  O  OP2   . DT  A 1 6  ? 7.858   2.557   -2.610  1.00   63.44  ? 6   DT  A OP2   1 
ATOM   108  O  "O5'" . DT  A 1 6  ? 8.370   0.126   -2.804  1.00   71.33  ? 6   DT  A "O5'" 1 
ATOM   109  C  "C5'" . DT  A 1 6  ? 9.167   -1.035  -2.603  1.00   52.90  ? 6   DT  A "C5'" 1 
ATOM   110  C  "C4'" . DT  A 1 6  ? 8.731   -2.161  -3.524  1.00   64.99  ? 6   DT  A "C4'" 1 
ATOM   111  O  "O4'" . DT  A 1 6  ? 7.375   -2.561  -3.199  1.00   68.14  ? 6   DT  A "O4'" 1 
ATOM   112  C  "C3'" . DT  A 1 6  ? 8.718   -1.823  -5.009  1.00   62.19  ? 6   DT  A "C3'" 1 
ATOM   113  O  "O3'" . DT  A 1 6  ? 9.042   -2.984  -5.763  1.00   65.02  ? 6   DT  A "O3'" 1 
ATOM   114  C  "C2'" . DT  A 1 6  ? 7.274   -1.380  -5.243  1.00   56.08  ? 6   DT  A "C2'" 1 
ATOM   115  C  "C1'" . DT  A 1 6  ? 6.509   -2.289  -4.286  1.00   58.03  ? 6   DT  A "C1'" 1 
ATOM   116  N  N1    . DT  A 1 6  ? 5.261   -1.681  -3.738  1.00   63.46  ? 6   DT  A N1    1 
ATOM   117  C  C2    . DT  A 1 6  ? 4.093   -2.403  -3.769  1.00   46.71  ? 6   DT  A C2    1 
ATOM   118  O  O2    . DT  A 1 6  ? 4.009   -3.526  -4.234  1.00   43.79  ? 6   DT  A O2    1 
ATOM   119  N  N3    . DT  A 1 6  ? 3.016   -1.760  -3.236  1.00   68.91  ? 6   DT  A N3    1 
ATOM   120  C  C4    . DT  A 1 6  ? 2.975   -0.502  -2.678  1.00   66.92  ? 6   DT  A C4    1 
ATOM   121  O  O4    . DT  A 1 6  ? 1.942   -0.019  -2.220  1.00   66.32  ? 6   DT  A O4    1 
ATOM   122  C  C5    . DT  A 1 6  ? 4.229   0.206   -2.671  1.00   54.73  ? 6   DT  A C5    1 
ATOM   123  C  C7    . DT  A 1 6  ? 4.309   1.588   -2.096  1.00   61.64  ? 6   DT  A C7    1 
ATOM   124  C  C6    . DT  A 1 6  ? 5.302   -0.410  -3.195  1.00   62.94  ? 6   DT  A C6    1 
ATOM   125  P  P     . DC  A 1 7  ? 9.348   -2.880  -7.335  1.00   80.72  ? 7   DC  A P     1 
ATOM   126  O  OP1   . DC  A 1 7  ? 10.447  -3.824  -7.633  1.00   72.25  ? 7   DC  A OP1   1 
ATOM   127  O  OP2   . DC  A 1 7  ? 9.475   -1.448  -7.691  1.00   72.31  ? 7   DC  A OP2   1 
ATOM   128  O  "O5'" . DC  A 1 7  ? 8.018   -3.445  -8.011  1.00   58.52  ? 7   DC  A "O5'" 1 
ATOM   129  C  "C5'" . DC  A 1 7  ? 7.556   -4.737  -7.668  1.00   66.73  ? 7   DC  A "C5'" 1 
ATOM   130  C  "C4'" . DC  A 1 7  ? 6.150   -4.953  -8.182  1.00   52.90  ? 7   DC  A "C4'" 1 
ATOM   131  O  "O4'" . DC  A 1 7  ? 5.215   -4.227  -7.355  1.00   53.02  ? 7   DC  A "O4'" 1 
ATOM   132  C  "C3'" . DC  A 1 7  ? 5.912   -4.477  -9.619  1.00   45.38  ? 7   DC  A "C3'" 1 
ATOM   133  O  "O3'" . DC  A 1 7  ? 5.575   -5.587  -10.432 1.00   61.70  ? 7   DC  A "O3'" 1 
ATOM   134  C  "C2'" . DC  A 1 7  ? 4.751   -3.468  -9.504  1.00   63.19  ? 7   DC  A "C2'" 1 
ATOM   135  C  "C1'" . DC  A 1 7  ? 4.140   -3.816  -8.153  1.00   57.83  ? 7   DC  A "C1'" 1 
ATOM   136  N  N1    . DC  A 1 7  ? 3.468   -2.678  -7.467  1.00   50.02  ? 7   DC  A N1    1 
ATOM   137  C  C2    . DC  A 1 7  ? 2.147   -2.822  -7.017  1.00   60.00  ? 7   DC  A C2    1 
ATOM   138  O  O2    . DC  A 1 7  ? 1.554   -3.889  -7.220  1.00   65.54  ? 7   DC  A O2    1 
ATOM   139  N  N3    . DC  A 1 7  ? 1.553   -1.786  -6.374  1.00   40.40  ? 7   DC  A N3    1 
ATOM   140  C  C4    . DC  A 1 7  ? 2.223   -0.652  -6.175  1.00   59.47  ? 7   DC  A C4    1 
ATOM   141  N  N4    . DC  A 1 7  ? 1.592   0.341   -5.540  1.00   51.63  ? 7   DC  A N4    1 
ATOM   142  C  C5    . DC  A 1 7  ? 3.571   -0.484  -6.620  1.00   52.68  ? 7   DC  A C5    1 
ATOM   143  C  C6    . DC  A 1 7  ? 4.149   -1.516  -7.250  1.00   46.83  ? 7   DC  A C6    1 
ATOM   144  P  P     . DG  A 1 8  ? 5.700   -5.494  -12.030 1.00   72.19  ? 8   DG  A P     1 
ATOM   145  O  OP1   . DG  A 1 8  ? 6.114   -6.827  -12.529 1.00   71.16  ? 8   DG  A OP1   1 
ATOM   146  O  OP2   . DG  A 1 8  ? 6.517   -4.303  -12.355 1.00   59.41  ? 8   DG  A OP2   1 
ATOM   147  O  "O5'" . DG  A 1 8  ? 4.195   -5.229  -12.499 1.00   65.25  ? 8   DG  A "O5'" 1 
ATOM   148  C  "C5'" . DG  A 1 8  ? 3.164   -6.100  -12.056 1.00   50.23  ? 8   DG  A "C5'" 1 
ATOM   149  C  "C4'" . DG  A 1 8  ? 1.795   -5.472  -12.240 1.00   58.39  ? 8   DG  A "C4'" 1 
ATOM   150  O  "O4'" . DG  A 1 8  ? 1.570   -4.454  -11.225 1.00   57.43  ? 8   DG  A "O4'" 1 
ATOM   151  C  "C3'" . DG  A 1 8  ? 1.562   -4.767  -13.584 1.00   55.61  ? 8   DG  A "C3'" 1 
ATOM   152  O  "O3'" . DG  A 1 8  ? 0.225   -4.979  -13.983 1.00   63.68  ? 8   DG  A "O3'" 1 
ATOM   153  C  "C2'" . DG  A 1 8  ? 1.763   -3.306  -13.206 1.00   53.09  ? 8   DG  A "C2'" 1 
ATOM   154  C  "C1'" . DG  A 1 8  ? 1.048   -3.322  -11.874 1.00   51.05  ? 8   DG  A "C1'" 1 
ATOM   155  N  N9    . DG  A 1 8  ? 1.244   -2.138  -11.048 1.00   54.79  ? 8   DG  A N9    1 
ATOM   156  C  C8    . DG  A 1 8  ? 2.365   -1.348  -10.965 1.00   40.77  ? 8   DG  A C8    1 
ATOM   157  N  N7    . DG  A 1 8  ? 2.233   -0.350  -10.132 1.00   46.57  ? 8   DG  A N7    1 
ATOM   158  C  C5    . DG  A 1 8  ? 0.942   -0.489  -9.635  1.00   48.93  ? 8   DG  A C5    1 
ATOM   159  C  C6    . DG  A 1 8  ? 0.229   0.297   -8.695  1.00   48.77  ? 8   DG  A C6    1 
ATOM   160  O  O6    . DG  A 1 8  ? 0.612   1.311   -8.092  1.00   46.65  ? 8   DG  A O6    1 
ATOM   161  N  N1    . DG  A 1 8  ? -1.054  -0.196  -8.479  1.00   50.62  ? 8   DG  A N1    1 
ATOM   162  C  C2    . DG  A 1 8  ? -1.583  -1.307  -9.090  1.00   52.26  ? 8   DG  A C2    1 
ATOM   163  N  N2    . DG  A 1 8  ? -2.840  -1.631  -8.752  1.00   53.46  ? 8   DG  A N2    1 
ATOM   164  N  N3    . DG  A 1 8  ? -0.929  -2.049  -9.970  1.00   50.17  ? 8   DG  A N3    1 
ATOM   165  C  C4    . DG  A 1 8  ? 0.323   -1.583  -10.193 1.00   49.69  ? 8   DG  A C4    1 
ATOM   166  P  P     . DC  A 1 9  ? -0.129  -5.832  -15.293 1.00   62.87  ? 9   DC  A P     1 
ATOM   167  O  OP1   . DC  A 1 9  ? 0.409   -7.196  -15.094 1.00   68.30  ? 9   DC  A OP1   1 
ATOM   168  O  OP2   . DC  A 1 9  ? 0.272   -5.042  -16.480 1.00   67.01  ? 9   DC  A OP2   1 
ATOM   169  O  "O5'" . DC  A 1 9  ? -1.725  -5.909  -15.250 1.00   50.10  ? 9   DC  A "O5'" 1 
ATOM   170  C  "C5'" . DC  A 1 9  ? -2.366  -6.460  -14.105 1.00   58.68  ? 9   DC  A "C5'" 1 
ATOM   171  C  "C4'" . DC  A 1 9  ? -3.560  -5.620  -13.682 1.00   59.08  ? 9   DC  A "C4'" 1 
ATOM   172  O  "O4'" . DC  A 1 9  ? -3.114  -4.474  -12.904 1.00   69.03  ? 9   DC  A "O4'" 1 
ATOM   173  C  "C3'" . DC  A 1 9  ? -4.399  -5.055  -14.827 1.00   59.33  ? 9   DC  A "C3'" 1 
ATOM   174  O  "O3'" . DC  A 1 9  ? -5.779  -5.212  -14.521 1.00   54.45  ? 9   DC  A "O3'" 1 
ATOM   175  C  "C2'" . DC  A 1 9  ? -3.991  -3.579  -14.857 1.00   55.03  ? 9   DC  A "C2'" 1 
ATOM   176  C  "C1'" . DC  A 1 9  ? -3.757  -3.315  -13.383 1.00   53.36  ? 9   DC  A "C1'" 1 
ATOM   177  N  N1    . DC  A 1 9  ? -2.883  -2.133  -13.112 1.00   58.26  ? 9   DC  A N1    1 
ATOM   178  C  C2    . DC  A 1 9  ? -3.319  -1.136  -12.231 1.00   48.69  ? 9   DC  A C2    1 
ATOM   179  O  O2    . DC  A 1 9  ? -4.425  -1.247  -11.690 1.00   55.79  ? 9   DC  A O2    1 
ATOM   180  N  N3    . DC  A 1 9  ? -2.514  -0.071  -11.992 1.00   50.73  ? 9   DC  A N3    1 
ATOM   181  C  C4    . DC  A 1 9  ? -1.328  0.016   -12.592 1.00   55.46  ? 9   DC  A C4    1 
ATOM   182  N  N4    . DC  A 1 9  ? -0.570  1.085   -12.325 1.00   47.30  ? 9   DC  A N4    1 
ATOM   183  C  C5    . DC  A 1 9  ? -0.866  -0.988  -13.495 1.00   48.29  ? 9   DC  A C5    1 
ATOM   184  C  C6    . DC  A 1 9  ? -1.669  -2.034  -13.724 1.00   49.58  ? 9   DC  A C6    1 
ATOM   185  P  P     . DG  A 1 10 ? -6.894  -5.040  -15.663 1.00   70.45  ? 10  DG  A P     1 
ATOM   186  O  OP1   . DG  A 1 10 ? -8.218  -5.193  -15.020 1.00   71.44  ? 10  DG  A OP1   1 
ATOM   187  O  OP2   . DG  A 1 10 ? -6.508  -5.917  -16.792 1.00   75.18  ? 10  DG  A OP2   1 
ATOM   188  O  "O5'" . DG  A 1 10 ? -6.721  -3.520  -16.135 1.00   82.19  ? 10  DG  A "O5'" 1 
ATOM   189  C  "C5'" . DG  A 1 10 ? -7.811  -2.819  -16.703 1.00   73.68  ? 10  DG  A "C5'" 1 
ATOM   190  C  "C4'" . DG  A 1 10 ? -7.507  -1.333  -16.787 1.00   62.26  ? 10  DG  A "C4'" 1 
ATOM   191  O  "O4'" . DG  A 1 10 ? -6.089  -1.136  -16.942 1.00   66.88  ? 10  DG  A "O4'" 1 
ATOM   192  C  "C3'" . DG  A 1 10 ? -8.111  -0.633  -17.983 1.00   62.98  ? 10  DG  A "C3'" 1 
ATOM   193  O  "O3'" . DG  A 1 10 ? -8.221  0.761   -17.723 1.00   97.16  ? 10  DG  A "O3'" 1 
ATOM   194  C  "C2'" . DG  A 1 10 ? -7.088  -0.924  -19.091 1.00   62.04  ? 10  DG  A "C2'" 1 
ATOM   195  C  "C1'" . DG  A 1 10 ? -5.770  -1.113  -18.322 1.00   59.60  ? 10  DG  A "C1'" 1 
ATOM   196  N  N9    . DG  A 1 10 ? -5.083  -2.364  -18.640 1.00   61.39  ? 10  DG  A N9    1 
ATOM   197  C  C8    . DG  A 1 10 ? -5.612  -3.457  -19.279 1.00   63.51  ? 10  DG  A C8    1 
ATOM   198  N  N7    . DG  A 1 10 ? -4.765  -4.440  -19.409 1.00   61.67  ? 10  DG  A N7    1 
ATOM   199  C  C5    . DG  A 1 10 ? -3.601  -3.972  -18.812 1.00   61.70  ? 10  DG  A C5    1 
ATOM   200  C  C6    . DG  A 1 10 ? -2.343  -4.597  -18.648 1.00   57.26  ? 10  DG  A C6    1 
ATOM   201  O  O6    . DG  A 1 10 ? -1.995  -5.728  -19.012 1.00   64.72  ? 10  DG  A O6    1 
ATOM   202  N  N1    . DG  A 1 10 ? -1.438  -3.771  -17.988 1.00   57.72  ? 10  DG  A N1    1 
ATOM   203  C  C2    . DG  A 1 10 ? -1.715  -2.500  -17.541 1.00   55.19  ? 10  DG  A C2    1 
ATOM   204  N  N2    . DG  A 1 10 ? -0.713  -1.858  -16.925 1.00   53.13  ? 10  DG  A N2    1 
ATOM   205  N  N3    . DG  A 1 10 ? -2.889  -1.903  -17.689 1.00   56.16  ? 10  DG  A N3    1 
ATOM   206  C  C4    . DG  A 1 10 ? -3.784  -2.691  -18.330 1.00   60.43  ? 10  DG  A C4    1 
ATOM   207  P  P     . DC  B 2 1  ? -6.215  9.391   -3.194  0.0000 101.65 ? 1   DC  B P     1 
ATOM   208  O  OP1   . DC  B 2 1  ? -7.339  9.554   -4.144  0.0000 77.83  ? 1   DC  B OP1   1 
ATOM   209  O  OP2   . DC  B 2 1  ? -4.955  8.745   -3.627  0.0000 75.58  ? 1   DC  B OP2   1 
ATOM   210  O  "O5'" . DC  B 2 1  ? -5.857  10.824  -2.583  1.00   92.25  ? 1   DC  B "O5'" 1 
ATOM   211  C  "C5'" . DC  B 2 1  ? -4.783  11.579  -3.120  1.00   71.40  ? 1   DC  B "C5'" 1 
ATOM   212  C  "C4'" . DC  B 2 1  ? -4.955  11.784  -4.614  1.00   69.08  ? 1   DC  B "C4'" 1 
ATOM   213  O  "O4'" . DC  B 2 1  ? -5.045  13.202  -4.895  1.00   68.19  ? 1   DC  B "O4'" 1 
ATOM   214  C  "C3'" . DC  B 2 1  ? -3.799  11.287  -5.459  1.00   56.53  ? 1   DC  B "C3'" 1 
ATOM   215  O  "O3'" . DC  B 2 1  ? -4.246  10.984  -6.776  1.00   68.04  ? 1   DC  B "O3'" 1 
ATOM   216  C  "C2'" . DC  B 2 1  ? -2.849  12.482  -5.445  1.00   63.16  ? 1   DC  B "C2'" 1 
ATOM   217  C  "C1'" . DC  B 2 1  ? -3.818  13.669  -5.431  1.00   69.07  ? 1   DC  B "C1'" 1 
ATOM   218  N  N1    . DC  B 2 1  ? -3.345  14.819  -4.594  1.00   54.16  ? 1   DC  B N1    1 
ATOM   219  C  C2    . DC  B 2 1  ? -3.019  16.038  -5.204  1.00   70.70  ? 1   DC  B C2    1 
ATOM   220  O  O2    . DC  B 2 1  ? -3.130  16.146  -6.431  1.00   64.10  ? 1   DC  B O2    1 
ATOM   221  N  N3    . DC  B 2 1  ? -2.592  17.068  -4.428  1.00   70.10  ? 1   DC  B N3    1 
ATOM   222  C  C4    . DC  B 2 1  ? -2.487  16.911  -3.106  1.00   69.96  ? 1   DC  B C4    1 
ATOM   223  N  N4    . DC  B 2 1  ? -2.062  17.953  -2.383  1.00   77.22  ? 1   DC  B N4    1 
ATOM   224  C  C5    . DC  B 2 1  ? -2.813  15.678  -2.467  1.00   60.88  ? 1   DC  B C5    1 
ATOM   225  C  C6    . DC  B 2 1  ? -3.232  14.670  -3.242  1.00   62.86  ? 1   DC  B C6    1 
ATOM   226  P  P     . DG  B 2 2  ? -3.744  9.640   -7.504  1.00   64.77  ? 2   DG  B P     1 
ATOM   227  O  OP1   . DG  B 2 2  ? -2.403  9.321   -6.965  1.00   63.40  ? 2   DG  B OP1   1 
ATOM   228  O  OP2   . DG  B 2 2  ? -3.943  9.819   -8.957  1.00   61.15  ? 2   DG  B OP2   1 
ATOM   229  O  "O5'" . DG  B 2 2  ? -4.759  8.516   -6.995  1.00   66.30  ? 2   DG  B "O5'" 1 
ATOM   230  C  "C5'" . DG  B 2 2  ? -6.126  8.560   -7.381  1.00   62.42  ? 2   DG  B "C5'" 1 
ATOM   231  C  "C4'" . DG  B 2 2  ? -6.827  7.255   -7.047  1.00   62.55  ? 2   DG  B "C4'" 1 
ATOM   232  O  "O4'" . DG  B 2 2  ? -6.301  6.190   -7.879  1.00   56.13  ? 2   DG  B "O4'" 1 
ATOM   233  C  "C3'" . DG  B 2 2  ? -6.679  6.786   -5.606  1.00   72.11  ? 2   DG  B "C3'" 1 
ATOM   234  O  "O3'" . DG  B 2 2  ? -7.895  6.198   -5.168  1.00   73.89  ? 2   DG  B "O3'" 1 
ATOM   235  C  "C2'" . DG  B 2 2  ? -5.541  5.765   -5.673  1.00   57.97  ? 2   DG  B "C2'" 1 
ATOM   236  C  "C1'" . DG  B 2 2  ? -5.675  5.199   -7.085  1.00   62.59  ? 2   DG  B "C1'" 1 
ATOM   237  N  N9    . DG  B 2 2  ? -4.392  4.880   -7.706  1.00   59.94  ? 2   DG  B N9    1 
ATOM   238  C  C8    . DG  B 2 2  ? -3.254  5.651   -7.692  1.00   48.82  ? 2   DG  B C8    1 
ATOM   239  N  N7    . DG  B 2 2  ? -2.257  5.121   -8.345  1.00   63.86  ? 2   DG  B N7    1 
ATOM   240  C  C5    . DG  B 2 2  ? -2.766  3.923   -8.830  1.00   62.66  ? 2   DG  B C5    1 
ATOM   241  C  C6    . DG  B 2 2  ? -2.144  2.920   -9.614  1.00   61.08  ? 2   DG  B C6    1 
ATOM   242  O  O6    . DG  B 2 2  ? -0.983  2.894   -10.047 1.00   57.91  ? 2   DG  B O6    1 
ATOM   243  N  N1    . DG  B 2 2  ? -3.014  1.867   -9.888  1.00   52.32  ? 2   DG  B N1    1 
ATOM   244  C  C2    . DG  B 2 2  ? -4.319  1.794   -9.461  1.00   60.60  ? 2   DG  B C2    1 
ATOM   245  N  N2    . DG  B 2 2  ? -5.003  0.699   -9.825  1.00   51.35  ? 2   DG  B N2    1 
ATOM   246  N  N3    . DG  B 2 2  ? -4.914  2.727   -8.726  1.00   54.46  ? 2   DG  B N3    1 
ATOM   247  C  C4    . DG  B 2 2  ? -4.080  3.759   -8.449  1.00   58.65  ? 2   DG  B C4    1 
ATOM   248  P  P     . DC  B 2 3  ? -8.115  5.818   -3.624  1.00   65.80  ? 3   DC  B P     1 
ATOM   249  O  OP1   . DC  B 2 3  ? -9.478  6.262   -3.263  1.00   97.18  ? 3   DC  B OP1   1 
ATOM   250  O  OP2   . DC  B 2 3  ? -6.956  6.303   -2.839  1.00   75.55  ? 3   DC  B OP2   1 
ATOM   251  O  "O5'" . DC  B 2 3  ? -8.084  4.221   -3.635  1.00   61.83  ? 3   DC  B "O5'" 1 
ATOM   252  C  "C5'" . DC  B 2 3  ? -8.797  3.520   -4.644  1.00   59.11  ? 3   DC  B "C5'" 1 
ATOM   253  C  "C4'" . DC  B 2 3  ? -8.242  2.122   -4.834  1.00   69.84  ? 3   DC  B "C4'" 1 
ATOM   254  O  "O4'" . DC  B 2 3  ? -6.971  2.187   -5.519  1.00   68.37  ? 3   DC  B "O4'" 1 
ATOM   255  C  "C3'" . DC  B 2 3  ? -7.994  1.343   -3.540  1.00   66.89  ? 3   DC  B "C3'" 1 
ATOM   256  O  "O3'" . DC  B 2 3  ? -8.861  0.217   -3.488  1.00   75.73  ? 3   DC  B "O3'" 1 
ATOM   257  C  "C2'" . DC  B 2 3  ? -6.515  0.923   -3.617  1.00   69.23  ? 3   DC  B "C2'" 1 
ATOM   258  C  "C1'" . DC  B 2 3  ? -6.175  1.117   -5.090  1.00   59.09  ? 3   DC  B "C1'" 1 
ATOM   259  N  N1    . DC  B 2 3  ? -4.741  1.469   -5.331  1.00   60.92  ? 3   DC  B N1    1 
ATOM   260  C  C2    . DC  B 2 3  ? -3.956  0.666   -6.168  1.00   57.80  ? 3   DC  B C2    1 
ATOM   261  O  O2    . DC  B 2 3  ? -4.461  -0.327  -6.696  1.00   52.32  ? 3   DC  B O2    1 
ATOM   262  N  N3    . DC  B 2 3  ? -2.660  1.004   -6.375  1.00   53.68  ? 3   DC  B N3    1 
ATOM   263  C  C4    . DC  B 2 3  ? -2.149  2.084   -5.787  1.00   63.67  ? 3   DC  B C4    1 
ATOM   264  N  N4    . DC  B 2 3  ? -0.865  2.375   -6.023  1.00   51.27  ? 3   DC  B N4    1 
ATOM   265  C  C5    . DC  B 2 3  ? -2.930  2.915   -4.931  1.00   55.52  ? 3   DC  B C5    1 
ATOM   266  C  C6    . DC  B 2 3  ? -4.209  2.574   -4.734  1.00   60.47  ? 3   DC  B C6    1 
ATOM   267  P  P     . DG  B 2 4  ? -9.168  -0.523  -2.094  1.00   68.96  ? 4   DG  B P     1 
ATOM   268  O  OP1   . DG  B 2 4  ? -10.619 -0.392  -1.832  1.00   99.45  ? 4   DG  B OP1   1 
ATOM   269  O  OP2   . DG  B 2 4  ? -8.193  -0.060  -1.081  1.00   67.14  ? 4   DG  B OP2   1 
ATOM   270  O  "O5'" . DG  B 2 4  ? -8.838  -2.050  -2.409  1.00   64.92  ? 4   DG  B "O5'" 1 
ATOM   271  C  "C5'" . DG  B 2 4  ? -9.174  -2.595  -3.675  1.00   65.85  ? 4   DG  B "C5'" 1 
ATOM   272  C  "C4'" . DG  B 2 4  ? -8.124  -3.592  -4.121  1.00   64.90  ? 4   DG  B "C4'" 1 
ATOM   273  O  "O4'" . DG  B 2 4  ? -6.888  -2.892  -4.422  1.00   69.04  ? 4   DG  B "O4'" 1 
ATOM   274  C  "C3'" . DG  B 2 4  ? -7.774  -4.659  -3.081  1.00   55.74  ? 4   DG  B "C3'" 1 
ATOM   275  O  "O3'" . DG  B 2 4  ? -7.881  -5.952  -3.658  1.00   67.19  ? 4   DG  B "O3'" 1 
ATOM   276  C  "C2'" . DG  B 2 4  ? -6.332  -4.333  -2.679  1.00   79.01  ? 4   DG  B "C2'" 1 
ATOM   277  C  "C1'" . DG  B 2 4  ? -5.804  -3.632  -3.921  1.00   67.43  ? 4   DG  B "C1'" 1 
ATOM   278  N  N9    . DG  B 2 4  ? -4.701  -2.714  -3.646  1.00   61.07  ? 4   DG  B N9    1 
ATOM   279  C  C8    . DG  B 2 4  ? -4.662  -1.730  -2.687  1.00   64.59  ? 4   DG  B C8    1 
ATOM   280  N  N7    . DG  B 2 4  ? -3.542  -1.062  -2.671  1.00   54.26  ? 4   DG  B N7    1 
ATOM   281  C  C5    . DG  B 2 4  ? -2.788  -1.642  -3.682  1.00   64.73  ? 4   DG  B C5    1 
ATOM   282  C  C6    . DG  B 2 4  ? -1.478  -1.338  -4.133  1.00   50.07  ? 4   DG  B C6    1 
ATOM   283  O  O6    . DG  B 2 4  ? -0.704  -0.468  -3.710  1.00   48.94  ? 4   DG  B O6    1 
ATOM   284  N  N1    . DG  B 2 4  ? -1.090  -2.169  -5.179  1.00   55.50  ? 4   DG  B N1    1 
ATOM   285  C  C2    . DG  B 2 4  ? -1.864  -3.166  -5.723  1.00   61.78  ? 4   DG  B C2    1 
ATOM   286  N  N2    . DG  B 2 4  ? -1.316  -3.860  -6.730  1.00   45.22  ? 4   DG  B N2    1 
ATOM   287  N  N3    . DG  B 2 4  ? -3.091  -3.462  -5.311  1.00   60.79  ? 4   DG  B N3    1 
ATOM   288  C  C4    . DG  B 2 4  ? -3.485  -2.660  -4.291  1.00   62.62  ? 4   DG  B C4    1 
ATOM   289  P  P     . DT  B 2 5  ? -7.681  -7.260  -2.749  1.00   88.09  ? 5   DT  B P     1 
ATOM   290  O  OP1   . DT  B 2 5  ? -8.433  -8.364  -3.386  1.00   84.28  ? 5   DT  B OP1   1 
ATOM   291  O  OP2   . DT  B 2 5  ? -7.964  -6.883  -1.346  1.00   93.65  ? 5   DT  B OP2   1 
ATOM   292  O  "O5'" . DT  B 2 5  ? -6.117  -7.573  -2.870  1.00   85.34  ? 5   DT  B "O5'" 1 
ATOM   293  C  "C5'" . DT  B 2 5  ? -5.545  -7.807  -4.149  1.00   81.51  ? 5   DT  B "C5'" 1 
ATOM   294  C  "C4'" . DT  B 2 5  ? -4.031  -7.810  -4.075  1.00   70.24  ? 5   DT  B "C4'" 1 
ATOM   295  O  "O4'" . DT  B 2 5  ? -3.548  -6.478  -3.768  1.00   74.82  ? 5   DT  B "O4'" 1 
ATOM   296  C  "C3'" . DT  B 2 5  ? -3.429  -8.737  -3.007  1.00   69.35  ? 5   DT  B "C3'" 1 
ATOM   297  O  "O3'" . DT  B 2 5  ? -2.559  -9.681  -3.625  1.00   73.40  ? 5   DT  B "O3'" 1 
ATOM   298  C  "C2'" . DT  B 2 5  ? -2.660  -7.785  -2.079  1.00   71.27  ? 5   DT  B "C2'" 1 
ATOM   299  C  "C1'" . DT  B 2 5  ? -2.385  -6.608  -2.999  1.00   72.05  ? 5   DT  B "C1'" 1 
ATOM   300  N  N1    . DT  B 2 5  ? -2.121  -5.323  -2.277  1.00   68.18  ? 5   DT  B N1    1 
ATOM   301  C  C2    . DT  B 2 5  ? -1.020  -4.575  -2.624  1.00   67.70  ? 5   DT  B C2    1 
ATOM   302  O  O2    . DT  B 2 5  ? -0.243  -4.894  -3.503  1.00   56.27  ? 5   DT  B O2    1 
ATOM   303  N  N3    . DT  B 2 5  ? -0.860  -3.425  -1.903  1.00   69.59  ? 5   DT  B N3    1 
ATOM   304  C  C4    . DT  B 2 5  ? -1.663  -2.952  -0.890  1.00   59.52  ? 5   DT  B C4    1 
ATOM   305  O  O4    . DT  B 2 5  ? -1.426  -1.899  -0.305  1.00   72.93  ? 5   DT  B O4    1 
ATOM   306  C  C5    . DT  B 2 5  ? -2.801  -3.780  -0.568  1.00   72.53  ? 5   DT  B C5    1 
ATOM   307  C  C7    . DT  B 2 5  ? -3.747  -3.368  0.518   1.00   54.53  ? 5   DT  B C7    1 
ATOM   308  C  C6    . DT  B 2 5  ? -2.973  -4.917  -1.269  1.00   68.06  ? 5   DT  B C6    1 
ATOM   309  P  P     . DT  B 2 6  ? -2.035  -10.967 -2.816  1.00   90.23  ? 6   DT  B P     1 
ATOM   310  O  OP1   . DT  B 2 6  ? -2.427  -12.166 -3.589  1.00   86.78  ? 6   DT  B OP1   1 
ATOM   311  O  OP2   . DT  B 2 6  ? -2.454  -10.837 -1.402  1.00   92.05  ? 6   DT  B OP2   1 
ATOM   312  O  "O5'" . DT  B 2 6  ? -0.444  -10.844 -2.894  1.00   72.55  ? 6   DT  B "O5'" 1 
ATOM   313  C  "C5'" . DT  B 2 6  ? 0.303   -10.481 -1.738  1.00   73.35  ? 6   DT  B "C5'" 1 
ATOM   314  C  "C4'" . DT  B 2 6  ? 1.379   -9.471  -2.091  1.00   67.63  ? 6   DT  B "C4'" 1 
ATOM   315  O  "O4'" . DT  B 2 6  ? 0.786   -8.155  -2.182  1.00   76.72  ? 6   DT  B "O4'" 1 
ATOM   316  C  "C3'" . DT  B 2 6  ? 2.490   -9.337  -1.065  1.00   69.78  ? 6   DT  B "C3'" 1 
ATOM   317  O  "O3'" . DT  B 2 6  ? 3.520   -10.275 -1.354  1.00   67.18  ? 6   DT  B "O3'" 1 
ATOM   318  C  "C2'" . DT  B 2 6  ? 2.970   -7.904  -1.274  1.00   71.41  ? 6   DT  B "C2'" 1 
ATOM   319  C  "C1'" . DT  B 2 6  ? 1.694   -7.178  -1.710  1.00   72.78  ? 6   DT  B "C1'" 1 
ATOM   320  N  N1    . DT  B 2 6  ? 1.037   -6.411  -0.617  1.00   76.68  ? 6   DT  B N1    1 
ATOM   321  C  C2    . DT  B 2 6  ? 1.508   -5.160  -0.297  1.00   68.21  ? 6   DT  B C2    1 
ATOM   322  O  O2    . DT  B 2 6  ? 2.452   -4.635  -0.861  1.00   61.68  ? 6   DT  B O2    1 
ATOM   323  N  N3    . DT  B 2 6  ? 0.831   -4.542  0.716   1.00   61.75  ? 6   DT  B N3    1 
ATOM   324  C  C4    . DT  B 2 6  ? -0.245  -5.027  1.428   1.00   72.93  ? 6   DT  B C4    1 
ATOM   325  O  O4    . DT  B 2 6  ? -0.782  -4.384  2.324   1.00   64.24  ? 6   DT  B O4    1 
ATOM   326  C  C5    . DT  B 2 6  ? -0.692  -6.343  1.044   1.00   71.69  ? 6   DT  B C5    1 
ATOM   327  C  C7    . DT  B 2 6  ? -1.854  -6.978  1.745   1.00   58.52  ? 6   DT  B C7    1 
ATOM   328  C  C6    . DT  B 2 6  ? -0.036  -6.965  0.050   1.00   77.91  ? 6   DT  B C6    1 
ATOM   329  P  P     . DG  B 2 7  ? 4.079   -11.249 -0.206  1.00   73.52  ? 7   DG  B P     1 
ATOM   330  O  OP1   . DG  B 2 7  ? 4.740   -12.390 -0.875  1.00   87.48  ? 7   DG  B OP1   1 
ATOM   331  O  OP2   . DG  B 2 7  ? 2.987   -11.495 0.763   1.00   77.53  ? 7   DG  B OP2   1 
ATOM   332  O  "O5'" . DG  B 2 7  ? 5.199   -10.378 0.524   1.00   60.42  ? 7   DG  B "O5'" 1 
ATOM   333  C  "C5'" . DG  B 2 7  ? 6.407   -10.069 -0.153  1.00   57.18  ? 7   DG  B "C5'" 1 
ATOM   334  C  "C4'" . DG  B 2 7  ? 7.273   -9.151  0.689   1.00   67.57  ? 7   DG  B "C4'" 1 
ATOM   335  O  "O4'" . DG  B 2 7  ? 6.593   -7.878  0.867   1.00   78.96  ? 7   DG  B "O4'" 1 
ATOM   336  C  "C3'" . DG  B 2 7  ? 7.581   -9.668  2.093   1.00   59.34  ? 7   DG  B "C3'" 1 
ATOM   337  O  "O3'" . DG  B 2 7  ? 8.916   -9.337  2.450   1.00   63.66  ? 7   DG  B "O3'" 1 
ATOM   338  C  "C2'" . DG  B 2 7  ? 6.570   -8.920  2.958   1.00   68.26  ? 7   DG  B "C2'" 1 
ATOM   339  C  "C1'" . DG  B 2 7  ? 6.492   -7.583  2.243   1.00   61.20  ? 7   DG  B "C1'" 1 
ATOM   340  N  N9    . DG  B 2 7  ? 5.237   -6.873  2.479   1.00   68.67  ? 7   DG  B N9    1 
ATOM   341  C  C8    . DG  B 2 7  ? 3.967   -7.331  2.228   1.00   66.06  ? 7   DG  B C8    1 
ATOM   342  N  N7    . DG  B 2 7  ? 3.034   -6.477  2.545   1.00   66.94  ? 7   DG  B N7    1 
ATOM   343  C  C5    . DG  B 2 7  ? 3.730   -5.382  3.042   1.00   64.38  ? 7   DG  B C5    1 
ATOM   344  C  C6    . DG  B 2 7  ? 3.250   -4.145  3.544   1.00   58.66  ? 7   DG  B C6    1 
ATOM   345  O  O6    . DG  B 2 7  ? 2.077   -3.763  3.649   1.00   50.19  ? 7   DG  B O6    1 
ATOM   346  N  N1    . DG  B 2 7  ? 4.293   -3.314  3.946   1.00   53.27  ? 7   DG  B N1    1 
ATOM   347  C  C2    . DG  B 2 7  ? 5.628   -3.634  3.871   1.00   63.15  ? 7   DG  B C2    1 
ATOM   348  N  N2    . DG  B 2 7  ? 6.489   -2.703  4.307   1.00   60.21  ? 7   DG  B N2    1 
ATOM   349  N  N3    . DG  B 2 7  ? 6.090   -4.789  3.406   1.00   69.06  ? 7   DG  B N3    1 
ATOM   350  C  C4    . DG  B 2 7  ? 5.087   -5.611  3.009   1.00   60.54  ? 7   DG  B C4    1 
ATOM   351  P  P     . DT  B 2 8  ? 9.630   -10.046 3.705   1.00   92.11  ? 8   DT  B P     1 
ATOM   352  O  OP1   . DT  B 2 8  ? 10.375  -11.216 3.191   1.00   90.78  ? 8   DT  B OP1   1 
ATOM   353  O  OP2   . DT  B 2 8  ? 8.643   -10.232 4.790   1.00   87.28  ? 8   DT  B OP2   1 
ATOM   354  O  "O5'" . DT  B 2 8  ? 10.672  -8.946  4.205   1.00   77.26  ? 8   DT  B "O5'" 1 
ATOM   355  C  "C5'" . DT  B 2 8  ? 10.657  -7.648  3.628   1.00   80.47  ? 8   DT  B "C5'" 1 
ATOM   356  C  "C4'" . DT  B 2 8  ? 10.513  -6.579  4.697   1.00   76.48  ? 8   DT  B "C4'" 1 
ATOM   357  O  "O4'" . DT  B 2 8  ? 9.141   -6.138  4.770   1.00   77.29  ? 8   DT  B "O4'" 1 
ATOM   358  C  "C3'" . DT  B 2 8  ? 10.891  -7.023  6.115   1.00   82.69  ? 8   DT  B "C3'" 1 
ATOM   359  O  "O3'" . DT  B 2 8  ? 12.054  -6.323  6.544   1.00   96.69  ? 8   DT  B "O3'" 1 
ATOM   360  C  "C2'" . DT  B 2 8  ? 9.661   -6.667  6.973   1.00   86.66  ? 8   DT  B "C2'" 1 
ATOM   361  C  "C1'" . DT  B 2 8  ? 8.894   -5.702  6.077   1.00   66.08  ? 8   DT  B "C1'" 1 
ATOM   362  N  N1    . DT  B 2 8  ? 7.414   -5.700  6.311   1.00   65.29  ? 8   DT  B N1    1 
ATOM   363  C  C2    . DT  B 2 8  ? 6.821   -4.575  6.836   1.00   65.88  ? 8   DT  B C2    1 
ATOM   364  O  O2    . DT  B 2 8  ? 7.439   -3.566  7.124   1.00   69.99  ? 8   DT  B O2    1 
ATOM   365  N  N3    . DT  B 2 8  ? 5.466   -4.670  7.009   1.00   57.96  ? 8   DT  B N3    1 
ATOM   366  C  C4    . DT  B 2 8  ? 4.660   -5.755  6.719   1.00   57.38  ? 8   DT  B C4    1 
ATOM   367  O  O4    . DT  B 2 8  ? 3.448   -5.744  6.913   1.00   57.59  ? 8   DT  B O4    1 
ATOM   368  C  C5    . DT  B 2 8  ? 5.343   -6.902  6.173   1.00   57.58  ? 8   DT  B C5    1 
ATOM   369  C  C7    . DT  B 2 8  ? 4.571   -8.140  5.822   1.00   53.02  ? 8   DT  B C7    1 
ATOM   370  C  C6    . DT  B 2 8  ? 6.673   -6.822  5.997   1.00   64.31  ? 8   DT  B C6    1 
ATOM   371  P  P     . DC  B 2 9  ? 12.742  -6.675  7.952   1.00   95.18  ? 9   DC  B P     1 
ATOM   372  O  OP1   . DC  B 2 9  ? 14.174  -6.312  7.853   1.00   80.29  ? 9   DC  B OP1   1 
ATOM   373  O  OP2   . DC  B 2 9  ? 12.351  -8.056  8.311   1.00   87.12  ? 9   DC  B OP2   1 
ATOM   374  O  "O5'" . DC  B 2 9  ? 12.037  -5.674  8.980   1.00   85.11  ? 9   DC  B "O5'" 1 
ATOM   375  C  "C5'" . DC  B 2 9  ? 12.073  -4.273  8.735   1.00   78.73  ? 9   DC  B "C5'" 1 
ATOM   376  C  "C4'" . DC  B 2 9  ? 11.168  -3.528  9.700   1.00   80.75  ? 9   DC  B "C4'" 1 
ATOM   377  O  "O4'" . DC  B 2 9  ? 9.787   -3.798  9.380   1.00   81.65  ? 9   DC  B "O4'" 1 
ATOM   378  C  "C3'" . DC  B 2 9  ? 11.346  -3.902  11.176  1.00   69.85  ? 9   DC  B "C3'" 1 
ATOM   379  O  "O3'" . DC  B 2 9  ? 11.846  -2.784  11.900  1.00   94.55  ? 9   DC  B "O3'" 1 
ATOM   380  C  "C2'" . DC  B 2 9  ? 9.937   -4.308  11.648  1.00   73.84  ? 9   DC  B "C2'" 1 
ATOM   381  C  "C1'" . DC  B 2 9  ? 9.034   -3.739  10.560  1.00   72.03  ? 9   DC  B "C1'" 1 
ATOM   382  N  N1    . DC  B 2 9  ? 7.777   -4.520  10.357  1.00   64.70  ? 9   DC  B N1    1 
ATOM   383  C  C2    . DC  B 2 9  ? 6.537   -3.915  10.603  1.00   65.84  ? 9   DC  B C2    1 
ATOM   384  O  O2    . DC  B 2 9  ? 6.504   -2.740  10.984  1.00   73.00  ? 9   DC  B O2    1 
ATOM   385  N  N3    . DC  B 2 9  ? 5.405   -4.639  10.412  1.00   66.13  ? 9   DC  B N3    1 
ATOM   386  C  C4    . DC  B 2 9  ? 5.482   -5.905  10.000  1.00   64.51  ? 9   DC  B C4    1 
ATOM   387  N  N4    . DC  B 2 9  ? 4.340   -6.578  9.826   1.00   63.09  ? 9   DC  B N4    1 
ATOM   388  C  C5    . DC  B 2 9  ? 6.735   -6.538  9.746   1.00   54.76  ? 9   DC  B C5    1 
ATOM   389  C  C6    . DC  B 2 9  ? 7.845   -5.815  9.936   1.00   62.09  ? 9   DC  B C6    1 
ATOM   390  P  P     . DC  B 2 10 ? 12.308  -2.944  13.430  1.00   92.21  ? 10  DC  B P     1 
ATOM   391  O  OP1   . DC  B 2 10 ? 13.287  -1.870  13.715  1.00   83.44  ? 10  DC  B OP1   1 
ATOM   392  O  OP2   . DC  B 2 10 ? 12.692  -4.356  13.642  1.00   68.72  ? 10  DC  B OP2   1 
ATOM   393  O  "O5'" . DC  B 2 10 ? 10.973  -2.644  14.259  1.00   80.63  ? 10  DC  B "O5'" 1 
ATOM   394  C  "C5'" . DC  B 2 10 ? 10.293  -1.409  14.070  1.00   83.04  ? 10  DC  B "C5'" 1 
ATOM   395  C  "C4'" . DC  B 2 10 ? 8.947   -1.407  14.775  1.00   87.29  ? 10  DC  B "C4'" 1 
ATOM   396  O  "O4'" . DC  B 2 10 ? 7.962   -2.058  13.958  1.00   85.13  ? 10  DC  B "O4'" 1 
ATOM   397  C  "C3'" . DC  B 2 10 ? 8.899   -2.171  16.083  1.00   76.42  ? 10  DC  B "C3'" 1 
ATOM   398  O  "O3'" . DC  B 2 10 ? 9.358   -1.346  17.143  1.00   87.92  ? 10  DC  B "O3'" 1 
ATOM   399  C  "C2'" . DC  B 2 10 ? 7.404   -2.495  16.228  1.00   71.89  ? 10  DC  B "C2'" 1 
ATOM   400  C  "C1'" . DC  B 2 10 ? 6.875   -2.419  14.784  1.00   79.80  ? 10  DC  B "C1'" 1 
ATOM   401  N  N1    . DC  B 2 10 ? 6.294   -3.703  14.290  1.00   63.39  ? 10  DC  B N1    1 
ATOM   402  C  C2    . DC  B 2 10 ? 4.917   -3.795  14.071  1.00   62.65  ? 10  DC  B C2    1 
ATOM   403  O  O2    . DC  B 2 10 ? 4.204   -2.806  14.282  1.00   60.65  ? 10  DC  B O2    1 
ATOM   404  N  N3    . DC  B 2 10 ? 4.400   -4.968  13.627  1.00   62.63  ? 10  DC  B N3    1 
ATOM   405  C  C4    . DC  B 2 10 ? 5.203   -6.011  13.409  1.00   60.99  ? 10  DC  B C4    1 
ATOM   406  N  N4    . DC  B 2 10 ? 4.647   -7.145  12.972  1.00   61.09  ? 10  DC  B N4    1 
ATOM   407  C  C5    . DC  B 2 10 ? 6.610   -5.937  13.630  1.00   60.93  ? 10  DC  B C5    1 
ATOM   408  C  C6    . DC  B 2 10 ? 7.108   -4.775  14.068  1.00   66.10  ? 10  DC  B C6    1 
ATOM   409  P  P     . DG  C 1 1  ? -12.451 29.596  7.004   0.0000 114.47 ? 1   DG  C P     1 
ATOM   410  O  OP1   . DG  C 1 1  ? -13.742 30.306  7.131   0.0000 89.26  ? 1   DG  C OP1   1 
ATOM   411  O  OP2   . DG  C 1 1  ? -11.957 29.193  5.669   0.0000 90.07  ? 1   DG  C OP2   1 
ATOM   412  O  "O5'" . DG  C 1 1  ? -11.308 30.467  7.709   0.0000 87.92  ? 1   DG  C "O5'" 1 
ATOM   413  C  "C5'" . DG  C 1 1  ? -9.943  30.267  7.359   1.00   88.08  ? 1   DG  C "C5'" 1 
ATOM   414  C  "C4'" . DG  C 1 1  ? -9.227  29.448  8.415   1.00   81.24  ? 1   DG  C "C4'" 1 
ATOM   415  O  "O4'" . DG  C 1 1  ? -9.909  28.180  8.588   1.00   83.07  ? 1   DG  C "O4'" 1 
ATOM   416  C  "C3'" . DG  C 1 1  ? -7.784  29.096  8.085   1.00   75.32  ? 1   DG  C "C3'" 1 
ATOM   417  O  "O3'" . DG  C 1 1  ? -7.028  28.982  9.280   1.00   88.09  ? 1   DG  C "O3'" 1 
ATOM   418  C  "C2'" . DG  C 1 1  ? -7.924  27.752  7.383   1.00   71.52  ? 1   DG  C "C2'" 1 
ATOM   419  C  "C1'" . DG  C 1 1  ? -9.083  27.118  8.145   1.00   80.81  ? 1   DG  C "C1'" 1 
ATOM   420  N  N9    . DG  C 1 1  ? -9.889  26.229  7.318   1.00   81.74  ? 1   DG  C N9    1 
ATOM   421  C  C8    . DG  C 1 1  ? -10.473 26.528  6.111   1.00   66.80  ? 1   DG  C C8    1 
ATOM   422  N  N7    . DG  C 1 1  ? -11.138 25.534  5.594   1.00   65.06  ? 1   DG  C N7    1 
ATOM   423  C  C5    . DG  C 1 1  ? -10.986 24.506  6.518   1.00   60.56  ? 1   DG  C C5    1 
ATOM   424  C  C6    . DG  C 1 1  ? -11.486 23.184  6.498   1.00   58.92  ? 1   DG  C C6    1 
ATOM   425  O  O6    . DG  C 1 1  ? -12.185 22.641  5.630   1.00   58.34  ? 1   DG  C O6    1 
ATOM   426  N  N1    . DG  C 1 1  ? -11.099 22.469  7.629   1.00   59.74  ? 1   DG  C N1    1 
ATOM   427  C  C2    . DG  C 1 1  ? -10.327 22.972  8.650   1.00   67.43  ? 1   DG  C C2    1 
ATOM   428  N  N2    . DG  C 1 1  ? -10.057 22.130  9.660   1.00   49.91  ? 1   DG  C N2    1 
ATOM   429  N  N3    . DG  C 1 1  ? -9.851  24.211  8.681   1.00   57.98  ? 1   DG  C N3    1 
ATOM   430  C  C4    . DG  C 1 1  ? -10.219 24.917  7.585   1.00   52.42  ? 1   DG  C C4    1 
ATOM   431  P  P     . DG  C 1 2  ? -5.425  28.878  9.222   1.00   88.88  ? 2   DG  C P     1 
ATOM   432  O  OP1   . DG  C 1 2  ? -4.885  29.888  10.158  1.00   88.19  ? 2   DG  C OP1   1 
ATOM   433  O  OP2   . DG  C 1 2  ? -5.012  28.895  7.800   1.00   75.22  ? 2   DG  C OP2   1 
ATOM   434  O  "O5'" . DG  C 1 2  ? -5.117  27.421  9.803   1.00   79.21  ? 2   DG  C "O5'" 1 
ATOM   435  C  "C5'" . DG  C 1 2  ? -5.606  27.056  11.088  1.00   69.84  ? 2   DG  C "C5'" 1 
ATOM   436  C  "C4'" . DG  C 1 2  ? -5.415  25.572  11.338  1.00   78.55  ? 2   DG  C "C4'" 1 
ATOM   437  O  "O4'" . DG  C 1 2  ? -6.363  24.813  10.539  1.00   86.14  ? 2   DG  C "O4'" 1 
ATOM   438  C  "C3'" . DG  C 1 2  ? -4.028  25.030  10.989  1.00   79.72  ? 2   DG  C "C3'" 1 
ATOM   439  O  "O3'" . DG  C 1 2  ? -3.582  24.155  12.019  1.00   79.24  ? 2   DG  C "O3'" 1 
ATOM   440  C  "C2'" . DG  C 1 2  ? -4.264  24.284  9.676   1.00   77.12  ? 2   DG  C "C2'" 1 
ATOM   441  C  "C1'" . DG  C 1 2  ? -5.685  23.780  9.863   1.00   74.47  ? 2   DG  C "C1'" 1 
ATOM   442  N  N9    . DG  C 1 2  ? -6.375  23.513  8.606   1.00   65.44  ? 2   DG  C N9    1 
ATOM   443  C  C8    . DG  C 1 2  ? -6.592  24.399  7.579   1.00   67.27  ? 2   DG  C C8    1 
ATOM   444  N  N7    . DG  C 1 2  ? -7.239  23.882  6.572   1.00   56.96  ? 2   DG  C N7    1 
ATOM   445  C  C5    . DG  C 1 2  ? -7.466  22.567  6.954   1.00   58.68  ? 2   DG  C C5    1 
ATOM   446  C  C6    . DG  C 1 2  ? -8.126  21.520  6.267   1.00   63.45  ? 2   DG  C C6    1 
ATOM   447  O  O6    . DG  C 1 2  ? -8.655  21.551  5.145   1.00   64.56  ? 2   DG  C O6    1 
ATOM   448  N  N1    . DG  C 1 2  ? -8.135  20.343  7.009   1.00   60.55  ? 2   DG  C N1    1 
ATOM   449  C  C2    . DG  C 1 2  ? -7.581  20.195  8.258   1.00   68.00  ? 2   DG  C C2    1 
ATOM   450  N  N2    . DG  C 1 2  ? -7.692  18.981  8.816   1.00   66.23  ? 2   DG  C N2    1 
ATOM   451  N  N3    . DG  C 1 2  ? -6.958  21.168  8.915   1.00   63.47  ? 2   DG  C N3    1 
ATOM   452  C  C4    . DG  C 1 2  ? -6.941  22.321  8.202   1.00   60.19  ? 2   DG  C C4    1 
ATOM   453  P  P     . DA  C 1 3  ? -2.046  23.688  12.092  1.00   94.64  ? 3   DA  C P     1 
ATOM   454  O  OP1   . DA  C 1 3  ? -1.489  24.214  13.357  1.00   101.26 ? 3   DA  C OP1   1 
ATOM   455  O  OP2   . DA  C 1 3  ? -1.384  24.016  10.809  1.00   74.10  ? 3   DA  C OP2   1 
ATOM   456  O  "O5'" . DA  C 1 3  ? -2.148  22.099  12.205  1.00   80.96  ? 3   DA  C "O5'" 1 
ATOM   457  C  "C5'" . DA  C 1 3  ? -3.268  21.427  11.645  1.00   80.89  ? 3   DA  C "C5'" 1 
ATOM   458  C  "C4'" . DA  C 1 3  ? -2.936  19.983  11.334  1.00   85.17  ? 3   DA  C "C4'" 1 
ATOM   459  O  "O4'" . DA  C 1 3  ? -3.701  19.557  10.178  1.00   78.00  ? 3   DA  C "O4'" 1 
ATOM   460  C  "C3'" . DA  C 1 3  ? -1.481  19.728  10.971  1.00   85.17  ? 3   DA  C "C3'" 1 
ATOM   461  O  "O3'" . DA  C 1 3  ? -1.118  18.401  11.320  1.00   69.57  ? 3   DA  C "O3'" 1 
ATOM   462  C  "C2'" . DA  C 1 3  ? -1.478  19.932  9.462   1.00   67.68  ? 3   DA  C "C2'" 1 
ATOM   463  C  "C1'" . DA  C 1 3  ? -2.849  19.392  9.062   1.00   66.80  ? 3   DA  C "C1'" 1 
ATOM   464  N  N9    . DA  C 1 3  ? -3.431  20.101  7.927   1.00   70.84  ? 3   DA  C N9    1 
ATOM   465  C  C8    . DA  C 1 3  ? -3.244  21.413  7.596   1.00   64.78  ? 3   DA  C C8    1 
ATOM   466  N  N7    . DA  C 1 3  ? -3.886  21.783  6.516   1.00   71.51  ? 3   DA  C N7    1 
ATOM   467  C  C5    . DA  C 1 3  ? -4.542  20.634  6.108   1.00   64.53  ? 3   DA  C C5    1 
ATOM   468  C  C6    . DA  C 1 3  ? -5.393  20.362  5.019   1.00   65.16  ? 3   DA  C C6    1 
ATOM   469  N  N6    . DA  C 1 3  ? -5.743  21.280  4.111   1.00   56.61  ? 3   DA  C N6    1 
ATOM   470  N  N1    . DA  C 1 3  ? -5.878  19.108  4.902   1.00   61.20  ? 3   DA  C N1    1 
ATOM   471  C  C2    . DA  C 1 3  ? -5.527  18.193  5.814   1.00   57.40  ? 3   DA  C C2    1 
ATOM   472  N  N3    . DA  C 1 3  ? -4.735  18.330  6.877   1.00   62.39  ? 3   DA  C N3    1 
ATOM   473  C  C4    . DA  C 1 3  ? -4.270  19.586  6.968   1.00   65.29  ? 3   DA  C C4    1 
ATOM   474  P  P     . DC  C 1 4  ? 0.415   17.929  11.207  1.00   92.19  ? 4   DC  C P     1 
ATOM   475  O  OP1   . DC  C 1 4  ? 0.683   17.029  12.351  1.00   85.17  ? 4   DC  C OP1   1 
ATOM   476  O  OP2   . DC  C 1 4  ? 1.252   19.131  11.001  1.00   79.56  ? 4   DC  C OP2   1 
ATOM   477  O  "O5'" . DC  C 1 4  ? 0.445   17.045  9.875   1.00   77.73  ? 4   DC  C "O5'" 1 
ATOM   478  C  "C5'" . DC  C 1 4  ? -0.327  15.856  9.800   1.00   69.62  ? 4   DC  C "C5'" 1 
ATOM   479  C  "C4'" . DC  C 1 4  ? -0.534  15.436  8.357   1.00   70.41  ? 4   DC  C "C4'" 1 
ATOM   480  O  "O4'" . DC  C 1 4  ? -1.284  16.451  7.653   1.00   82.30  ? 4   DC  C "O4'" 1 
ATOM   481  C  "C3'" . DC  C 1 4  ? 0.753   15.234  7.549   1.00   74.14  ? 4   DC  C "C3'" 1 
ATOM   482  O  "O3'" . DC  C 1 4  ? 0.937   13.840  7.264   1.00   87.02  ? 4   DC  C "O3'" 1 
ATOM   483  C  "C2'" . DC  C 1 4  ? 0.539   16.068  6.271   1.00   76.55  ? 4   DC  C "C2'" 1 
ATOM   484  C  "C1'" . DC  C 1 4  ? -0.952  16.361  6.297   1.00   78.39  ? 4   DC  C "C1'" 1 
ATOM   485  N  N1    . DC  C 1 4  ? -1.310  17.636  5.616   1.00   68.21  ? 4   DC  C N1    1 
ATOM   486  C  C2    . DC  C 1 4  ? -2.266  17.631  4.593   1.00   70.37  ? 4   DC  C C2    1 
ATOM   487  O  O2    . DC  C 1 4  ? -2.814  16.566  4.286   1.00   74.62  ? 4   DC  C O2    1 
ATOM   488  N  N3    . DC  C 1 4  ? -2.569  18.798  3.974   1.00   65.90  ? 4   DC  C N3    1 
ATOM   489  C  C4    . DC  C 1 4  ? -1.954  19.926  4.334   1.00   69.96  ? 4   DC  C C4    1 
ATOM   490  N  N4    . DC  C 1 4  ? -2.287  21.053  3.693   1.00   71.54  ? 4   DC  C N4    1 
ATOM   491  C  C5    . DC  C 1 4  ? -0.973  19.949  5.369   1.00   68.15  ? 4   DC  C C5    1 
ATOM   492  C  C6    . DC  C 1 4  ? -0.682  18.793  5.973   1.00   74.24  ? 4   DC  C C6    1 
ATOM   493  P  P     . DT  C 1 5  ? 1.866   13.354  6.042   1.00   98.00  ? 5   DT  C P     1 
ATOM   494  O  OP1   . DT  C 1 5  ? 2.185   11.932  6.292   1.00   81.89  ? 5   DT  C OP1   1 
ATOM   495  O  OP2   . DT  C 1 5  ? 2.973   14.320  5.842   1.00   80.37  ? 5   DT  C OP2   1 
ATOM   496  O  "O5'" . DT  C 1 5  ? 0.888   13.421  4.780   1.00   84.86  ? 5   DT  C "O5'" 1 
ATOM   497  C  "C5'" . DT  C 1 5  ? 1.412   13.564  3.471   1.00   76.88  ? 5   DT  C "C5'" 1 
ATOM   498  C  "C4'" . DT  C 1 5  ? 0.317   13.995  2.515   1.00   78.05  ? 5   DT  C "C4'" 1 
ATOM   499  O  "O4'" . DT  C 1 5  ? -0.221  15.259  2.949   1.00   77.03  ? 5   DT  C "O4'" 1 
ATOM   500  C  "C3'" . DT  C 1 5  ? 0.768   14.226  1.087   1.00   80.23  ? 5   DT  C "C3'" 1 
ATOM   501  O  "O3'" . DT  C 1 5  ? 0.698   13.004  0.362   1.00   94.71  ? 5   DT  C "O3'" 1 
ATOM   502  C  "C2'" . DT  C 1 5  ? -0.256  15.237  0.566   1.00   66.73  ? 5   DT  C "C2'" 1 
ATOM   503  C  "C1'" . DT  C 1 5  ? -0.708  15.977  1.833   1.00   70.35  ? 5   DT  C "C1'" 1 
ATOM   504  N  N1    . DT  C 1 5  ? -0.211  17.378  1.919   1.00   61.03  ? 5   DT  C N1    1 
ATOM   505  C  C2    . DT  C 1 5  ? -0.726  18.326  1.066   1.00   74.20  ? 5   DT  C C2    1 
ATOM   506  O  O2    . DT  C 1 5  ? -1.577  18.088  0.225   1.00   62.18  ? 5   DT  C O2    1 
ATOM   507  N  N3    . DT  C 1 5  ? -0.204  19.576  1.231   1.00   54.50  ? 5   DT  C N3    1 
ATOM   508  C  C4    . DT  C 1 5  ? 0.752   19.979  2.136   1.00   70.32  ? 5   DT  C C4    1 
ATOM   509  O  O4    . DT  C 1 5  ? 1.151   21.138  2.197   1.00   76.85  ? 5   DT  C O4    1 
ATOM   510  C  C5    . DT  C 1 5  ? 1.251   18.940  3.004   1.00   73.60  ? 5   DT  C C5    1 
ATOM   511  C  C7    . DT  C 1 5  ? 2.296   19.255  4.031   1.00   67.37  ? 5   DT  C C7    1 
ATOM   512  C  C6    . DT  C 1 5  ? 0.748   17.703  2.856   1.00   70.23  ? 5   DT  C C6    1 
ATOM   513  P  P     . DT  C 1 6  ? 2.035   12.196  -0.007  1.00   106.55 ? 6   DT  C P     1 
ATOM   514  O  OP1   . DT  C 1 6  ? 1.879   10.811  0.487   1.00   104.82 ? 6   DT  C OP1   1 
ATOM   515  O  OP2   . DT  C 1 6  ? 3.192   13.012  0.425   1.00   89.21  ? 6   DT  C OP2   1 
ATOM   516  O  "O5'" . DT  C 1 6  ? 2.021   12.145  -1.601  1.00   92.59  ? 6   DT  C "O5'" 1 
ATOM   517  C  "C5'" . DT  C 1 6  ? 2.350   13.300  -2.340  1.00   76.33  ? 6   DT  C "C5'" 1 
ATOM   518  C  "C4'" . DT  C 1 6  ? 1.324   13.562  -3.422  1.00   73.85  ? 6   DT  C "C4'" 1 
ATOM   519  O  "O4'" . DT  C 1 6  ? 0.609   14.779  -3.101  1.00   76.71  ? 6   DT  C "O4'" 1 
ATOM   520  C  "C3'" . DT  C 1 6  ? 1.920   13.830  -4.790  1.00   81.76  ? 6   DT  C "C3'" 1 
ATOM   521  O  "O3'" . DT  C 1 6  ? 0.925   13.681  -5.795  1.00   85.73  ? 6   DT  C "O3'" 1 
ATOM   522  C  "C2'" . DT  C 1 6  ? 2.328   15.283  -4.638  1.00   79.19  ? 6   DT  C "C2'" 1 
ATOM   523  C  "C1'" . DT  C 1 6  ? 1.120   15.841  -3.892  1.00   71.30  ? 6   DT  C "C1'" 1 
ATOM   524  N  N1    . DT  C 1 6  ? 1.454   16.976  -3.003  1.00   73.58  ? 6   DT  C N1    1 
ATOM   525  C  C2    . DT  C 1 6  ? 1.076   18.240  -3.373  1.00   75.66  ? 6   DT  C C2    1 
ATOM   526  O  O2    . DT  C 1 6  ? 0.469   18.485  -4.400  1.00   74.94  ? 6   DT  C O2    1 
ATOM   527  N  N3    . DT  C 1 6  ? 1.431   19.216  -2.492  1.00   71.49  ? 6   DT  C N3    1 
ATOM   528  C  C4    . DT  C 1 6  ? 2.113   19.071  -1.302  1.00   74.87  ? 6   DT  C C4    1 
ATOM   529  O  O4    . DT  C 1 6  ? 2.382   20.027  -0.580  1.00   66.68  ? 6   DT  C O4    1 
ATOM   530  C  C5    . DT  C 1 6  ? 2.489   17.721  -0.971  1.00   62.87  ? 6   DT  C C5    1 
ATOM   531  C  C7    . DT  C 1 6  ? 3.236   17.436  0.297   1.00   58.21  ? 6   DT  C C7    1 
ATOM   532  C  C6    . DT  C 1 6  ? 2.145   16.746  -1.829  1.00   63.21  ? 6   DT  C C6    1 
ATOM   533  P  P     . DC  C 1 7  ? 1.306   13.884  -7.344  1.00   86.28  ? 7   DC  C P     1 
ATOM   534  O  OP1   . DC  C 1 7  ? 0.196   13.335  -8.152  1.00   84.29  ? 7   DC  C OP1   1 
ATOM   535  O  OP2   . DC  C 1 7  ? 2.680   13.366  -7.527  1.00   89.67  ? 7   DC  C OP2   1 
ATOM   536  O  "O5'" . DC  C 1 7  ? 1.362   15.476  -7.531  1.00   82.41  ? 7   DC  C "O5'" 1 
ATOM   537  C  "C5'" . DC  C 1 7  ? 0.907   16.068  -8.739  1.00   70.94  ? 7   DC  C "C5'" 1 
ATOM   538  C  "C4'" . DC  C 1 7  ? 1.483   17.465  -8.921  1.00   80.36  ? 7   DC  C "C4'" 1 
ATOM   539  O  "O4'" . DC  C 1 7  ? 1.699   18.094  -7.628  1.00   74.64  ? 7   DC  C "O4'" 1 
ATOM   540  C  "C3'" . DC  C 1 7  ? 2.834   17.527  -9.652  1.00   82.63  ? 7   DC  C "C3'" 1 
ATOM   541  O  "O3'" . DC  C 1 7  ? 2.764   18.473  -10.712 1.00   82.79  ? 7   DC  C "O3'" 1 
ATOM   542  C  "C2'" . DC  C 1 7  ? 3.806   17.986  -8.563  1.00   84.19  ? 7   DC  C "C2'" 1 
ATOM   543  C  "C1'" . DC  C 1 7  ? 2.889   18.837  -7.707  1.00   88.08  ? 7   DC  C "C1'" 1 
ATOM   544  N  N1    . DC  C 1 7  ? 3.406   19.101  -6.328  1.00   80.78  ? 7   DC  C N1    1 
ATOM   545  C  C2    . DC  C 1 7  ? 3.252   20.375  -5.769  1.00   74.55  ? 7   DC  C C2    1 
ATOM   546  O  O2    . DC  C 1 7  ? 2.683   21.257  -6.425  1.00   73.28  ? 7   DC  C O2    1 
ATOM   547  N  N3    . DC  C 1 7  ? 3.728   20.608  -4.519  1.00   62.87  ? 7   DC  C N3    1 
ATOM   548  C  C4    . DC  C 1 7  ? 4.336   19.630  -3.845  1.00   85.32  ? 7   DC  C C4    1 
ATOM   549  N  N4    . DC  C 1 7  ? 4.791   19.905  -2.617  1.00   67.92  ? 7   DC  C N4    1 
ATOM   550  C  C5    . DC  C 1 7  ? 4.508   18.326  -4.400  1.00   77.80  ? 7   DC  C C5    1 
ATOM   551  C  C6    . DC  C 1 7  ? 4.035   18.110  -5.634  1.00   73.16  ? 7   DC  C C6    1 
ATOM   552  P  P     . DG  C 1 8  ? 3.581   18.226  -12.074 1.00   102.81 ? 8   DG  C P     1 
ATOM   553  O  OP1   . DG  C 1 8  ? 2.852   17.210  -12.864 1.00   105.48 ? 8   DG  C OP1   1 
ATOM   554  O  OP2   . DG  C 1 8  ? 5.000   18.009  -11.717 1.00   81.05  ? 8   DG  C OP2   1 
ATOM   555  O  "O5'" . DG  C 1 8  ? 3.497   19.630  -12.831 1.00   75.51  ? 8   DG  C "O5'" 1 
ATOM   556  C  "C5'" . DG  C 1 8  ? 2.453   20.540  -12.527 1.00   84.24  ? 8   DG  C "C5'" 1 
ATOM   557  C  "C4'" . DG  C 1 8  ? 3.005   21.940  -12.332 1.00   96.85  ? 8   DG  C "C4'" 1 
ATOM   558  O  "O4'" . DG  C 1 8  ? 3.361   22.135  -10.937 1.00   87.31  ? 8   DG  C "O4'" 1 
ATOM   559  C  "C3'" . DG  C 1 8  ? 4.262   22.261  -13.141 1.00   103.58 ? 8   DG  C "C3'" 1 
ATOM   560  O  "O3'" . DG  C 1 8  ? 4.188   23.599  -13.629 1.00   100.05 ? 8   DG  C "O3'" 1 
ATOM   561  C  "C2'" . DG  C 1 8  ? 5.382   22.087  -12.114 1.00   85.04  ? 8   DG  C "C2'" 1 
ATOM   562  C  "C1'" . DG  C 1 8  ? 4.703   22.562  -10.841 1.00   84.30  ? 8   DG  C "C1'" 1 
ATOM   563  N  N9    . DG  C 1 8  ? 5.279   21.995  -9.626  1.00   79.33  ? 8   DG  C N9    1 
ATOM   564  C  C8    . DG  C 1 8  ? 5.602   20.679  -9.399  1.00   77.12  ? 8   DG  C C8    1 
ATOM   565  N  N7    . DG  C 1 8  ? 6.099   20.463  -8.213  1.00   72.28  ? 8   DG  C N7    1 
ATOM   566  C  C5    . DG  C 1 8  ? 6.109   21.717  -7.616  1.00   76.00  ? 8   DG  C C5    1 
ATOM   567  C  C6    . DG  C 1 8  ? 6.540   22.110  -6.326  1.00   75.02  ? 8   DG  C C6    1 
ATOM   568  O  O6    . DG  C 1 8  ? 7.013   21.401  -5.427  1.00   72.72  ? 8   DG  C O6    1 
ATOM   569  N  N1    . DG  C 1 8  ? 6.376   23.478  -6.123  1.00   72.31  ? 8   DG  C N1    1 
ATOM   570  C  C2    . DG  C 1 8  ? 5.861   24.354  -7.048  1.00   71.10  ? 8   DG  C C2    1 
ATOM   571  N  N2    . DG  C 1 8  ? 5.781   25.637  -6.671  1.00   82.43  ? 8   DG  C N2    1 
ATOM   572  N  N3    . DG  C 1 8  ? 5.453   23.999  -8.260  1.00   79.48  ? 8   DG  C N3    1 
ATOM   573  C  C4    . DG  C 1 8  ? 5.606   22.670  -8.473  1.00   78.04  ? 8   DG  C C4    1 
ATOM   574  P  P     . DC  C 1 9  ? 5.284   24.175  -14.656 1.00   121.82 ? 9   DC  C P     1 
ATOM   575  O  OP1   . DC  C 1 9  ? 4.585   24.510  -15.915 1.00   105.50 ? 9   DC  C OP1   1 
ATOM   576  O  OP2   . DC  C 1 9  ? 6.452   23.265  -14.696 1.00   107.96 ? 9   DC  C OP2   1 
ATOM   577  O  "O5'" . DC  C 1 9  ? 5.746   25.535  -13.964 1.00   104.32 ? 9   DC  C "O5'" 1 
ATOM   578  C  "C5'" . DC  C 1 9  ? 5.847   25.602  -12.551 1.00   94.08  ? 9   DC  C "C5'" 1 
ATOM   579  C  "C4'" . DC  C 1 9  ? 6.551   26.869  -12.123 1.00   92.80  ? 9   DC  C "C4'" 1 
ATOM   580  O  "O4'" . DC  C 1 9  ? 7.055   26.701  -10.778 1.00   101.58 ? 9   DC  C "O4'" 1 
ATOM   581  C  "C3'" . DC  C 1 9  ? 7.766   27.226  -12.956 1.00   92.14  ? 9   DC  C "C3'" 1 
ATOM   582  O  "O3'" . DC  C 1 9  ? 8.004   28.623  -12.884 1.00   90.59  ? 9   DC  C "O3'" 1 
ATOM   583  C  "C2'" . DC  C 1 9  ? 8.875   26.422  -12.281 1.00   92.34  ? 9   DC  C "C2'" 1 
ATOM   584  C  "C1'" . DC  C 1 9  ? 8.439   26.406  -10.814 1.00   89.62  ? 9   DC  C "C1'" 1 
ATOM   585  N  N1    . DC  C 1 9  ? 8.659   25.087  -10.149 1.00   86.09  ? 9   DC  C N1    1 
ATOM   586  C  C2    . DC  C 1 9  ? 8.846   25.031  -8.764  1.00   82.93  ? 9   DC  C C2    1 
ATOM   587  O  O2    . DC  C 1 9  ? 8.819   26.080  -8.109  1.00   76.75  ? 9   DC  C O2    1 
ATOM   588  N  N3    . DC  C 1 9  ? 9.050   23.824  -8.177  1.00   79.00  ? 9   DC  C N3    1 
ATOM   589  C  C4    . DC  C 1 9  ? 9.072   22.715  -8.919  1.00   84.66  ? 9   DC  C C4    1 
ATOM   590  N  N4    . DC  C 1 9  ? 9.276   21.550  -8.295  1.00   70.90  ? 9   DC  C N4    1 
ATOM   591  C  C5    . DC  C 1 9  ? 8.885   22.752  -10.334 1.00   71.75  ? 9   DC  C C5    1 
ATOM   592  C  C6    . DC  C 1 9  ? 8.686   23.948  -10.900 1.00   83.50  ? 9   DC  C C6    1 
ATOM   593  P  P     . DG  C 1 10 ? 9.169   29.298  -13.761 1.00   110.37 ? 10  DG  C P     1 
ATOM   594  O  OP1   . DG  C 1 10 ? 8.611   30.521  -14.381 1.00   104.97 ? 10  DG  C OP1   1 
ATOM   595  O  OP2   . DG  C 1 10 ? 9.768   28.258  -14.626 1.00   104.31 ? 10  DG  C OP2   1 
ATOM   596  O  "O5'" . DG  C 1 10 ? 10.257  29.715  -12.668 1.00   100.83 ? 10  DG  C "O5'" 1 
ATOM   597  C  "C5'" . DG  C 1 10 ? 9.834   30.301  -11.442 1.00   89.60  ? 10  DG  C "C5'" 1 
ATOM   598  C  "C4'" . DG  C 1 10 ? 10.847  30.046  -10.340 1.00   92.54  ? 10  DG  C "C4'" 1 
ATOM   599  O  "O4'" . DG  C 1 10 ? 10.770  28.673  -9.916  1.00   92.61  ? 10  DG  C "O4'" 1 
ATOM   600  C  "C3'" . DG  C 1 10 ? 12.305  30.264  -10.743 1.00   95.47  ? 10  DG  C "C3'" 1 
ATOM   601  O  "O3'" . DG  C 1 10 ? 12.773  31.500  -10.215 1.00   85.98  ? 10  DG  C "O3'" 1 
ATOM   602  C  "C2'" . DG  C 1 10 ? 13.064  29.063  -10.138 1.00   89.03  ? 10  DG  C "C2'" 1 
ATOM   603  C  "C1'" . DG  C 1 10 ? 11.994  28.336  -9.325  1.00   86.84  ? 10  DG  C "C1'" 1 
ATOM   604  N  N9    . DG  C 1 10 ? 12.133  26.882  -9.337  1.00   82.46  ? 10  DG  C N9    1 
ATOM   605  C  C8    . DG  C 1 10 ? 12.035  26.049  -10.425 1.00   84.77  ? 10  DG  C C8    1 
ATOM   606  N  N7    . DG  C 1 10 ? 12.203  24.788  -10.133 1.00   84.62  ? 10  DG  C N7    1 
ATOM   607  C  C5    . DG  C 1 10 ? 12.427  24.784  -8.761  1.00   83.05  ? 10  DG  C C5    1 
ATOM   608  C  C6    . DG  C 1 10 ? 12.674  23.703  -7.880  1.00   83.97  ? 10  DG  C C6    1 
ATOM   609  O  O6    . DG  C 1 10 ? 12.747  22.495  -8.147  1.00   89.31  ? 10  DG  C O6    1 
ATOM   610  N  N1    . DG  C 1 10 ? 12.846  24.137  -6.567  1.00   83.66  ? 10  DG  C N1    1 
ATOM   611  C  C2    . DG  C 1 10 ? 12.786  25.447  -6.158  1.00   86.60  ? 10  DG  C C2    1 
ATOM   612  N  N2    . DG  C 1 10 ? 12.978  25.670  -4.849  1.00   85.59  ? 10  DG  C N2    1 
ATOM   613  N  N3    . DG  C 1 10 ? 12.556  26.471  -6.972  1.00   87.71  ? 10  DG  C N3    1 
ATOM   614  C  C4    . DG  C 1 10 ? 12.387  26.065  -8.255  1.00   89.12  ? 10  DG  C C4    1 
ATOM   615  P  P     . DC  D 2 1  ? 18.318  18.477  1.305   0.0000 112.05 ? 1   DC  D P     1 
ATOM   616  O  OP1   . DC  D 2 1  ? 18.612  19.199  2.564   0.0000 103.87 ? 1   DC  D OP1   1 
ATOM   617  O  OP2   . DC  D 2 1  ? 19.426  18.046  0.423   0.0000 102.44 ? 1   DC  D OP2   1 
ATOM   618  O  "O5'" . DC  D 2 1  ? 17.301  19.352  0.434   0.0000 101.09 ? 1   DC  D "O5'" 1 
ATOM   619  C  "C5'" . DC  D 2 1  ? 16.009  19.655  0.943   0.0000 98.93  ? 1   DC  D "C5'" 1 
ATOM   620  C  "C4'" . DC  D 2 1  ? 15.693  21.129  0.772   1.00   89.95  ? 1   DC  D "C4'" 1 
ATOM   621  O  "O4'" . DC  D 2 1  ? 15.679  21.461  -0.645  1.00   97.18  ? 1   DC  D "O4'" 1 
ATOM   622  C  "C3'" . DC  D 2 1  ? 14.334  21.563  1.315   1.00   98.08  ? 1   DC  D "C3'" 1 
ATOM   623  O  "O3'" . DC  D 2 1  ? 14.419  22.884  1.839   1.00   107.03 ? 1   DC  D "O3'" 1 
ATOM   624  C  "C2'" . DC  D 2 1  ? 13.455  21.515  0.072   1.00   102.45 ? 1   DC  D "C2'" 1 
ATOM   625  C  "C1'" . DC  D 2 1  ? 14.424  22.011  -0.990  1.00   96.04  ? 1   DC  D "C1'" 1 
ATOM   626  N  N1    . DC  D 2 1  ? 14.071  21.573  -2.376  1.00   89.96  ? 1   DC  D N1    1 
ATOM   627  C  C2    . DC  D 2 1  ? 13.604  22.513  -3.304  1.00   79.40  ? 1   DC  D C2    1 
ATOM   628  O  O2    . DC  D 2 1  ? 13.493  23.697  -2.960  1.00   80.75  ? 1   DC  D O2    1 
ATOM   629  N  N3    . DC  D 2 1  ? 13.287  22.098  -4.554  1.00   66.47  ? 1   DC  D N3    1 
ATOM   630  C  C4    . DC  D 2 1  ? 13.420  20.813  -4.886  1.00   74.68  ? 1   DC  D C4    1 
ATOM   631  N  N4    . DC  D 2 1  ? 13.096  20.454  -6.132  1.00   80.89  ? 1   DC  D N4    1 
ATOM   632  C  C5    . DC  D 2 1  ? 13.894  19.841  -3.956  1.00   73.07  ? 1   DC  D C5    1 
ATOM   633  C  C6    . DC  D 2 1  ? 14.203  20.261  -2.725  1.00   78.16  ? 1   DC  D C6    1 
ATOM   634  P  P     . DG  D 2 2  ? 13.452  23.346  3.038   1.00   129.14 ? 2   DG  D P     1 
ATOM   635  O  OP1   . DG  D 2 2  ? 14.260  23.390  4.275   1.00   122.79 ? 2   DG  D OP1   1 
ATOM   636  O  OP2   . DG  D 2 2  ? 12.233  22.508  2.988   1.00   97.95  ? 2   DG  D OP2   1 
ATOM   637  O  "O5'" . DG  D 2 2  ? 13.061  24.851  2.656   1.00   91.93  ? 2   DG  D "O5'" 1 
ATOM   638  C  "C5'" . DG  D 2 2  ? 13.567  25.436  1.462   1.00   94.93  ? 2   DG  D "C5'" 1 
ATOM   639  C  "C4'" . DG  D 2 2  ? 12.581  26.442  0.895   1.00   107.15 ? 2   DG  D "C4'" 1 
ATOM   640  O  "O4'" . DG  D 2 2  ? 12.204  26.043  -0.450  1.00   113.20 ? 2   DG  D "O4'" 1 
ATOM   641  C  "C3'" . DG  D 2 2  ? 11.272  26.561  1.665   1.00   102.54 ? 2   DG  D "C3'" 1 
ATOM   642  O  "O3'" . DG  D 2 2  ? 10.746  27.874  1.533   1.00   103.01 ? 2   DG  D "O3'" 1 
ATOM   643  C  "C2'" . DG  D 2 2  ? 10.393  25.541  0.959   1.00   106.50 ? 2   DG  D "C2'" 1 
ATOM   644  C  "C1'" . DG  D 2 2  ? 10.823  25.734  -0.489  1.00   102.41 ? 2   DG  D "C1'" 1 
ATOM   645  N  N9    . DG  D 2 2  ? 10.636  24.545  -1.313  1.00   99.15  ? 2   DG  D N9    1 
ATOM   646  C  C8    . DG  D 2 2  ? 10.833  23.240  -0.935  1.00   96.17  ? 2   DG  D C8    1 
ATOM   647  N  N7    . DG  D 2 2  ? 10.588  22.379  -1.883  1.00   86.04  ? 2   DG  D N7    1 
ATOM   648  C  C5    . DG  D 2 2  ? 10.202  23.164  -2.959  1.00   83.57  ? 2   DG  D C5    1 
ATOM   649  C  C6    . DG  D 2 2  ? 9.814   22.786  -4.269  1.00   86.50  ? 2   DG  D C6    1 
ATOM   650  O  O6    . DG  D 2 2  ? 9.734   21.645  -4.745  1.00   91.16  ? 2   DG  D O6    1 
ATOM   651  N  N1    . DG  D 2 2  ? 9.500   23.893  -5.052  1.00   86.91  ? 2   DG  D N1    1 
ATOM   652  C  C2    . DG  D 2 2  ? 9.555   25.199  -4.626  1.00   85.66  ? 2   DG  D C2    1 
ATOM   653  N  N2    . DG  D 2 2  ? 9.215   26.133  -5.525  1.00   83.26  ? 2   DG  D N2    1 
ATOM   654  N  N3    . DG  D 2 2  ? 9.917   25.567  -3.402  1.00   90.35  ? 2   DG  D N3    1 
ATOM   655  C  C4    . DG  D 2 2  ? 10.225  24.499  -2.629  1.00   89.20  ? 2   DG  D C4    1 
ATOM   656  P  P     . DC  D 2 3  ? 9.962   28.553  2.761   1.00   128.83 ? 3   DC  D P     1 
ATOM   657  O  OP1   . DC  D 2 3  ? 10.965  29.210  3.628   1.00   122.27 ? 3   DC  D OP1   1 
ATOM   658  O  OP2   . DC  D 2 3  ? 9.057   27.529  3.327   1.00   109.55 ? 3   DC  D OP2   1 
ATOM   659  O  "O5'" . DC  D 2 3  ? 9.059   29.680  2.071   1.00   113.28 ? 3   DC  D "O5'" 1 
ATOM   660  C  "C5'" . DC  D 2 3  ? 7.710   29.394  1.717   1.00   97.12  ? 3   DC  D "C5'" 1 
ATOM   661  C  "C4'" . DC  D 2 3  ? 7.547   29.338  0.211   1.00   94.12  ? 3   DC  D "C4'" 1 
ATOM   662  O  "O4'" . DC  D 2 3  ? 7.989   28.059  -0.270  1.00   101.35 ? 3   DC  D "O4'" 1 
ATOM   663  C  "C3'" . DC  D 2 3  ? 6.112   29.457  -0.278  1.00   95.65  ? 3   DC  D "C3'" 1 
ATOM   664  O  "O3'" . DC  D 2 3  ? 5.798   30.822  -0.518  1.00   93.13  ? 3   DC  D "O3'" 1 
ATOM   665  C  "C2'" . DC  D 2 3  ? 6.101   28.647  -1.583  1.00   100.73 ? 3   DC  D "C2'" 1 
ATOM   666  C  "C1'" . DC  D 2 3  ? 7.388   27.814  -1.520  1.00   95.67  ? 3   DC  D "C1'" 1 
ATOM   667  N  N1    . DC  D 2 3  ? 7.159   26.348  -1.661  1.00   90.54  ? 3   DC  D N1    1 
ATOM   668  C  C2    . DC  D 2 3  ? 6.808   25.815  -2.908  1.00   88.68  ? 3   DC  D C2    1 
ATOM   669  O  O2    . DC  D 2 3  ? 6.688   26.573  -3.877  1.00   88.75  ? 3   DC  D O2    1 
ATOM   670  N  N3    . DC  D 2 3  ? 6.611   24.477  -3.017  1.00   88.27  ? 3   DC  D N3    1 
ATOM   671  C  C4    . DC  D 2 3  ? 6.751   23.692  -1.948  1.00   87.16  ? 3   DC  D C4    1 
ATOM   672  N  N4    . DC  D 2 3  ? 6.544   22.381  -2.104  1.00   92.43  ? 3   DC  D N4    1 
ATOM   673  C  C5    . DC  D 2 3  ? 7.108   24.216  -0.671  1.00   78.84  ? 3   DC  D C5    1 
ATOM   674  C  C6    . DC  D 2 3  ? 7.298   25.535  -0.575  1.00   87.55  ? 3   DC  D C6    1 
ATOM   675  P  P     . DG  D 2 4  ? 4.757   31.597  0.429   1.00   129.47 ? 4   DG  D P     1 
ATOM   676  O  OP1   . DG  D 2 4  ? 5.352   32.910  0.760   1.00   128.76 ? 4   DG  D OP1   1 
ATOM   677  O  OP2   . DG  D 2 4  ? 4.358   30.671  1.514   1.00   110.87 ? 4   DG  D OP2   1 
ATOM   678  O  "O5'" . DG  D 2 4  ? 3.483   31.833  -0.507  1.00   103.33 ? 4   DG  D "O5'" 1 
ATOM   679  C  "C5'" . DG  D 2 4  ? 2.691   30.730  -0.916  1.00   100.09 ? 4   DG  D "C5'" 1 
ATOM   680  C  "C4'" . DG  D 2 4  ? 2.642   30.633  -2.428  1.00   87.78  ? 4   DG  D "C4'" 1 
ATOM   681  O  "O4'" . DG  D 2 4  ? 3.372   29.455  -2.857  1.00   93.33  ? 4   DG  D "O4'" 1 
ATOM   682  C  "C3'" . DG  D 2 4  ? 1.249   30.460  -3.006  1.00   89.36  ? 4   DG  D "C3'" 1 
ATOM   683  O  "O3'" . DG  D 2 4  ? 1.230   30.914  -4.354  1.00   85.46  ? 4   DG  D "O3'" 1 
ATOM   684  C  "C2'" . DG  D 2 4  ? 1.073   28.951  -2.924  1.00   91.99  ? 4   DG  D "C2'" 1 
ATOM   685  C  "C1'" . DG  D 2 4  ? 2.462   28.475  -3.330  1.00   90.67  ? 4   DG  D "C1'" 1 
ATOM   686  N  N9    . DG  D 2 4  ? 2.829   27.185  -2.756  1.00   87.61  ? 4   DG  D N9    1 
ATOM   687  C  C8    . DG  D 2 4  ? 3.124   26.916  -1.441  1.00   89.88  ? 4   DG  D C8    1 
ATOM   688  N  N7    . DG  D 2 4  ? 3.420   25.666  -1.219  1.00   88.01  ? 4   DG  D N7    1 
ATOM   689  C  C5    . DG  D 2 4  ? 3.317   25.067  -2.468  1.00   92.57  ? 4   DG  D C5    1 
ATOM   690  C  C6    . DG  D 2 4  ? 3.520   23.720  -2.854  1.00   83.18  ? 4   DG  D C6    1 
ATOM   691  O  O6    . DG  D 2 4  ? 3.845   22.758  -2.142  1.00   74.64  ? 4   DG  D O6    1 
ATOM   692  N  N1    . DG  D 2 4  ? 3.309   23.537  -4.219  1.00   77.02  ? 4   DG  D N1    1 
ATOM   693  C  C2    . DG  D 2 4  ? 2.946   24.529  -5.097  1.00   78.55  ? 4   DG  D C2    1 
ATOM   694  N  N2    . DG  D 2 4  ? 2.787   24.162  -6.377  1.00   83.42  ? 4   DG  D N2    1 
ATOM   695  N  N3    . DG  D 2 4  ? 2.750   25.794  -4.749  1.00   86.62  ? 4   DG  D N3    1 
ATOM   696  C  C4    . DG  D 2 4  ? 2.953   25.988  -3.424  1.00   90.21  ? 4   DG  D C4    1 
ATOM   697  P  P     . DT  D 2 5  ? -0.149  30.953  -5.178  1.00   116.47 ? 5   DT  D P     1 
ATOM   698  O  OP1   . DT  D 2 5  ? 0.111   31.714  -6.421  1.00   114.66 ? 5   DT  D OP1   1 
ATOM   699  O  OP2   . DT  D 2 5  ? -1.201  31.426  -4.248  1.00   101.70 ? 5   DT  D OP2   1 
ATOM   700  O  "O5'" . DT  D 2 5  ? -0.416  29.414  -5.553  1.00   106.92 ? 5   DT  D "O5'" 1 
ATOM   701  C  "C5'" . DT  D 2 5  ? -1.711  28.974  -5.956  1.00   99.48  ? 5   DT  D "C5'" 1 
ATOM   702  C  "C4'" . DT  D 2 5  ? -1.669  27.523  -6.414  1.00   80.77  ? 5   DT  D "C4'" 1 
ATOM   703  O  "O4'" . DT  D 2 5  ? -0.739  26.763  -5.584  1.00   90.53  ? 5   DT  D "O4'" 1 
ATOM   704  C  "C3'" . DT  D 2 5  ? -3.003  26.777  -6.327  1.00   80.52  ? 5   DT  D "C3'" 1 
ATOM   705  O  "O3'" . DT  D 2 5  ? -3.123  25.899  -7.428  1.00   102.93 ? 5   DT  D "O3'" 1 
ATOM   706  C  "C2'" . DT  D 2 5  ? -2.842  25.995  -5.033  1.00   97.28  ? 5   DT  D "C2'" 1 
ATOM   707  C  "C1'" . DT  D 2 5  ? -1.387  25.589  -5.155  1.00   89.49  ? 5   DT  D "C1'" 1 
ATOM   708  N  N1    . DT  D 2 5  ? -0.771  25.112  -3.875  1.00   90.15  ? 5   DT  D N1    1 
ATOM   709  C  C2    . DT  D 2 5  ? -0.099  23.907  -3.848  1.00   97.14  ? 5   DT  D C2    1 
ATOM   710  O  O2    . DT  D 2 5  ? 0.048   23.198  -4.836  1.00   88.42  ? 5   DT  D O2    1 
ATOM   711  N  N3    . DT  D 2 5  ? 0.424   23.561  -2.634  1.00   86.38  ? 5   DT  D N3    1 
ATOM   712  C  C4    . DT  D 2 5  ? 0.332   24.276  -1.450  1.00   75.12  ? 5   DT  D C4    1 
ATOM   713  O  O4    . DT  D 2 5  ? 0.835   23.870  -0.407  1.00   71.81  ? 5   DT  D O4    1 
ATOM   714  C  C5    . DT  D 2 5  ? -0.393  25.523  -1.537  1.00   81.46  ? 5   DT  D C5    1 
ATOM   715  C  C7    . DT  D 2 5  ? -0.557  26.383  -0.311  1.00   74.14  ? 5   DT  D C7    1 
ATOM   716  C  C6    . DT  D 2 5  ? -0.907  25.882  -2.728  1.00   90.44  ? 5   DT  D C6    1 
ATOM   717  P  P     . DT  D 2 6  ? -4.408  25.944  -8.389  1.00   135.05 ? 6   DT  D P     1 
ATOM   718  O  OP1   . DT  D 2 6  ? -3.889  26.107  -9.764  1.00   120.31 ? 6   DT  D OP1   1 
ATOM   719  O  OP2   . DT  D 2 6  ? -5.396  26.904  -7.848  1.00   108.90 ? 6   DT  D OP2   1 
ATOM   720  O  "O5'" . DT  D 2 6  ? -5.026  24.475  -8.264  1.00   109.52 ? 6   DT  D "O5'" 1 
ATOM   721  C  "C5'" . DT  D 2 6  ? -5.304  23.927  -6.982  1.00   91.14  ? 6   DT  D "C5'" 1 
ATOM   722  C  "C4'" . DT  D 2 6  ? -4.464  22.688  -6.729  1.00   82.32  ? 6   DT  D "C4'" 1 
ATOM   723  O  "O4'" . DT  D 2 6  ? -3.402  23.011  -5.808  1.00   85.00  ? 6   DT  D "O4'" 1 
ATOM   724  C  "C3'" . DT  D 2 6  ? -5.214  21.538  -6.083  1.00   82.74  ? 6   DT  D "C3'" 1 
ATOM   725  O  "O3'" . DT  D 2 6  ? -5.784  20.721  -7.094  1.00   67.03  ? 6   DT  D "O3'" 1 
ATOM   726  C  "C2'" . DT  D 2 6  ? -4.120  20.792  -5.321  1.00   84.96  ? 6   DT  D "C2'" 1 
ATOM   727  C  "C1'" . DT  D 2 6  ? -3.104  21.892  -4.997  1.00   81.55  ? 6   DT  D "C1'" 1 
ATOM   728  N  N1    . DT  D 2 6  ? -3.116  22.325  -3.573  1.00   88.31  ? 6   DT  D N1    1 
ATOM   729  C  C2    . DT  D 2 6  ? -2.348  21.646  -2.662  1.00   79.95  ? 6   DT  D C2    1 
ATOM   730  O  O2    . DT  D 2 6  ? -1.655  20.687  -2.951  1.00   86.22  ? 6   DT  D O2    1 
ATOM   731  N  N3    . DT  D 2 6  ? -2.423  22.128  -1.387  1.00   69.70  ? 6   DT  D N3    1 
ATOM   732  C  C4    . DT  D 2 6  ? -3.166  23.198  -0.934  1.00   80.92  ? 6   DT  D C4    1 
ATOM   733  O  O4    . DT  D 2 6  ? -3.162  23.551  0.241   1.00   74.31  ? 6   DT  D O4    1 
ATOM   734  C  C5    . DT  D 2 6  ? -3.947  23.872  -1.941  1.00   88.92  ? 6   DT  D C5    1 
ATOM   735  C  C7    . DT  D 2 6  ? -4.798  25.052  -1.574  1.00   78.51  ? 6   DT  D C7    1 
ATOM   736  C  C6    . DT  D 2 6  ? -3.885  23.408  -3.197  1.00   84.28  ? 6   DT  D C6    1 
ATOM   737  P  P     . DG  D 2 7  ? -7.293  20.193  -6.951  1.00   93.77  ? 7   DG  D P     1 
ATOM   738  O  OP1   . DG  D 2 7  ? -7.691  19.618  -8.255  1.00   99.37  ? 7   DG  D OP1   1 
ATOM   739  O  OP2   . DG  D 2 7  ? -8.099  21.276  -6.345  1.00   92.25  ? 7   DG  D OP2   1 
ATOM   740  O  "O5'" . DG  D 2 7  ? -7.180  18.988  -5.909  1.00   72.83  ? 7   DG  D "O5'" 1 
ATOM   741  C  "C5'" . DG  D 2 7  ? -6.587  17.763  -6.308  1.00   64.16  ? 7   DG  D "C5'" 1 
ATOM   742  C  "C4'" . DG  D 2 7  ? -6.633  16.750  -5.180  1.00   56.12  ? 7   DG  D "C4'" 1 
ATOM   743  O  "O4'" . DG  D 2 7  ? -5.754  17.176  -4.106  1.00   76.70  ? 7   DG  D "O4'" 1 
ATOM   744  C  "C3'" . DG  D 2 7  ? -8.009  16.544  -4.549  1.00   67.19  ? 7   DG  D "C3'" 1 
ATOM   745  O  "O3'" . DG  D 2 7  ? -8.219  15.163  -4.295  1.00   67.03  ? 7   DG  D "O3'" 1 
ATOM   746  C  "C2'" . DG  D 2 7  ? -7.922  17.349  -3.253  1.00   65.64  ? 7   DG  D "C2'" 1 
ATOM   747  C  "C1'" . DG  D 2 7  ? -6.457  17.172  -2.884  1.00   76.38  ? 7   DG  D "C1'" 1 
ATOM   748  N  N9    . DG  D 2 7  ? -5.927  18.247  -2.047  1.00   65.82  ? 7   DG  D N9    1 
ATOM   749  C  C8    . DG  D 2 7  ? -5.829  19.576  -2.377  1.00   68.31  ? 7   DG  D C8    1 
ATOM   750  N  N7    . DG  D 2 7  ? -5.304  20.309  -1.434  1.00   74.69  ? 7   DG  D N7    1 
ATOM   751  C  C5    . DG  D 2 7  ? -5.032  19.409  -0.412  1.00   69.18  ? 7   DG  D C5    1 
ATOM   752  C  C6    . DG  D 2 7  ? -4.459  19.626  0.864   1.00   65.05  ? 7   DG  D C6    1 
ATOM   753  O  O6    . DG  D 2 7  ? -4.064  20.691  1.358   1.00   65.70  ? 7   DG  D O6    1 
ATOM   754  N  N1    . DG  D 2 7  ? -4.359  18.444  1.593   1.00   53.08  ? 7   DG  D N1    1 
ATOM   755  C  C2    . DG  D 2 7  ? -4.764  17.208  1.144   1.00   64.24  ? 7   DG  D C2    1 
ATOM   756  N  N2    . DG  D 2 7  ? -4.587  16.183  1.991   1.00   54.02  ? 7   DG  D N2    1 
ATOM   757  N  N3    . DG  D 2 7  ? -5.303  16.992  -0.051  1.00   60.97  ? 7   DG  D N3    1 
ATOM   758  C  C4    . DG  D 2 7  ? -5.408  18.133  -0.775  1.00   67.48  ? 7   DG  D C4    1 
ATOM   759  P  P     . DT  D 2 8  ? -9.702  14.600  -4.045  1.00   85.80  ? 8   DT  D P     1 
ATOM   760  O  OP1   . DT  D 2 8  ? -9.842  13.345  -4.816  1.00   84.28  ? 8   DT  D OP1   1 
ATOM   761  O  OP2   . DT  D 2 8  ? -10.653 15.713  -4.262  1.00   76.99  ? 8   DT  D OP2   1 
ATOM   762  O  "O5'" . DT  D 2 8  ? -9.710  14.239  -2.489  1.00   59.87  ? 8   DT  D "O5'" 1 
ATOM   763  C  "C5'" . DT  D 2 8  ? -8.800  13.271  -1.991  1.00   77.89  ? 8   DT  D "C5'" 1 
ATOM   764  C  "C4'" . DT  D 2 8  ? -8.714  13.342  -0.479  1.00   69.80  ? 8   DT  D "C4'" 1 
ATOM   765  O  "O4'" . DT  D 2 8  ? -8.086  14.574  -0.087  1.00   75.00  ? 8   DT  D "O4'" 1 
ATOM   766  C  "C3'" . DT  D 2 8  ? -10.061 13.321  0.243   1.00   77.05  ? 8   DT  D "C3'" 1 
ATOM   767  O  "O3'" . DT  D 2 8  ? -10.259 12.051  0.844   1.00   76.98  ? 8   DT  D "O3'" 1 
ATOM   768  C  "C2'" . DT  D 2 8  ? -9.958  14.443  1.297   1.00   75.09  ? 8   DT  D "C2'" 1 
ATOM   769  C  "C1'" . DT  D 2 8  ? -8.495  14.872  1.217   1.00   78.07  ? 8   DT  D "C1'" 1 
ATOM   770  N  N1    . DT  D 2 8  ? -8.276  16.329  1.454   1.00   70.63  ? 8   DT  D N1    1 
ATOM   771  C  C2    . DT  D 2 8  ? -7.730  16.745  2.647   1.00   65.17  ? 8   DT  D C2    1 
ATOM   772  O  O2    . DT  D 2 8  ? -7.416  15.979  3.543   1.00   50.43  ? 8   DT  D O2    1 
ATOM   773  N  N3    . DT  D 2 8  ? -7.562  18.100  2.759   1.00   53.69  ? 8   DT  D N3    1 
ATOM   774  C  C4    . DT  D 2 8  ? -7.879  19.061  1.817   1.00   69.01  ? 8   DT  D C4    1 
ATOM   775  O  O4    . DT  D 2 8  ? -7.692  20.259  2.011   1.00   66.48  ? 8   DT  D O4    1 
ATOM   776  C  C5    . DT  D 2 8  ? -8.448  18.557  0.588   1.00   59.56  ? 8   DT  D C5    1 
ATOM   777  C  C7    . DT  D 2 8  ? -8.833  19.504  -0.509  1.00   56.70  ? 8   DT  D C7    1 
ATOM   778  C  C6    . DT  D 2 8  ? -8.614  17.232  0.467   1.00   60.12  ? 8   DT  D C6    1 
ATOM   779  P  P     . DC  D 2 9  ? -11.678 11.678  1.497   1.00   86.31  ? 9   DC  D P     1 
ATOM   780  O  OP1   . DC  D 2 9  ? -11.849 10.212  1.390   1.00   101.42 ? 9   DC  D OP1   1 
ATOM   781  O  OP2   . DC  D 2 9  ? -12.693 12.582  0.912   1.00   83.39  ? 9   DC  D OP2   1 
ATOM   782  O  "O5'" . DC  D 2 9  ? -11.491 12.053  3.039   1.00   85.22  ? 9   DC  D "O5'" 1 
ATOM   783  C  "C5'" . DC  D 2 9  ? -10.384 11.525  3.757   1.00   76.77  ? 9   DC  D "C5'" 1 
ATOM   784  C  "C4'" . DC  D 2 9  ? -10.201 12.244  5.079   1.00   78.76  ? 9   DC  D "C4'" 1 
ATOM   785  O  "O4'" . DC  D 2 9  ? -9.779  13.610  4.842   1.00   75.12  ? 9   DC  D "O4'" 1 
ATOM   786  C  "C3'" . DC  D 2 9  ? -11.457 12.328  5.953   1.00   69.88  ? 9   DC  D "C3'" 1 
ATOM   787  O  "O3'" . DC  D 2 9  ? -11.194 11.747  7.227   1.00   77.28  ? 9   DC  D "O3'" 1 
ATOM   788  C  "C2'" . DC  D 2 9  ? -11.744 13.834  6.054   1.00   78.83  ? 9   DC  D "C2'" 1 
ATOM   789  C  "C1'" . DC  D 2 9  ? -10.368 14.434  5.812   1.00   75.23  ? 9   DC  D "C1'" 1 
ATOM   790  N  N1    . DC  D 2 9  ? -10.401 15.836  5.292   1.00   73.51  ? 9   DC  D N1    1 
ATOM   791  C  C2    . DC  D 2 9  ? -9.768  16.859  6.010   1.00   72.96  ? 9   DC  D C2    1 
ATOM   792  O  O2    . DC  D 2 9  ? -9.192  16.586  7.069   1.00   73.50  ? 9   DC  D O2    1 
ATOM   793  N  N3    . DC  D 2 9  ? -9.806  18.125  5.522   1.00   59.51  ? 9   DC  D N3    1 
ATOM   794  C  C4    . DC  D 2 9  ? -10.438 18.379  4.375   1.00   59.25  ? 9   DC  D C4    1 
ATOM   795  N  N4    . DC  D 2 9  ? -10.448 19.640  3.934   1.00   62.52  ? 9   DC  D N4    1 
ATOM   796  C  C5    . DC  D 2 9  ? -11.087 17.350  3.629   1.00   56.30  ? 9   DC  D C5    1 
ATOM   797  C  C6    . DC  D 2 9  ? -11.045 16.108  4.121   1.00   70.21  ? 9   DC  D C6    1 
ATOM   798  P  P     . DC  D 2 10 ? -12.342 11.689  8.351   1.00   83.78  ? 10  DC  D P     1 
ATOM   799  O  OP1   . DC  D 2 10 ? -11.942 10.685  9.361   1.00   92.70  ? 10  DC  D OP1   1 
ATOM   800  O  OP2   . DC  D 2 10 ? -13.643 11.555  7.658   1.00   76.66  ? 10  DC  D OP2   1 
ATOM   801  O  "O5'" . DC  D 2 10 ? -12.281 13.138  9.021   1.00   79.60  ? 10  DC  D "O5'" 1 
ATOM   802  C  "C5'" . DC  D 2 10 ? -12.475 13.286  10.414  1.00   89.08  ? 10  DC  D "C5'" 1 
ATOM   803  C  "C4'" . DC  D 2 10 ? -11.540 14.346  10.967  1.00   77.24  ? 10  DC  D "C4'" 1 
ATOM   804  O  "O4'" . DC  D 2 10 ? -11.191 15.283  9.913   1.00   74.13  ? 10  DC  D "O4'" 1 
ATOM   805  C  "C3'" . DC  D 2 10 ? -12.115 15.176  12.114  1.00   76.97  ? 10  DC  D "C3'" 1 
ATOM   806  O  "O3'" . DC  D 2 10 ? -11.146 15.322  13.142  1.00   103.84 ? 10  DC  D "O3'" 1 
ATOM   807  C  "C2'" . DC  D 2 10 ? -12.444 16.515  11.454  1.00   80.29  ? 10  DC  D "C2'" 1 
ATOM   808  C  "C1'" . DC  D 2 10 ? -11.378 16.602  10.374  1.00   76.25  ? 10  DC  D "C1'" 1 
ATOM   809  N  N1    . DC  D 2 10 ? -11.777 17.456  9.217   1.00   67.12  ? 10  DC  D N1    1 
ATOM   810  C  C2    . DC  D 2 10 ? -11.319 18.777  9.138   1.00   65.45  ? 10  DC  D C2    1 
ATOM   811  O  O2    . DC  D 2 10 ? -10.581 19.214  10.030  1.00   79.21  ? 10  DC  D O2    1 
ATOM   812  N  N3    . DC  D 2 10 ? -11.695 19.540  8.083   1.00   66.87  ? 10  DC  D N3    1 
ATOM   813  C  C4    . DC  D 2 10 ? -12.492 19.033  7.142   1.00   68.97  ? 10  DC  D C4    1 
ATOM   814  N  N4    . DC  D 2 10 ? -12.837 19.825  6.120   1.00   60.25  ? 10  DC  D N4    1 
ATOM   815  C  C5    . DC  D 2 10 ? -12.970 17.691  7.205   1.00   62.66  ? 10  DC  D C5    1 
ATOM   816  C  C6    . DC  D 2 10 ? -12.592 16.948  8.249   1.00   69.96  ? 10  DC  D C6    1 
ATOM   817  P  P     . DG  E 1 1  ? -18.002 -18.302 0.915   0.0000 100.93 ? 1   DG  E P     1 
ATOM   818  O  OP1   . DG  E 1 1  ? -19.145 -17.954 0.040   0.0000 95.14  ? 1   DG  E OP1   1 
ATOM   819  O  OP2   . DG  E 1 1  ? -17.841 -19.686 1.414   0.0000 93.45  ? 1   DG  E OP2   1 
ATOM   820  O  "O5'" . DG  E 1 1  ? -16.639 -17.877 0.195   1.00   101.70 ? 1   DG  E "O5'" 1 
ATOM   821  C  "C5'" . DG  E 1 1  ? -16.498 -16.569 -0.351  1.00   77.48  ? 1   DG  E "C5'" 1 
ATOM   822  C  "C4'" . DG  E 1 1  ? -15.970 -15.599 0.690   1.00   91.18  ? 1   DG  E "C4'" 1 
ATOM   823  O  "O4'" . DG  E 1 1  ? -15.904 -16.260 1.981   1.00   99.89  ? 1   DG  E "O4'" 1 
ATOM   824  C  "C3'" . DG  E 1 1  ? -14.565 -15.073 0.425   1.00   88.75  ? 1   DG  E "C3'" 1 
ATOM   825  O  "O3'" . DG  E 1 1  ? -14.440 -13.756 0.943   1.00   99.05  ? 1   DG  E "O3'" 1 
ATOM   826  C  "C2'" . DG  E 1 1  ? -13.698 -16.061 1.194   1.00   83.64  ? 1   DG  E "C2'" 1 
ATOM   827  C  "C1'" . DG  E 1 1  ? -14.562 -16.324 2.421   1.00   95.18  ? 1   DG  E "C1'" 1 
ATOM   828  N  N9    . DG  E 1 1  ? -14.331 -17.633 3.028   1.00   89.62  ? 1   DG  E N9    1 
ATOM   829  C  C8    . DG  E 1 1  ? -14.343 -18.854 2.396   1.00   92.23  ? 1   DG  E C8    1 
ATOM   830  N  N7    . DG  E 1 1  ? -14.101 -19.855 3.195   1.00   87.17  ? 1   DG  E N7    1 
ATOM   831  C  C5    . DG  E 1 1  ? -13.919 -19.262 4.438   1.00   85.60  ? 1   DG  E C5    1 
ATOM   832  C  C6    . DG  E 1 1  ? -13.628 -19.845 5.694   1.00   80.95  ? 1   DG  E C6    1 
ATOM   833  O  O6    . DG  E 1 1  ? -13.469 -21.044 5.966   1.00   81.92  ? 1   DG  E O6    1 
ATOM   834  N  N1    . DG  E 1 1  ? -13.522 -18.885 6.698   1.00   65.70  ? 1   DG  E N1    1 
ATOM   835  C  C2    . DG  E 1 1  ? -13.679 -17.532 6.509   1.00   80.51  ? 1   DG  E C2    1 
ATOM   836  N  N2    . DG  E 1 1  ? -13.541 -16.760 7.598   1.00   75.92  ? 1   DG  E N2    1 
ATOM   837  N  N3    . DG  E 1 1  ? -13.951 -16.972 5.338   1.00   91.46  ? 1   DG  E N3    1 
ATOM   838  C  C4    . DG  E 1 1  ? -14.057 -17.894 4.350   1.00   85.90  ? 1   DG  E C4    1 
ATOM   839  P  P     . DG  E 1 2  ? -13.237 -12.805 0.462   1.00   119.48 ? 2   DG  E P     1 
ATOM   840  O  OP1   . DG  E 1 2  ? -13.832 -11.542 -0.034  1.00   94.87  ? 2   DG  E OP1   1 
ATOM   841  O  OP2   . DG  E 1 2  ? -12.355 -13.603 -0.419  1.00   90.94  ? 2   DG  E OP2   1 
ATOM   842  O  "O5'" . DG  E 1 2  ? -12.435 -12.495 1.808   1.00   104.59 ? 2   DG  E "O5'" 1 
ATOM   843  C  "C5'" . DG  E 1 2  ? -13.113 -11.928 2.927   1.00   100.80 ? 2   DG  E "C5'" 1 
ATOM   844  C  "C4'" . DG  E 1 2  ? -12.198 -11.863 4.138   1.00   96.67  ? 2   DG  E "C4'" 1 
ATOM   845  O  "O4'" . DG  E 1 2  ? -12.182 -13.153 4.809   1.00   103.62 ? 2   DG  E "O4'" 1 
ATOM   846  C  "C3'" . DG  E 1 2  ? -10.742 -11.535 3.823   1.00   104.50 ? 2   DG  E "C3'" 1 
ATOM   847  O  "O3'" . DG  E 1 2  ? -10.196 -10.710 4.844   1.00   108.66 ? 2   DG  E "O3'" 1 
ATOM   848  C  "C2'" . DG  E 1 2  ? -10.089 -12.910 3.810   1.00   100.36 ? 2   DG  E "C2'" 1 
ATOM   849  C  "C1'" . DG  E 1 2  ? -10.850 -13.605 4.925   1.00   94.06  ? 2   DG  E "C1'" 1 
ATOM   850  N  N9    . DG  E 1 2  ? -10.842 -15.061 4.819   1.00   97.31  ? 2   DG  E N9    1 
ATOM   851  C  C8    . DG  E 1 2  ? -11.204 -15.812 3.727   1.00   92.05  ? 2   DG  E C8    1 
ATOM   852  N  N7    . DG  E 1 2  ? -11.093 -17.097 3.921   1.00   91.34  ? 2   DG  E N7    1 
ATOM   853  C  C5    . DG  E 1 2  ? -10.629 -17.207 5.225   1.00   79.30  ? 2   DG  E C5    1 
ATOM   854  C  C6    . DG  E 1 2  ? -10.324 -18.359 5.989   1.00   91.22  ? 2   DG  E C6    1 
ATOM   855  O  O6    . DG  E 1 2  ? -10.404 -19.549 5.651   1.00   93.35  ? 2   DG  E O6    1 
ATOM   856  N  N1    . DG  E 1 2  ? -9.883  -18.027 7.267   1.00   83.89  ? 2   DG  E N1    1 
ATOM   857  C  C2    . DG  E 1 2  ? -9.755  -16.745 7.747   1.00   90.72  ? 2   DG  E C2    1 
ATOM   858  N  N2    . DG  E 1 2  ? -9.314  -16.623 9.007   1.00   93.38  ? 2   DG  E N2    1 
ATOM   859  N  N3    . DG  E 1 2  ? -10.038 -15.656 7.041   1.00   95.00  ? 2   DG  E N3    1 
ATOM   860  C  C4    . DG  E 1 2  ? -10.468 -15.962 5.792   1.00   95.16  ? 2   DG  E C4    1 
ATOM   861  P  P     . DA  E 1 3  ? -9.222  -9.491  4.458   1.00   141.78 ? 3   DA  E P     1 
ATOM   862  O  OP1   . DA  E 1 3  ? -9.867  -8.241  4.916   1.00   127.63 ? 3   DA  E OP1   1 
ATOM   863  O  OP2   . DA  E 1 3  ? -8.851  -9.651  3.034   1.00   129.91 ? 3   DA  E OP2   1 
ATOM   864  O  "O5'" . DA  E 1 3  ? -7.912  -9.749  5.339   1.00   111.35 ? 3   DA  E "O5'" 1 
ATOM   865  C  "C5'" . DA  E 1 3  ? -7.886  -9.351  6.705   1.00   109.05 ? 3   DA  E "C5'" 1 
ATOM   866  C  "C4'" . DA  E 1 3  ? -7.050  -10.309 7.533   1.00   103.73 ? 3   DA  E "C4'" 1 
ATOM   867  O  "O4'" . DA  E 1 3  ? -7.478  -11.678 7.268   1.00   103.76 ? 3   DA  E "O4'" 1 
ATOM   868  C  "C3'" . DA  E 1 3  ? -5.542  -10.289 7.240   1.00   102.05 ? 3   DA  E "C3'" 1 
ATOM   869  O  "O3'" . DA  E 1 3  ? -4.816  -10.525 8.456   1.00   111.92 ? 3   DA  E "O3'" 1 
ATOM   870  C  "C2'" . DA  E 1 3  ? -5.401  -11.463 6.282   1.00   98.66  ? 3   DA  E "C2'" 1 
ATOM   871  C  "C1'" . DA  E 1 3  ? -6.335  -12.439 6.961   1.00   106.70 ? 3   DA  E "C1'" 1 
ATOM   872  N  N9    . DA  E 1 3  ? -6.697  -13.590 6.145   1.00   107.22 ? 3   DA  E N9    1 
ATOM   873  C  C8    . DA  E 1 3  ? -7.128  -13.584 4.852   1.00   108.01 ? 3   DA  E C8    1 
ATOM   874  N  N7    . DA  E 1 3  ? -7.373  -14.780 4.370   1.00   105.68 ? 3   DA  E N7    1 
ATOM   875  C  C5    . DA  E 1 3  ? -7.066  -15.629 5.421   1.00   91.63  ? 3   DA  E C5    1 
ATOM   876  C  C6    . DA  E 1 3  ? -7.109  -17.031 5.555   1.00   91.44  ? 3   DA  E C6    1 
ATOM   877  N  N6    . DA  E 1 3  ? -7.498  -17.853 4.574   1.00   91.91  ? 3   DA  E N6    1 
ATOM   878  N  N1    . DA  E 1 3  ? -6.735  -17.558 6.740   1.00   89.85  ? 3   DA  E N1    1 
ATOM   879  C  C2    . DA  E 1 3  ? -6.346  -16.733 7.718   1.00   95.89  ? 3   DA  E C2    1 
ATOM   880  N  N3    . DA  E 1 3  ? -6.266  -15.403 7.709   1.00   103.74 ? 3   DA  E N3    1 
ATOM   881  C  C4    . DA  E 1 3  ? -6.644  -14.911 6.520   1.00   90.08  ? 3   DA  E C4    1 
ATOM   882  P  P     . DC  E 1 4  ? -3.205  -10.471 8.492   1.00   127.19 ? 4   DC  E P     1 
ATOM   883  O  OP1   . DC  E 1 4  ? -2.840  -9.445  9.493   1.00   116.08 ? 4   DC  E OP1   1 
ATOM   884  O  OP2   . DC  E 1 4  ? -2.685  -10.349 7.112   1.00   111.77 ? 4   DC  E OP2   1 
ATOM   885  O  "O5'" . DC  E 1 4  ? -2.777  -11.911 9.062   1.00   104.02 ? 4   DC  E "O5'" 1 
ATOM   886  C  "C5'" . DC  E 1 4  ? -3.449  -13.083 8.609   1.00   97.26  ? 4   DC  E "C5'" 1 
ATOM   887  C  "C4'" . DC  E 1 4  ? -2.649  -14.338 8.891   1.00   96.97  ? 4   DC  E "C4'" 1 
ATOM   888  O  "O4'" . DC  E 1 4  ? -3.277  -15.466 8.212   1.00   110.27 ? 4   DC  E "O4'" 1 
ATOM   889  C  "C3'" . DC  E 1 4  ? -1.210  -14.309 8.389   1.00   103.40 ? 4   DC  E "C3'" 1 
ATOM   890  O  "O3'" . DC  E 1 4  ? -0.389  -15.075 9.252   1.00   111.66 ? 4   DC  E "O3'" 1 
ATOM   891  C  "C2'" . DC  E 1 4  ? -1.332  -14.968 7.025   1.00   105.27 ? 4   DC  E "C2'" 1 
ATOM   892  C  "C1'" . DC  E 1 4  ? -2.340  -16.060 7.337   1.00   95.45  ? 4   DC  E "C1'" 1 
ATOM   893  N  N1    . DC  E 1 4  ? -3.050  -16.586 6.132   1.00   96.19  ? 4   DC  E N1    1 
ATOM   894  C  C2    . DC  E 1 4  ? -3.333  -17.953 6.039   1.00   97.04  ? 4   DC  E C2    1 
ATOM   895  O  O2    . DC  E 1 4  ? -3.003  -18.701 6.968   1.00   98.63  ? 4   DC  E O2    1 
ATOM   896  N  N3    . DC  E 1 4  ? -3.969  -18.420 4.935   1.00   93.19  ? 4   DC  E N3    1 
ATOM   897  C  C4    . DC  E 1 4  ? -4.308  -17.582 3.956   1.00   88.35  ? 4   DC  E C4    1 
ATOM   898  N  N4    . DC  E 1 4  ? -4.933  -18.089 2.888   1.00   77.69  ? 4   DC  E N4    1 
ATOM   899  C  C5    . DC  E 1 4  ? -4.024  -16.185 4.029   1.00   92.70  ? 4   DC  E C5    1 
ATOM   900  C  C6    . DC  E 1 4  ? -3.397  -15.736 5.123   1.00   96.52  ? 4   DC  E C6    1 
ATOM   901  P  P     . DT  E 1 5  ? 1.089   -14.567 9.619   1.00   132.88 ? 5   DT  E P     1 
ATOM   902  O  OP1   . DT  E 1 5  ? 1.074   -14.130 11.032  1.00   125.37 ? 5   DT  E OP1   1 
ATOM   903  O  OP2   . DT  E 1 5  ? 1.509   -13.626 8.556   1.00   117.42 ? 5   DT  E OP2   1 
ATOM   904  O  "O5'" . DT  E 1 5  ? 1.991   -15.881 9.493   1.00   104.13 ? 5   DT  E "O5'" 1 
ATOM   905  C  "C5'" . DT  E 1 5  ? 2.301   -16.410 8.210   1.00   100.95 ? 5   DT  E "C5'" 1 
ATOM   906  C  "C4'" . DT  E 1 5  ? 1.694   -17.790 8.031   1.00   97.12  ? 5   DT  E "C4'" 1 
ATOM   907  O  "O4'" . DT  E 1 5  ? 0.481   -17.682 7.264   1.00   99.65  ? 5   DT  E "O4'" 1 
ATOM   908  C  "C3'" . DT  E 1 5  ? 2.563   -18.765 7.261   1.00   92.81  ? 5   DT  E "C3'" 1 
ATOM   909  O  "O3'" . DT  E 1 5  ? 3.420   -19.450 8.164   1.00   95.92  ? 5   DT  E "O3'" 1 
ATOM   910  C  "C2'" . DT  E 1 5  ? 1.545   -19.718 6.625   1.00   96.27  ? 5   DT  E "C2'" 1 
ATOM   911  C  "C1'" . DT  E 1 5  ? 0.259   -18.883 6.551   1.00   87.72  ? 5   DT  E "C1'" 1 
ATOM   912  N  N1    . DT  E 1 5  ? -0.168  -18.532 5.161   1.00   88.81  ? 5   DT  E N1    1 
ATOM   913  C  C2    . DT  E 1 5  ? -0.624  -19.520 4.318   1.00   90.09  ? 5   DT  E C2    1 
ATOM   914  O  O2    . DT  E 1 5  ? -0.691  -20.696 4.634   1.00   87.85  ? 5   DT  E O2    1 
ATOM   915  N  N3    . DT  E 1 5  ? -0.995  -19.081 3.076   1.00   82.59  ? 5   DT  E N3    1 
ATOM   916  C  C4    . DT  E 1 5  ? -0.967  -17.783 2.601   1.00   84.88  ? 5   DT  E C4    1 
ATOM   917  O  O4    . DT  E 1 5  ? -1.326  -17.491 1.465   1.00   80.50  ? 5   DT  E O4    1 
ATOM   918  C  C5    . DT  E 1 5  ? -0.486  -16.797 3.536   1.00   90.41  ? 5   DT  E C5    1 
ATOM   919  C  C7    . DT  E 1 5  ? -0.408  -15.353 3.137   1.00   84.79  ? 5   DT  E C7    1 
ATOM   920  C  C6    . DT  E 1 5  ? -0.116  -17.214 4.755   1.00   93.41  ? 5   DT  E C6    1 
ATOM   921  P  P     . DT  E 1 6  ? 4.923   -19.820 7.733   1.00   129.99 ? 6   DT  E P     1 
ATOM   922  O  OP1   . DT  E 1 6  ? 5.669   -20.174 8.961   1.00   120.38 ? 6   DT  E OP1   1 
ATOM   923  O  OP2   . DT  E 1 6  ? 5.416   -18.738 6.854   1.00   118.44 ? 6   DT  E OP2   1 
ATOM   924  O  "O5'" . DT  E 1 6  ? 4.749   -21.132 6.837   1.00   97.37  ? 6   DT  E "O5'" 1 
ATOM   925  C  "C5'" . DT  E 1 6  ? 4.043   -22.254 7.349   1.00   101.37 ? 6   DT  E "C5'" 1 
ATOM   926  C  "C4'" . DT  E 1 6  ? 3.935   -23.346 6.301   1.00   92.07  ? 6   DT  E "C4'" 1 
ATOM   927  O  "O4'" . DT  E 1 6  ? 2.970   -22.957 5.287   1.00   87.25  ? 6   DT  E "O4'" 1 
ATOM   928  C  "C3'" . DT  E 1 6  ? 5.234   -23.651 5.560   1.00   92.10  ? 6   DT  E "C3'" 1 
ATOM   929  O  "O3'" . DT  E 1 6  ? 5.366   -25.051 5.382   1.00   79.81  ? 6   DT  E "O3'" 1 
ATOM   930  C  "C2'" . DT  E 1 6  ? 5.063   -22.919 4.228   1.00   94.90  ? 6   DT  E "C2'" 1 
ATOM   931  C  "C1'" . DT  E 1 6  ? 3.560   -23.018 4.006   1.00   98.02  ? 6   DT  E "C1'" 1 
ATOM   932  N  N1    . DT  E 1 6  ? 3.001   -21.902 3.179   1.00   80.68  ? 6   DT  E N1    1 
ATOM   933  C  C2    . DT  E 1 6  ? 2.274   -22.192 2.046   1.00   78.85  ? 6   DT  E C2    1 
ATOM   934  O  O2    . DT  E 1 6  ? 2.054   -23.329 1.661   1.00   78.70  ? 6   DT  E O2    1 
ATOM   935  N  N3    . DT  E 1 6  ? 1.805   -21.099 1.369   1.00   60.90  ? 6   DT  E N3    1 
ATOM   936  C  C4    . DT  E 1 6  ? 1.985   -19.769 1.700   1.00   60.68  ? 6   DT  E C4    1 
ATOM   937  O  O4    . DT  E 1 6  ? 1.521   -18.859 1.020   1.00   67.49  ? 6   DT  E O4    1 
ATOM   938  C  C5    . DT  E 1 6  ? 2.756   -19.531 2.899   1.00   74.55  ? 6   DT  E C5    1 
ATOM   939  C  C7    . DT  E 1 6  ? 3.020   -18.124 3.359   1.00   80.10  ? 6   DT  E C7    1 
ATOM   940  C  C6    . DT  E 1 6  ? 3.222   -20.595 3.573   1.00   77.43  ? 6   DT  E C6    1 
ATOM   941  P  P     . DC  E 1 7  ? 6.783   -25.681 4.960   1.00   112.64 ? 7   DC  E P     1 
ATOM   942  O  OP1   . DC  E 1 7  ? 7.026   -26.879 5.796   1.00   104.24 ? 7   DC  E OP1   1 
ATOM   943  O  OP2   . DC  E 1 7  ? 7.770   -24.579 4.941   1.00   91.21  ? 7   DC  E OP2   1 
ATOM   944  O  "O5'" . DC  E 1 7  ? 6.545   -26.143 3.451   1.00   98.15  ? 7   DC  E "O5'" 1 
ATOM   945  C  "C5'" . DC  E 1 7  ? 5.292   -26.692 3.071   1.00   99.19  ? 7   DC  E "C5'" 1 
ATOM   946  C  "C4'" . DC  E 1 7  ? 5.208   -26.817 1.565   1.00   89.17  ? 7   DC  E "C4'" 1 
ATOM   947  O  "O4'" . DC  E 1 7  ? 4.524   -25.664 1.017   1.00   90.07  ? 7   DC  E "O4'" 1 
ATOM   948  C  "C3'" . DC  E 1 7  ? 6.563   -26.895 0.860   1.00   90.90  ? 7   DC  E "C3'" 1 
ATOM   949  O  "O3'" . DC  E 1 7  ? 6.585   -28.013 -0.008  1.00   73.34  ? 7   DC  E "O3'" 1 
ATOM   950  C  "C2'" . DC  E 1 7  ? 6.659   -25.569 0.093   1.00   88.09  ? 7   DC  E "C2'" 1 
ATOM   951  C  "C1'" . DC  E 1 7  ? 5.196   -25.233 -0.140  1.00   78.04  ? 7   DC  E "C1'" 1 
ATOM   952  N  N1    . DC  E 1 7  ? 4.925   -23.773 -0.325  1.00   81.70  ? 7   DC  E N1    1 
ATOM   953  C  C2    . DC  E 1 7  ? 4.192   -23.341 -1.437  1.00   75.01  ? 7   DC  E C2    1 
ATOM   954  O  O2    . DC  E 1 7  ? 3.789   -24.177 -2.257  1.00   76.17  ? 7   DC  E O2    1 
ATOM   955  N  N3    . DC  E 1 7  ? 3.945   -22.016 -1.586  1.00   72.42  ? 7   DC  E N3    1 
ATOM   956  C  C4    . DC  E 1 7  ? 4.396   -21.145 -0.682  1.00   71.31  ? 7   DC  E C4    1 
ATOM   957  N  N4    . DC  E 1 7  ? 4.127   -19.849 -0.874  1.00   58.26  ? 7   DC  E N4    1 
ATOM   958  C  C5    . DC  E 1 7  ? 5.141   -21.565 0.459   1.00   53.38  ? 7   DC  E C5    1 
ATOM   959  C  C6    . DC  E 1 7  ? 5.379   -22.875 0.598   1.00   83.37  ? 7   DC  E C6    1 
ATOM   960  P  P     . DG  E 1 8  ? 7.985   -28.654 -0.469  1.00   103.89 ? 8   DG  E P     1 
ATOM   961  O  OP1   . DG  E 1 8  ? 7.922   -30.109 -0.215  1.00   79.55  ? 8   DG  E OP1   1 
ATOM   962  O  OP2   . DG  E 1 8  ? 9.076   -27.847 0.119   1.00   98.11  ? 8   DG  E OP2   1 
ATOM   963  O  "O5'" . DG  E 1 8  ? 7.983   -28.425 -2.046  1.00   86.22  ? 8   DG  E "O5'" 1 
ATOM   964  C  "C5'" . DG  E 1 8  ? 6.833   -28.772 -2.795  1.00   76.72  ? 8   DG  E "C5'" 1 
ATOM   965  C  "C4'" . DG  E 1 8  ? 6.745   -27.944 -4.059  1.00   83.23  ? 8   DG  E "C4'" 1 
ATOM   966  O  "O4'" . DG  E 1 8  ? 6.417   -26.567 -3.728  1.00   84.88  ? 8   DG  E "O4'" 1 
ATOM   967  C  "C3'" . DG  E 1 8  ? 8.033   -27.883 -4.883  1.00   77.96  ? 8   DG  E "C3'" 1 
ATOM   968  O  "O3'" . DG  E 1 8  ? 7.712   -28.016 -6.247  1.00   78.32  ? 8   DG  E "O3'" 1 
ATOM   969  C  "C2'" . DG  E 1 8  ? 8.566   -26.484 -4.577  1.00   61.19  ? 8   DG  E "C2'" 1 
ATOM   970  C  "C1'" . DG  E 1 8  ? 7.263   -25.719 -4.465  1.00   70.16  ? 8   DG  E "C1'" 1 
ATOM   971  N  N9    . DG  E 1 8  ? 7.370   -24.431 -3.778  1.00   65.02  ? 8   DG  E N9    1 
ATOM   972  C  C8    . DG  E 1 8  ? 8.116   -24.140 -2.661  1.00   64.27  ? 8   DG  E C8    1 
ATOM   973  N  N7    . DG  E 1 8  ? 8.005   -22.896 -2.274  1.00   62.51  ? 8   DG  E N7    1 
ATOM   974  C  C5    . DG  E 1 8  ? 7.131   -22.328 -3.196  1.00   64.14  ? 8   DG  E C5    1 
ATOM   975  C  C6    . DG  E 1 8  ? 6.634   -21.007 -3.294  1.00   61.44  ? 8   DG  E C6    1 
ATOM   976  O  O6    . DG  E 1 8  ? 6.873   -20.034 -2.560  1.00   56.68  ? 8   DG  E O6    1 
ATOM   977  N  N1    . DG  E 1 8  ? 5.770   -20.861 -4.379  1.00   56.50  ? 8   DG  E N1    1 
ATOM   978  C  C2    . DG  E 1 8  ? 5.433   -21.867 -5.258  1.00   64.91  ? 8   DG  E C2    1 
ATOM   979  N  N2    . DG  E 1 8  ? 4.587   -21.537 -6.245  1.00   61.97  ? 8   DG  E N2    1 
ATOM   980  N  N3    . DG  E 1 8  ? 5.892   -23.105 -5.175  1.00   64.36  ? 8   DG  E N3    1 
ATOM   981  C  C4    . DG  E 1 8  ? 6.734   -23.267 -4.126  1.00   62.28  ? 8   DG  E C4    1 
ATOM   982  P  P     . DC  E 1 9  ? 8.695   -28.796 -7.244  1.00   76.16  ? 9   DC  E P     1 
ATOM   983  O  OP1   . DC  E 1 9  ? 8.308   -30.224 -7.232  1.00   96.28  ? 9   DC  E OP1   1 
ATOM   984  O  OP2   . DC  E 1 9  ? 10.082  -28.411 -6.898  1.00   82.79  ? 9   DC  E OP2   1 
ATOM   985  O  "O5'" . DC  E 1 9  ? 8.326   -28.179 -8.673  1.00   69.95  ? 9   DC  E "O5'" 1 
ATOM   986  C  "C5'" . DC  E 1 9  ? 6.965   -28.135 -9.090  1.00   58.61  ? 9   DC  E "C5'" 1 
ATOM   987  C  "C4'" . DC  E 1 9  ? 6.657   -26.841 -9.825  1.00   62.48  ? 9   DC  E "C4'" 1 
ATOM   988  O  "O4'" . DC  E 1 9  ? 6.704   -25.723 -8.897  1.00   70.67  ? 9   DC  E "O4'" 1 
ATOM   989  C  "C3'" . DC  E 1 9  ? 7.624   -26.489 -10.960 1.00   70.11  ? 9   DC  E "C3'" 1 
ATOM   990  O  "O3'" . DC  E 1 9  ? 6.896   -26.007 -12.082 1.00   67.30  ? 9   DC  E "O3'" 1 
ATOM   991  C  "C2'" . DC  E 1 9  ? 8.485   -25.389 -10.346 1.00   73.93  ? 9   DC  E "C2'" 1 
ATOM   992  C  "C1'" . DC  E 1 9  ? 7.469   -24.687 -9.466  1.00   60.84  ? 9   DC  E "C1'" 1 
ATOM   993  N  N1    . DC  E 1 9  ? 8.079   -23.879 -8.374  1.00   61.45  ? 9   DC  E N1    1 
ATOM   994  C  C2    . DC  E 1 9  ? 7.746   -22.525 -8.248  1.00   59.58  ? 9   DC  E C2    1 
ATOM   995  O  O2    . DC  E 1 9  ? 6.947   -22.022 -9.048  1.00   49.36  ? 9   DC  E O2    1 
ATOM   996  N  N3    . DC  E 1 9  ? 8.312   -21.800 -7.252  1.00   53.71  ? 9   DC  E N3    1 
ATOM   997  C  C4    . DC  E 1 9  ? 9.170   -22.377 -6.411  1.00   67.06  ? 9   DC  E C4    1 
ATOM   998  N  N4    . DC  E 1 9  ? 9.701   -21.619 -5.445  1.00   52.34  ? 9   DC  E N4    1 
ATOM   999  C  C5    . DC  E 1 9  ? 9.525   -23.754 -6.525  1.00   60.74  ? 9   DC  E C5    1 
ATOM   1000 C  C6    . DC  E 1 9  ? 8.962   -24.460 -7.512  1.00   63.41  ? 9   DC  E C6    1 
ATOM   1001 P  P     . DG  E 1 10 ? 7.484   -26.188 -13.566 1.00   81.66  ? 10  DG  E P     1 
ATOM   1002 O  OP1   . DG  E 1 10 ? 6.505   -25.608 -14.513 1.00   79.17  ? 10  DG  E OP1   1 
ATOM   1003 O  OP2   . DG  E 1 10 ? 7.895   -27.603 -13.707 1.00   84.09  ? 10  DG  E OP2   1 
ATOM   1004 O  "O5'" . DG  E 1 10 ? 8.813   -25.293 -13.575 1.00   76.33  ? 10  DG  E "O5'" 1 
ATOM   1005 C  "C5'" . DG  E 1 10 ? 8.722   -23.869 -13.594 1.00   67.31  ? 10  DG  E "C5'" 1 
ATOM   1006 C  "C4'" . DG  E 1 10 ? 10.106  -23.239 -13.586 1.00   66.70  ? 10  DG  E "C4'" 1 
ATOM   1007 O  "O4'" . DG  E 1 10 ? 10.764  -23.542 -12.328 1.00   59.58  ? 10  DG  E "O4'" 1 
ATOM   1008 C  "C3'" . DG  E 1 10 ? 11.038  -23.726 -14.695 1.00   57.32  ? 10  DG  E "C3'" 1 
ATOM   1009 O  "O3'" . DG  E 1 10 ? 11.086  -22.769 -15.743 1.00   62.16  ? 10  DG  E "O3'" 1 
ATOM   1010 C  "C2'" . DG  E 1 10 ? 12.393  -23.861 -14.000 1.00   52.35  ? 10  DG  E "C2'" 1 
ATOM   1011 C  "C1'" . DG  E 1 10 ? 11.996  -24.187 -12.565 1.00   57.92  ? 10  DG  E "C1'" 1 
ATOM   1012 N  N9    . DG  E 1 10 ? 11.832  -25.614 -12.290 1.00   62.47  ? 10  DG  E N9    1 
ATOM   1013 C  C8    . DG  E 1 10 ? 11.668  -26.629 -13.206 1.00   62.18  ? 10  DG  E C8    1 
ATOM   1014 N  N7    . DG  E 1 10 ? 11.536  -27.805 -12.659 1.00   67.22  ? 10  DG  E N7    1 
ATOM   1015 C  C5    . DG  E 1 10 ? 11.616  -27.558 -11.295 1.00   65.85  ? 10  DG  E C5    1 
ATOM   1016 C  C6    . DG  E 1 10 ? 11.540  -28.451 -10.199 1.00   81.81  ? 10  DG  E C6    1 
ATOM   1017 O  O6    . DG  E 1 10 ? 11.382  -29.679 -10.219 1.00   91.89  ? 10  DG  E O6    1 
ATOM   1018 N  N1    . DG  E 1 10 ? 11.668  -27.785 -8.982  1.00   74.13  ? 10  DG  E N1    1 
ATOM   1019 C  C2    . DG  E 1 10 ? 11.846  -26.429 -8.841  1.00   61.11  ? 10  DG  E C2    1 
ATOM   1020 N  N2    . DG  E 1 10 ? 11.950  -25.970 -7.586  1.00   70.16  ? 10  DG  E N2    1 
ATOM   1021 N  N3    . DG  E 1 10 ? 11.920  -25.582 -9.860  1.00   52.08  ? 10  DG  E N3    1 
ATOM   1022 C  C4    . DG  E 1 10 ? 11.797  -26.214 -11.053 1.00   64.39  ? 10  DG  E C4    1 
ATOM   1023 P  P     . DC  F 2 1  ? 2.415   -6.829  -5.983  0.0000 74.03  ? 1   DC  F P     1 
ATOM   1024 O  OP1   . DC  F 2 1  ? 1.982   -6.732  -7.395  0.0000 63.83  ? 1   DC  F OP1   1 
ATOM   1025 O  OP2   . DC  F 2 1  ? 1.992   -5.798  -5.009  0.0000 63.26  ? 1   DC  F OP2   1 
ATOM   1026 O  "O5'" . DC  F 2 1  ? 4.012   -6.935  -5.929  0.0000 62.40  ? 1   DC  F "O5'" 1 
ATOM   1027 C  "C5'" . DC  F 2 1  ? 4.634   -8.123  -5.447  1.00   62.43  ? 1   DC  F "C5'" 1 
ATOM   1028 C  "C4'" . DC  F 2 1  ? 6.147   -8.013  -5.531  1.00   71.05  ? 1   DC  F "C4'" 1 
ATOM   1029 O  "O4'" . DC  F 2 1  ? 6.578   -6.792  -4.872  1.00   65.72  ? 1   DC  F "O4'" 1 
ATOM   1030 C  "C3'" . DC  F 2 1  ? 6.920   -9.149  -4.855  1.00   62.75  ? 1   DC  F "C3'" 1 
ATOM   1031 O  "O3'" . DC  F 2 1  ? 8.103   -9.443  -5.588  1.00   67.76  ? 1   DC  F "O3'" 1 
ATOM   1032 C  "C2'" . DC  F 2 1  ? 7.249   -8.565  -3.487  1.00   56.78  ? 1   DC  F "C2'" 1 
ATOM   1033 C  "C1'" . DC  F 2 1  ? 7.492   -7.104  -3.839  1.00   69.21  ? 1   DC  F "C1'" 1 
ATOM   1034 N  N1    . DC  F 2 1  ? 7.258   -6.175  -2.698  1.00   52.13  ? 1   DC  F N1    1 
ATOM   1035 C  C2    . DC  F 2 1  ? 8.346   -5.711  -1.954  1.00   58.11  ? 1   DC  F C2    1 
ATOM   1036 O  O2    . DC  F 2 1  ? 9.486   -6.080  -2.260  1.00   73.83  ? 1   DC  F O2    1 
ATOM   1037 N  N3    . DC  F 2 1  ? 8.120   -4.868  -0.917  1.00   60.25  ? 1   DC  F N3    1 
ATOM   1038 C  C4    . DC  F 2 1  ? 6.875   -4.494  -0.619  1.00   59.96  ? 1   DC  F C4    1 
ATOM   1039 N  N4    . DC  F 2 1  ? 6.703   -3.662  0.413   1.00   61.73  ? 1   DC  F N4    1 
ATOM   1040 C  C5    . DC  F 2 1  ? 5.751   -4.959  -1.366  1.00   48.28  ? 1   DC  F C5    1 
ATOM   1041 C  C6    . DC  F 2 1  ? 5.987   -5.790  -2.387  1.00   57.37  ? 1   DC  F C6    1 
ATOM   1042 P  P     . DG  F 2 2  ? 8.747   -10.918 -5.538  1.00   54.98  ? 2   DG  F P     1 
ATOM   1043 O  OP1   . DG  F 2 2  ? 8.653   -11.424 -4.151  1.00   58.63  ? 2   DG  F OP1   1 
ATOM   1044 O  OP2   . DG  F 2 2  ? 10.070  -10.839 -6.197  1.00   78.11  ? 2   DG  F OP2   1 
ATOM   1045 O  "O5'" . DG  F 2 2  ? 7.787   -11.779 -6.480  1.00   56.51  ? 2   DG  F "O5'" 1 
ATOM   1046 C  "C5'" . DG  F 2 2  ? 7.595   -11.388 -7.833  1.00   35.48  ? 2   DG  F "C5'" 1 
ATOM   1047 C  "C4'" . DG  F 2 2  ? 6.448   -12.155 -8.467  1.00   49.34  ? 2   DG  F "C4'" 1 
ATOM   1048 O  "O4'" . DG  F 2 2  ? 6.722   -13.577 -8.410  1.00   49.41  ? 2   DG  F "O4'" 1 
ATOM   1049 C  "C3'" . DG  F 2 2  ? 5.089   -11.970 -7.803  1.00   50.63  ? 2   DG  F "C3'" 1 
ATOM   1050 O  "O3'" . DG  F 2 2  ? 4.072   -12.067 -8.788  1.00   65.23  ? 2   DG  F "O3'" 1 
ATOM   1051 C  "C2'" . DG  F 2 2  ? 5.033   -13.138 -6.820  1.00   55.67  ? 2   DG  F "C2'" 1 
ATOM   1052 C  "C1'" . DG  F 2 2  ? 5.773   -14.230 -7.588  1.00   50.46  ? 2   DG  F "C1'" 1 
ATOM   1053 N  N9    . DG  F 2 2  ? 6.496   -15.163 -6.732  1.00   59.39  ? 2   DG  F N9    1 
ATOM   1054 C  C8    . DG  F 2 2  ? 7.168   -14.870 -5.571  1.00   40.35  ? 2   DG  F C8    1 
ATOM   1055 N  N7    . DG  F 2 2  ? 7.741   -15.906 -5.028  1.00   42.01  ? 2   DG  F N7    1 
ATOM   1056 C  C5    . DG  F 2 2  ? 7.437   -16.953 -5.888  1.00   60.11  ? 2   DG  F C5    1 
ATOM   1057 C  C6    . DG  F 2 2  ? 7.788   -18.324 -5.817  1.00   53.35  ? 2   DG  F C6    1 
ATOM   1058 O  O6    . DG  F 2 2  ? 8.461   -18.899 -4.951  1.00   52.35  ? 2   DG  F O6    1 
ATOM   1059 N  N1    . DG  F 2 2  ? 7.276   -19.044 -6.892  1.00   52.46  ? 2   DG  F N1    1 
ATOM   1060 C  C2    . DG  F 2 2  ? 6.520   -18.510 -7.907  1.00   57.80  ? 2   DG  F C2    1 
ATOM   1061 N  N2    . DG  F 2 2  ? 6.114   -19.364 -8.859  1.00   54.36  ? 2   DG  F N2    1 
ATOM   1062 N  N3    . DG  F 2 2  ? 6.183   -17.226 -7.987  1.00   50.11  ? 2   DG  F N3    1 
ATOM   1063 C  C4    . DG  F 2 2  ? 6.675   -16.514 -6.944  1.00   47.88  ? 2   DG  F C4    1 
ATOM   1064 P  P     . DC  F 2 3  ? 2.559   -11.639 -8.456  1.00   68.74  ? 3   DC  F P     1 
ATOM   1065 O  OP1   . DC  F 2 3  ? 2.111   -10.735 -9.536  1.00   76.00  ? 3   DC  F OP1   1 
ATOM   1066 O  OP2   . DC  F 2 3  ? 2.486   -11.202 -7.043  1.00   59.80  ? 3   DC  F OP2   1 
ATOM   1067 O  "O5'" . DC  F 2 3  ? 1.753   -13.005 -8.602  1.00   56.92  ? 3   DC  F "O5'" 1 
ATOM   1068 C  "C5'" . DC  F 2 3  ? 1.923   -13.789 -9.766  1.00   53.52  ? 3   DC  F "C5'" 1 
ATOM   1069 C  "C4'" . DC  F 2 3  ? 1.718   -15.254 -9.456  1.00   65.92  ? 3   DC  F "C4'" 1 
ATOM   1070 O  "O4'" . DC  F 2 3  ? 2.694   -15.688 -8.498  1.00   59.73  ? 3   DC  F "O4'" 1 
ATOM   1071 C  "C3'" . DC  F 2 3  ? 0.380   -15.586 -8.821  1.00   62.25  ? 3   DC  F "C3'" 1 
ATOM   1072 O  "O3'" . DC  F 2 3  ? -0.537  -15.968 -9.830  1.00   75.22  ? 3   DC  F "O3'" 1 
ATOM   1073 C  "C2'" . DC  F 2 3  ? 0.695   -16.755 -7.863  1.00   65.36  ? 3   DC  F "C2'" 1 
ATOM   1074 C  "C1'" . DC  F 2 3  ? 2.224   -16.873 -7.915  1.00   56.99  ? 3   DC  F "C1'" 1 
ATOM   1075 N  N1    . DC  F 2 3  ? 2.869   -17.035 -6.579  1.00   53.25  ? 3   DC  F N1    1 
ATOM   1076 C  C2    . DC  F 2 3  ? 3.426   -18.269 -6.228  1.00   56.72  ? 3   DC  F C2    1 
ATOM   1077 O  O2    . DC  F 2 3  ? 3.365   -19.206 -7.031  1.00   56.51  ? 3   DC  F O2    1 
ATOM   1078 N  N3    . DC  F 2 3  ? 4.017   -18.402 -5.014  1.00   53.33  ? 3   DC  F N3    1 
ATOM   1079 C  C4    . DC  F 2 3  ? 4.062   -17.364 -4.177  1.00   68.08  ? 3   DC  F C4    1 
ATOM   1080 N  N4    . DC  F 2 3  ? 4.655   -17.543 -2.993  1.00   62.34  ? 3   DC  F N4    1 
ATOM   1081 C  C5    . DC  F 2 3  ? 3.501   -16.097 -4.518  1.00   38.91  ? 3   DC  F C5    1 
ATOM   1082 C  C6    . DC  F 2 3  ? 2.922   -15.978 -5.718  1.00   45.93  ? 3   DC  F C6    1 
ATOM   1083 P  P     . DG  F 2 4  ? -2.101  -16.101 -9.497  1.00   81.96  ? 4   DG  F P     1 
ATOM   1084 O  OP1   . DG  F 2 4  ? -2.849  -15.775 -10.732 1.00   79.31  ? 4   DG  F OP1   1 
ATOM   1085 O  OP2   . DG  F 2 4  ? -2.360  -15.356 -8.244  1.00   90.97  ? 4   DG  F OP2   1 
ATOM   1086 O  "O5'" . DG  F 2 4  ? -2.283  -17.657 -9.204  1.00   64.70  ? 4   DG  F "O5'" 1 
ATOM   1087 C  "C5'" . DG  F 2 4  ? -1.782  -18.602 -10.135 1.00   67.76  ? 4   DG  F "C5'" 1 
ATOM   1088 C  "C4'" . DG  F 2 4  ? -1.540  -19.938 -9.467  1.00   65.34  ? 4   DG  F "C4'" 1 
ATOM   1089 O  "O4'" . DG  F 2 4  ? -0.577  -19.779 -8.399  1.00   66.58  ? 4   DG  F "O4'" 1 
ATOM   1090 C  "C3'" . DG  F 2 4  ? -2.780  -20.577 -8.840  1.00   63.75  ? 4   DG  F "C3'" 1 
ATOM   1091 O  "O3'" . DG  F 2 4  ? -2.961  -21.879 -9.369  1.00   77.53  ? 4   DG  F "O3'" 1 
ATOM   1092 C  "C2'" . DG  F 2 4  ? -2.476  -20.606 -7.338  1.00   68.17  ? 4   DG  F "C2'" 1 
ATOM   1093 C  "C1'" . DG  F 2 4  ? -0.956  -20.581 -7.312  1.00   65.62  ? 4   DG  F "C1'" 1 
ATOM   1094 N  N9    . DG  F 2 4  ? -0.400  -19.991 -6.097  1.00   63.88  ? 4   DG  F N9    1 
ATOM   1095 C  C8    . DG  F 2 4  ? -0.690  -18.754 -5.573  1.00   59.51  ? 4   DG  F C8    1 
ATOM   1096 N  N7    . DG  F 2 4  ? -0.034  -18.486 -4.479  1.00   60.25  ? 4   DG  F N7    1 
ATOM   1097 C  C5    . DG  F 2 4  ? 0.742   -19.616 -4.261  1.00   60.60  ? 4   DG  F C5    1 
ATOM   1098 C  C6    . DG  F 2 4  ? 1.658   -19.906 -3.220  1.00   56.78  ? 4   DG  F C6    1 
ATOM   1099 O  O6    . DG  F 2 4  ? 1.976   -19.195 -2.256  1.00   53.53  ? 4   DG  F O6    1 
ATOM   1100 N  N1    . DG  F 2 4  ? 2.231   -21.166 -3.375  1.00   59.68  ? 4   DG  F N1    1 
ATOM   1101 C  C2    . DG  F 2 4  ? 1.955   -22.034 -4.404  1.00   58.91  ? 4   DG  F C2    1 
ATOM   1102 N  N2    . DG  F 2 4  ? 2.608   -23.204 -4.384  1.00   62.91  ? 4   DG  F N2    1 
ATOM   1103 N  N3    . DG  F 2 4  ? 1.097   -21.776 -5.385  1.00   57.57  ? 4   DG  F N3    1 
ATOM   1104 C  C4    . DG  F 2 4  ? 0.530   -20.553 -5.249  1.00   58.32  ? 4   DG  F C4    1 
ATOM   1105 P  P     . DT  F 2 5  ? -4.276  -22.726 -9.010  1.00   87.59  ? 5   DT  F P     1 
ATOM   1106 O  OP1   . DT  F 2 5  ? -4.568  -23.598 -10.171 1.00   81.11  ? 5   DT  F OP1   1 
ATOM   1107 O  OP2   . DT  F 2 5  ? -5.306  -21.784 -8.516  1.00   71.60  ? 5   DT  F OP2   1 
ATOM   1108 O  "O5'" . DT  F 2 5  ? -3.807  -23.629 -7.780  1.00   78.87  ? 5   DT  F "O5'" 1 
ATOM   1109 C  "C5'" . DT  F 2 5  ? -2.519  -24.233 -7.800  1.00   83.23  ? 5   DT  F "C5'" 1 
ATOM   1110 C  "C4'" . DT  F 2 5  ? -2.159  -24.770 -6.431  1.00   74.03  ? 5   DT  F "C4'" 1 
ATOM   1111 O  "O4'" . DT  F 2 5  ? -1.599  -23.709 -5.620  1.00   76.53  ? 5   DT  F "O4'" 1 
ATOM   1112 C  "C3'" . DT  F 2 5  ? -3.340  -25.342 -5.643  1.00   78.86  ? 5   DT  F "C3'" 1 
ATOM   1113 O  "O3'" . DT  F 2 5  ? -3.075  -26.693 -5.288  1.00   89.40  ? 5   DT  F "O3'" 1 
ATOM   1114 C  "C2'" . DT  F 2 5  ? -3.454  -24.432 -4.411  1.00   75.76  ? 5   DT  F "C2'" 1 
ATOM   1115 C  "C1'" . DT  F 2 5  ? -2.054  -23.850 -4.301  1.00   71.02  ? 5   DT  F "C1'" 1 
ATOM   1116 N  N1    . DT  F 2 5  ? -2.022  -22.511 -3.646  1.00   67.09  ? 5   DT  F N1    1 
ATOM   1117 C  C2    . DT  F 2 5  ? -1.099  -22.264 -2.663  1.00   69.98  ? 5   DT  F C2    1 
ATOM   1118 O  O2    . DT  F 2 5  ? -0.284  -23.090 -2.288  1.00   61.85  ? 5   DT  F O2    1 
ATOM   1119 N  N3    . DT  F 2 5  ? -1.156  -21.004 -2.127  1.00   56.31  ? 5   DT  F N3    1 
ATOM   1120 C  C4    . DT  F 2 5  ? -2.026  -19.989 -2.467  1.00   69.20  ? 5   DT  F C4    1 
ATOM   1121 O  O4    . DT  F 2 5  ? -1.993  -18.889 -1.922  1.00   68.83  ? 5   DT  F O4    1 
ATOM   1122 C  C5    . DT  F 2 5  ? -2.970  -20.310 -3.504  1.00   73.26  ? 5   DT  F C5    1 
ATOM   1123 C  C7    . DT  F 2 5  ? -3.966  -19.284 -3.958  1.00   64.44  ? 5   DT  F C7    1 
ATOM   1124 C  C6    . DT  F 2 5  ? -2.926  -21.541 -4.036  1.00   60.81  ? 5   DT  F C6    1 
ATOM   1125 P  P     . DT  F 2 6  ? -4.153  -27.537 -4.449  1.00   98.63  ? 6   DT  F P     1 
ATOM   1126 O  OP1   . DT  F 2 6  ? -3.946  -28.971 -4.754  1.00   88.25  ? 6   DT  F OP1   1 
ATOM   1127 O  OP2   . DT  F 2 6  ? -5.481  -26.921 -4.664  1.00   85.12  ? 6   DT  F OP2   1 
ATOM   1128 O  "O5'" . DT  F 2 6  ? -3.731  -27.273 -2.935  1.00   82.54  ? 6   DT  F "O5'" 1 
ATOM   1129 C  "C5'" . DT  F 2 6  ? -2.366  -27.362 -2.559  1.00   78.13  ? 6   DT  F "C5'" 1 
ATOM   1130 C  "C4'" . DT  F 2 6  ? -2.177  -26.873 -1.141  1.00   81.13  ? 6   DT  F "C4'" 1 
ATOM   1131 O  "O4'" . DT  F 2 6  ? -2.258  -25.423 -1.112  1.00   87.05  ? 6   DT  F "O4'" 1 
ATOM   1132 C  "C3'" . DT  F 2 6  ? -3.227  -27.382 -0.149  1.00   88.29  ? 6   DT  F "C3'" 1 
ATOM   1133 O  "O3'" . DT  F 2 6  ? -2.591  -27.892 1.008   1.00   104.70 ? 6   DT  F "O3'" 1 
ATOM   1134 C  "C2'" . DT  F 2 6  ? -4.057  -26.136 0.168   1.00   85.41  ? 6   DT  F "C2'" 1 
ATOM   1135 C  "C1'" . DT  F 2 6  ? -3.020  -25.041 0.004   1.00   83.18  ? 6   DT  F "C1'" 1 
ATOM   1136 N  N1    . DT  F 2 6  ? -3.602  -23.688 -0.242  1.00   77.55  ? 6   DT  F N1    1 
ATOM   1137 C  C2    . DT  F 2 6  ? -3.002  -22.592 0.328   1.00   71.83  ? 6   DT  F C2    1 
ATOM   1138 O  O2    . DT  F 2 6  ? -2.004  -22.664 1.022   1.00   65.23  ? 6   DT  F O2    1 
ATOM   1139 N  N3    . DT  F 2 6  ? -3.613  -21.396 0.051   1.00   70.19  ? 6   DT  F N3    1 
ATOM   1140 C  C4    . DT  F 2 6  ? -4.741  -21.191 -0.720  1.00   73.52  ? 6   DT  F C4    1 
ATOM   1141 O  O4    . DT  F 2 6  ? -5.213  -20.073 -0.909  1.00   78.68  ? 6   DT  F O4    1 
ATOM   1142 C  C5    . DT  F 2 6  ? -5.324  -22.385 -1.287  1.00   74.56  ? 6   DT  F C5    1 
ATOM   1143 C  C7    . DT  F 2 6  ? -6.553  -22.289 -2.143  1.00   80.12  ? 6   DT  F C7    1 
ATOM   1144 C  C6    . DT  F 2 6  ? -4.735  -23.564 -1.022  1.00   63.68  ? 6   DT  F C6    1 
ATOM   1145 P  P     . DG  F 2 7  ? -3.294  -29.047 1.876   1.00   101.79 ? 7   DG  F P     1 
ATOM   1146 O  OP1   . DG  F 2 7  ? -3.290  -30.289 1.073   1.00   99.08  ? 7   DG  F OP1   1 
ATOM   1147 O  OP2   . DG  F 2 7  ? -4.571  -28.511 2.399   1.00   85.65  ? 7   DG  F OP2   1 
ATOM   1148 O  "O5'" . DG  F 2 7  ? -2.304  -29.244 3.112   1.00   94.29  ? 7   DG  F "O5'" 1 
ATOM   1149 C  "C5'" . DG  F 2 7  ? -2.833  -29.442 4.405   1.00   101.38 ? 7   DG  F "C5'" 1 
ATOM   1150 C  "C4'" . DG  F 2 7  ? -2.531  -28.256 5.300   1.00   93.19  ? 7   DG  F "C4'" 1 
ATOM   1151 O  "O4'" . DG  F 2 7  ? -2.604  -27.029 4.543   1.00   88.77  ? 7   DG  F "O4'" 1 
ATOM   1152 C  "C3'" . DG  F 2 7  ? -3.493  -28.086 6.476   1.00   94.00  ? 7   DG  F "C3'" 1 
ATOM   1153 O  "O3'" . DG  F 2 7  ? -2.797  -28.273 7.689   1.00   111.71 ? 7   DG  F "O3'" 1 
ATOM   1154 C  "C2'" . DG  F 2 7  ? -4.028  -26.650 6.339   1.00   96.74  ? 7   DG  F "C2'" 1 
ATOM   1155 C  "C1'" . DG  F 2 7  ? -3.013  -26.004 5.410   1.00   91.93  ? 7   DG  F "C1'" 1 
ATOM   1156 N  N9    . DG  F 2 7  ? -3.559  -24.908 4.614   1.00   91.82  ? 7   DG  F N9    1 
ATOM   1157 C  C8    . DG  F 2 7  ? -4.097  -24.990 3.353   1.00   92.81  ? 7   DG  F C8    1 
ATOM   1158 N  N7    . DG  F 2 7  ? -4.505  -23.842 2.885   1.00   82.47  ? 7   DG  F N7    1 
ATOM   1159 C  C5    . DG  F 2 7  ? -4.221  -22.941 3.901   1.00   75.88  ? 7   DG  F C5    1 
ATOM   1160 C  C6    . DG  F 2 7  ? -4.440  -21.544 3.966   1.00   73.06  ? 7   DG  F C6    1 
ATOM   1161 O  O6    . DG  F 2 7  ? -4.945  -20.806 3.109   1.00   63.15  ? 7   DG  F O6    1 
ATOM   1162 N  N1    . DG  F 2 7  ? -4.006  -21.010 5.176   1.00   84.25  ? 7   DG  F N1    1 
ATOM   1163 C  C2    . DG  F 2 7  ? -3.431  -21.735 6.194   1.00   80.33  ? 7   DG  F C2    1 
ATOM   1164 N  N2    . DG  F 2 7  ? -3.075  -21.045 7.287   1.00   82.88  ? 7   DG  F N2    1 
ATOM   1165 N  N3    . DG  F 2 7  ? -3.220  -23.045 6.146   1.00   75.00  ? 7   DG  F N3    1 
ATOM   1166 C  C4    . DG  F 2 7  ? -3.639  -23.578 4.974   1.00   80.59  ? 7   DG  F C4    1 
ATOM   1167 P  P     . DT  F 2 8  ? -3.571  -28.836 8.975   1.00   114.70 ? 8   DT  F P     1 
ATOM   1168 O  OP1   . DT  F 2 8  ? -2.603  -29.610 9.783   1.00   121.40 ? 8   DT  F OP1   1 
ATOM   1169 O  OP2   . DT  F 2 8  ? -4.816  -29.478 8.497   1.00   97.57  ? 8   DT  F OP2   1 
ATOM   1170 O  "O5'" . DT  F 2 8  ? -3.979  -27.513 9.767   1.00   94.06  ? 8   DT  F "O5'" 1 
ATOM   1171 C  "C5'" . DT  F 2 8  ? -3.063  -26.430 9.850   1.00   89.90  ? 8   DT  F "C5'" 1 
ATOM   1172 C  "C4'" . DT  F 2 8  ? -3.713  -25.241 10.524  1.00   93.62  ? 8   DT  F "C4'" 1 
ATOM   1173 O  "O4'" . DT  F 2 8  ? -4.085  -24.255 9.529   1.00   102.34 ? 8   DT  F "O4'" 1 
ATOM   1174 C  "C3'" . DT  F 2 8  ? -4.990  -25.571 11.302  1.00   102.81 ? 8   DT  F "C3'" 1 
ATOM   1175 O  "O3'" . DT  F 2 8  ? -4.904  -25.049 12.616  1.00   120.49 ? 8   DT  F "O3'" 1 
ATOM   1176 C  "C2'" . DT  F 2 8  ? -6.098  -24.890 10.491  1.00   96.53  ? 8   DT  F "C2'" 1 
ATOM   1177 C  "C1'" . DT  F 2 8  ? -5.346  -23.734 9.859   1.00   91.61  ? 8   DT  F "C1'" 1 
ATOM   1178 N  N1    . DT  F 2 8  ? -5.987  -23.212 8.620   1.00   83.14  ? 8   DT  F N1    1 
ATOM   1179 C  C2    . DT  F 2 8  ? -6.188  -21.858 8.487   1.00   78.24  ? 8   DT  F C2    1 
ATOM   1180 O  O2    . DT  F 2 8  ? -5.861  -21.048 9.336   1.00   76.46  ? 8   DT  F O2    1 
ATOM   1181 N  N3    . DT  F 2 8  ? -6.785  -21.480 7.314   1.00   80.21  ? 8   DT  F N3    1 
ATOM   1182 C  C4    . DT  F 2 8  ? -7.195  -22.304 6.282   1.00   80.69  ? 8   DT  F C4    1 
ATOM   1183 O  O4    . DT  F 2 8  ? -7.725  -21.869 5.264   1.00   83.11  ? 8   DT  F O4    1 
ATOM   1184 C  C5    . DT  F 2 8  ? -6.958  -23.715 6.487   1.00   78.97  ? 8   DT  F C5    1 
ATOM   1185 C  C7    . DT  F 2 8  ? -7.360  -24.708 5.438   1.00   65.00  ? 8   DT  F C7    1 
ATOM   1186 C  C6    . DT  F 2 8  ? -6.373  -24.096 7.633   1.00   82.17  ? 8   DT  F C6    1 
ATOM   1187 P  P     . DC  F 2 9  ? -5.545  -25.858 13.847  1.00   131.72 ? 9   DC  F P     1 
ATOM   1188 O  OP1   . DC  F 2 9  ? -4.463  -26.132 14.818  1.00   117.53 ? 9   DC  F OP1   1 
ATOM   1189 O  OP2   . DC  F 2 9  ? -6.333  -26.978 13.286  1.00   93.32  ? 9   DC  F OP2   1 
ATOM   1190 O  "O5'" . DC  F 2 9  ? -6.570  -24.815 14.491  1.00   92.26  ? 9   DC  F "O5'" 1 
ATOM   1191 C  "C5'" . DC  F 2 9  ? -7.452  -24.089 13.653  1.00   81.77  ? 9   DC  F "C5'" 1 
ATOM   1192 C  "C4'" . DC  F 2 9  ? -7.363  -22.604 13.937  1.00   90.16  ? 9   DC  F "C4'" 1 
ATOM   1193 O  "O4'" . DC  F 2 9  ? -7.298  -21.877 12.682  1.00   93.98  ? 9   DC  F "O4'" 1 
ATOM   1194 C  "C3'" . DC  F 2 9  ? -8.559  -22.034 14.683  1.00   94.38  ? 9   DC  F "C3'" 1 
ATOM   1195 O  "O3'" . DC  F 2 9  ? -8.163  -20.938 15.489  1.00   102.86 ? 9   DC  F "O3'" 1 
ATOM   1196 C  "C2'" . DC  F 2 9  ? -9.474  -21.591 13.552  1.00   95.29  ? 9   DC  F "C2'" 1 
ATOM   1197 C  "C1'" . DC  F 2 9  ? -8.474  -21.113 12.503  1.00   85.93  ? 9   DC  F "C1'" 1 
ATOM   1198 N  N1    . DC  F 2 9  ? -8.959  -21.310 11.110  1.00   87.08  ? 9   DC  F N1    1 
ATOM   1199 C  C2    . DC  F 2 9  ? -9.175  -20.200 10.288  1.00   74.40  ? 9   DC  F C2    1 
ATOM   1200 O  O2    . DC  F 2 9  ? -8.947  -19.068 10.729  1.00   71.15  ? 9   DC  F O2    1 
ATOM   1201 N  N3    . DC  F 2 9  ? -9.627  -20.399 9.025   1.00   81.80  ? 9   DC  F N3    1 
ATOM   1202 C  C4    . DC  F 2 9  ? -9.861  -21.637 8.587   1.00   82.89  ? 9   DC  F C4    1 
ATOM   1203 N  N4    . DC  F 2 9  ? -10.305 -21.783 7.333   1.00   76.90  ? 9   DC  F N4    1 
ATOM   1204 C  C5    . DC  F 2 9  ? -9.651  -22.780 9.413   1.00   82.60  ? 9   DC  F C5    1 
ATOM   1205 C  C6    . DC  F 2 9  ? -9.205  -22.572 10.656  1.00   84.67  ? 9   DC  F C6    1 
ATOM   1206 P  P     . DC  F 2 10 ? -9.092  -20.472 16.715  1.00   103.08 ? 10  DC  F P     1 
ATOM   1207 O  OP1   . DC  F 2 10 ? -8.221  -20.293 17.898  1.00   109.03 ? 10  DC  F OP1   1 
ATOM   1208 O  OP2   . DC  F 2 10 ? -10.239 -21.407 16.774  1.00   101.08 ? 10  DC  F OP2   1 
ATOM   1209 O  "O5'" . DC  F 2 10 ? -9.650  -19.045 16.258  1.00   75.27  ? 10  DC  F "O5'" 1 
ATOM   1210 C  "C5'" . DC  F 2 10 ? -10.929 -18.940 15.641  1.00   81.38  ? 10  DC  F "C5'" 1 
ATOM   1211 C  "C4'" . DC  F 2 10 ? -10.996 -17.712 14.750  1.00   84.55  ? 10  DC  F "C4'" 1 
ATOM   1212 O  "O4'" . DC  F 2 10 ? -10.889 -18.117 13.360  1.00   81.44  ? 10  DC  F "O4'" 1 
ATOM   1213 C  "C3'" . DC  F 2 10 ? -12.291 -16.909 14.854  1.00   89.61  ? 10  DC  F "C3'" 1 
ATOM   1214 O  "O3'" . DC  F 2 10 ? -12.016 -15.520 14.716  1.00   91.95  ? 10  DC  F "O3'" 1 
ATOM   1215 C  "C2'" . DC  F 2 10 ? -13.110 -17.436 13.681  1.00   91.33  ? 10  DC  F "C2'" 1 
ATOM   1216 C  "C1'" . DC  F 2 10 ? -12.026 -17.680 12.643  1.00   85.79  ? 10  DC  F "C1'" 1 
ATOM   1217 N  N1    . DC  F 2 10 ? -12.386 -18.726 11.644  1.00   81.30  ? 10  DC  F N1    1 
ATOM   1218 C  C2    . DC  F 2 10 ? -13.009 -18.356 10.448  1.00   69.77  ? 10  DC  F C2    1 
ATOM   1219 O  O2    . DC  F 2 10 ? -13.251 -17.162 10.238  1.00   78.59  ? 10  DC  F O2    1 
ATOM   1220 N  N3    . DC  F 2 10 ? -13.331 -19.320 9.550   1.00   72.31  ? 10  DC  F N3    1 
ATOM   1221 C  C4    . DC  F 2 10 ? -13.052 -20.597 9.813   1.00   78.42  ? 10  DC  F C4    1 
ATOM   1222 N  N4    . DC  F 2 10 ? -13.388 -21.512 8.897   1.00   78.51  ? 10  DC  F N4    1 
ATOM   1223 C  C5    . DC  F 2 10 ? -12.417 -20.993 11.027  1.00   74.33  ? 10  DC  F C5    1 
ATOM   1224 C  C6    . DC  F 2 10 ? -12.107 -20.035 11.904  1.00   80.74  ? 10  DC  F C6    1 
HETATM 1225 HG HG    . HG  G 3 .  ? 1.544   -2.466  0.932   0.75   57.00  ? 101 HG  B HG    1 
HETATM 1226 HG HG    . HG  H 3 .  ? 1.189   -2.712  -2.623  0.86   56.26  ? 102 HG  B HG    1 
HETATM 1227 HG HG    . HG  I 3 .  ? 0.993   21.310  -2.219  0.75   68.94  ? 101 HG  D HG    1 
HETATM 1228 HG HG    . HG  J 3 .  ? -1.215  21.153  0.164   0.76   77.13  ? 102 HG  D HG    1 
HETATM 1229 HG HG    . HG  K 3 .  ? -2.014  -20.412 1.485   0.63   84.16  ? 101 HG  E HG    1 
HETATM 1230 HG HG    . HG  L 3 .  ? 0.375   -21.097 -0.442  0.71   66.67  ? 101 HG  F HG    1 
HETATM 1231 O  O     . HOH M 4 .  ? -7.436  1.473   12.613  1.00   67.88  ? 101 HOH A O     1 
HETATM 1232 O  O     . HOH M 4 .  ? 1.023   -9.054  10.093  1.00   63.38  ? 102 HOH A O     1 
HETATM 1233 O  O     . HOH M 4 .  ? 2.156   3.185   -8.266  1.00   60.51  ? 103 HOH A O     1 
HETATM 1234 O  O     . HOH M 4 .  ? 0.319   -7.473  7.497   1.00   70.76  ? 104 HOH A O     1 
HETATM 1235 O  O     . HOH N 4 .  ? 0.327   5.635   -8.174  1.00   64.64  ? 201 HOH B O     1 
HETATM 1236 O  O     . HOH N 4 .  ? -6.658  -1.577  0.982   1.00   63.28  ? 202 HOH B O     1 
HETATM 1237 O  O     . HOH O 4 .  ? 5.323   14.262  -6.082  1.00   54.77  ? 101 HOH C O     1 
HETATM 1238 O  O     . HOH O 4 .  ? -12.036 23.747  2.930   1.00   71.33  ? 102 HOH C O     1 
HETATM 1239 O  O     . HOH P 4 .  ? -3.342  -18.672 0.816   1.00   53.36  ? 201 HOH E O     1 
HETATM 1240 O  O     . HOH Q 4 .  ? -0.201  -18.812 -0.500  1.00   57.66  ? 201 HOH F O     1 
HETATM 1241 O  O     . HOH Q 4 .  ? 10.517  -3.813  0.129   1.00   66.68  ? 202 HOH F O     1 
HETATM 1242 O  O     . HOH Q 4 .  ? 10.752  -5.353  1.374   1.00   68.10  ? 203 HOH F O     1 
# 
